data_3H4Q
# 
_entry.id   3H4Q 
# 
_audit_conform.dict_name       mmcif_pdbx.dic 
_audit_conform.dict_version    5.397 
_audit_conform.dict_location   http://mmcif.pdb.org/dictionaries/ascii/mmcif_pdbx.dic 
# 
loop_
_database_2.database_id 
_database_2.database_code 
_database_2.pdbx_database_accession 
_database_2.pdbx_DOI 
PDB   3H4Q         pdb_00003h4q 10.2210/pdb3h4q/pdb 
RCSB  RCSB052689   ?            ?                   
WWPDB D_1000052689 ?            ?                   
# 
loop_
_pdbx_audit_revision_history.ordinal 
_pdbx_audit_revision_history.data_content_type 
_pdbx_audit_revision_history.major_revision 
_pdbx_audit_revision_history.minor_revision 
_pdbx_audit_revision_history.revision_date 
1 'Structure model' 1 0 2009-05-05 
2 'Structure model' 1 1 2011-07-13 
3 'Structure model' 1 2 2017-11-01 
4 'Structure model' 1 3 2019-07-24 
5 'Structure model' 1 4 2023-02-01 
6 'Structure model' 1 5 2024-10-16 
# 
_pdbx_audit_revision_details.ordinal             1 
_pdbx_audit_revision_details.revision_ordinal    1 
_pdbx_audit_revision_details.data_content_type   'Structure model' 
_pdbx_audit_revision_details.provider            repository 
_pdbx_audit_revision_details.type                'Initial release' 
_pdbx_audit_revision_details.description         ? 
_pdbx_audit_revision_details.details             ? 
# 
loop_
_pdbx_audit_revision_group.ordinal 
_pdbx_audit_revision_group.revision_ordinal 
_pdbx_audit_revision_group.data_content_type 
_pdbx_audit_revision_group.group 
1  2 'Structure model' Advisory                    
2  2 'Structure model' 'Version format compliance' 
3  3 'Structure model' 'Refinement description'    
4  4 'Structure model' 'Data collection'           
5  4 'Structure model' 'Derived calculations'      
6  4 'Structure model' 'Refinement description'    
7  5 'Structure model' 'Database references'       
8  5 'Structure model' 'Derived calculations'      
9  5 'Structure model' 'Structure summary'         
10 6 'Structure model' 'Data collection'           
11 6 'Structure model' 'Structure summary'         
# 
loop_
_pdbx_audit_revision_category.ordinal 
_pdbx_audit_revision_category.revision_ordinal 
_pdbx_audit_revision_category.data_content_type 
_pdbx_audit_revision_category.category 
1  3 'Structure model' software                  
2  4 'Structure model' software                  
3  4 'Structure model' struct_conn               
4  5 'Structure model' chem_comp                 
5  5 'Structure model' database_2                
6  5 'Structure model' struct_ref_seq_dif        
7  5 'Structure model' struct_site               
8  6 'Structure model' chem_comp_atom            
9  6 'Structure model' chem_comp_bond            
10 6 'Structure model' pdbx_entry_details        
11 6 'Structure model' pdbx_modification_feature 
# 
loop_
_pdbx_audit_revision_item.ordinal 
_pdbx_audit_revision_item.revision_ordinal 
_pdbx_audit_revision_item.data_content_type 
_pdbx_audit_revision_item.item 
1  3 'Structure model' '_software.classification'                     
2  3 'Structure model' '_software.name'                               
3  4 'Structure model' '_software.classification'                     
4  4 'Structure model' '_software.contact_author'                     
5  4 'Structure model' '_software.contact_author_email'               
6  4 'Structure model' '_software.language'                           
7  4 'Structure model' '_software.location'                           
8  4 'Structure model' '_software.name'                               
9  4 'Structure model' '_software.type'                               
10 4 'Structure model' '_software.version'                            
11 4 'Structure model' '_struct_conn.pdbx_leaving_atom_flag'          
12 5 'Structure model' '_chem_comp.pdbx_synonyms'                     
13 5 'Structure model' '_database_2.pdbx_DOI'                         
14 5 'Structure model' '_database_2.pdbx_database_accession'          
15 5 'Structure model' '_struct_ref_seq_dif.details'                  
16 5 'Structure model' '_struct_site.pdbx_auth_asym_id'               
17 5 'Structure model' '_struct_site.pdbx_auth_comp_id'               
18 5 'Structure model' '_struct_site.pdbx_auth_seq_id'                
19 6 'Structure model' '_pdbx_entry_details.has_protein_modification' 
# 
_pdbx_database_status.SG_entry                        Y 
_pdbx_database_status.entry_id                        3H4Q 
_pdbx_database_status.deposit_site                    RCSB 
_pdbx_database_status.process_site                    RCSB 
_pdbx_database_status.recvd_initial_deposition_date   2009-04-20 
_pdbx_database_status.status_code                     REL 
_pdbx_database_status.status_code_sf                  REL 
_pdbx_database_status.status_code_mr                  ? 
_pdbx_database_status.pdb_format_compatible           Y 
_pdbx_database_status.status_code_cs                  ? 
_pdbx_database_status.methods_development_category    ? 
_pdbx_database_status.status_code_nmr_data            ? 
# 
_pdbx_database_related.db_name        TargetDB 
_pdbx_database_related.db_id          378017 
_pdbx_database_related.details        . 
_pdbx_database_related.content_type   unspecified 
# 
_audit_author.name           'Joint Center for Structural Genomics (JCSG)' 
_audit_author.pdbx_ordinal   1 
# 
_citation.id                        primary 
_citation.title                     
'Crystal structure of putative acetyltransferase (NP_371943.1) from STAPHYLOCOCCUS AUREUS MU50 at 2.50 A resolution' 
_citation.journal_abbrev            'To be published' 
_citation.journal_volume            ? 
_citation.page_first                ? 
_citation.page_last                 ? 
_citation.year                      ? 
_citation.journal_id_ASTM           ? 
_citation.country                   ? 
_citation.journal_id_ISSN           ? 
_citation.journal_id_CSD            0353 
_citation.book_publisher            ? 
_citation.pdbx_database_id_PubMed   ? 
_citation.pdbx_database_id_DOI      ? 
# 
_citation_author.citation_id        primary 
_citation_author.name               'Joint Center for Structural Genomics (JCSG)' 
_citation_author.ordinal            1 
_citation_author.identifier_ORCID   ? 
# 
loop_
_entity.id 
_entity.type 
_entity.src_method 
_entity.pdbx_description 
_entity.formula_weight 
_entity.pdbx_number_of_molecules 
_entity.pdbx_ec 
_entity.pdbx_mutation 
_entity.pdbx_fragment 
_entity.details 
1 polymer     man 'putative acetyltransferase'            22416.271 1  ? ? ? ? 
2 non-polymer syn 'UNKNOWN LIGAND'                        ?         1  ? ? ? ? 
3 non-polymer syn 3,6,9,12,15,18-HEXAOXAICOSANE-1,20-DIOL 326.383   1  ? ? ? ? 
4 water       nat water                                   18.015    21 ? ? ? ? 
# 
_entity_poly.entity_id                      1 
_entity_poly.type                           'polypeptide(L)' 
_entity_poly.nstd_linkage                   no 
_entity_poly.nstd_monomer                   yes 
_entity_poly.pdbx_seq_one_letter_code       
;(MSE)GSDKIHHHHHHENLYFQG(MSE)IRLGK(MSE)SDLDQILNLVEEAKEL(MSE)KEHDNEQWDDQYPLLEHFEED
IAKDYLYVLEENDKIYGFIVVDQDQAEWYDDIDWPVNREGAFVIHRLTGSKEYKGAATELFNYVIDVVKARGAEVILTDT
FALNKPAQGLFAKFGFHKVGEQL(MSE)EYPPYDKGEPFYAYYKNLKE
;
_entity_poly.pdbx_seq_one_letter_code_can   
;MGSDKIHHHHHHENLYFQGMIRLGKMSDLDQILNLVEEAKELMKEHDNEQWDDQYPLLEHFEEDIAKDYLYVLEENDKIY
GFIVVDQDQAEWYDDIDWPVNREGAFVIHRLTGSKEYKGAATELFNYVIDVVKARGAEVILTDTFALNKPAQGLFAKFGF
HKVGEQLMEYPPYDKGEPFYAYYKNLKE
;
_entity_poly.pdbx_strand_id                 A 
_entity_poly.pdbx_target_identifier         378017 
# 
loop_
_pdbx_entity_nonpoly.entity_id 
_pdbx_entity_nonpoly.name 
_pdbx_entity_nonpoly.comp_id 
2 'UNKNOWN LIGAND'                        UNL 
3 3,6,9,12,15,18-HEXAOXAICOSANE-1,20-DIOL P33 
4 water                                   HOH 
# 
loop_
_entity_poly_seq.entity_id 
_entity_poly_seq.num 
_entity_poly_seq.mon_id 
_entity_poly_seq.hetero 
1 1   MSE n 
1 2   GLY n 
1 3   SER n 
1 4   ASP n 
1 5   LYS n 
1 6   ILE n 
1 7   HIS n 
1 8   HIS n 
1 9   HIS n 
1 10  HIS n 
1 11  HIS n 
1 12  HIS n 
1 13  GLU n 
1 14  ASN n 
1 15  LEU n 
1 16  TYR n 
1 17  PHE n 
1 18  GLN n 
1 19  GLY n 
1 20  MSE n 
1 21  ILE n 
1 22  ARG n 
1 23  LEU n 
1 24  GLY n 
1 25  LYS n 
1 26  MSE n 
1 27  SER n 
1 28  ASP n 
1 29  LEU n 
1 30  ASP n 
1 31  GLN n 
1 32  ILE n 
1 33  LEU n 
1 34  ASN n 
1 35  LEU n 
1 36  VAL n 
1 37  GLU n 
1 38  GLU n 
1 39  ALA n 
1 40  LYS n 
1 41  GLU n 
1 42  LEU n 
1 43  MSE n 
1 44  LYS n 
1 45  GLU n 
1 46  HIS n 
1 47  ASP n 
1 48  ASN n 
1 49  GLU n 
1 50  GLN n 
1 51  TRP n 
1 52  ASP n 
1 53  ASP n 
1 54  GLN n 
1 55  TYR n 
1 56  PRO n 
1 57  LEU n 
1 58  LEU n 
1 59  GLU n 
1 60  HIS n 
1 61  PHE n 
1 62  GLU n 
1 63  GLU n 
1 64  ASP n 
1 65  ILE n 
1 66  ALA n 
1 67  LYS n 
1 68  ASP n 
1 69  TYR n 
1 70  LEU n 
1 71  TYR n 
1 72  VAL n 
1 73  LEU n 
1 74  GLU n 
1 75  GLU n 
1 76  ASN n 
1 77  ASP n 
1 78  LYS n 
1 79  ILE n 
1 80  TYR n 
1 81  GLY n 
1 82  PHE n 
1 83  ILE n 
1 84  VAL n 
1 85  VAL n 
1 86  ASP n 
1 87  GLN n 
1 88  ASP n 
1 89  GLN n 
1 90  ALA n 
1 91  GLU n 
1 92  TRP n 
1 93  TYR n 
1 94  ASP n 
1 95  ASP n 
1 96  ILE n 
1 97  ASP n 
1 98  TRP n 
1 99  PRO n 
1 100 VAL n 
1 101 ASN n 
1 102 ARG n 
1 103 GLU n 
1 104 GLY n 
1 105 ALA n 
1 106 PHE n 
1 107 VAL n 
1 108 ILE n 
1 109 HIS n 
1 110 ARG n 
1 111 LEU n 
1 112 THR n 
1 113 GLY n 
1 114 SER n 
1 115 LYS n 
1 116 GLU n 
1 117 TYR n 
1 118 LYS n 
1 119 GLY n 
1 120 ALA n 
1 121 ALA n 
1 122 THR n 
1 123 GLU n 
1 124 LEU n 
1 125 PHE n 
1 126 ASN n 
1 127 TYR n 
1 128 VAL n 
1 129 ILE n 
1 130 ASP n 
1 131 VAL n 
1 132 VAL n 
1 133 LYS n 
1 134 ALA n 
1 135 ARG n 
1 136 GLY n 
1 137 ALA n 
1 138 GLU n 
1 139 VAL n 
1 140 ILE n 
1 141 LEU n 
1 142 THR n 
1 143 ASP n 
1 144 THR n 
1 145 PHE n 
1 146 ALA n 
1 147 LEU n 
1 148 ASN n 
1 149 LYS n 
1 150 PRO n 
1 151 ALA n 
1 152 GLN n 
1 153 GLY n 
1 154 LEU n 
1 155 PHE n 
1 156 ALA n 
1 157 LYS n 
1 158 PHE n 
1 159 GLY n 
1 160 PHE n 
1 161 HIS n 
1 162 LYS n 
1 163 VAL n 
1 164 GLY n 
1 165 GLU n 
1 166 GLN n 
1 167 LEU n 
1 168 MSE n 
1 169 GLU n 
1 170 TYR n 
1 171 PRO n 
1 172 PRO n 
1 173 TYR n 
1 174 ASP n 
1 175 LYS n 
1 176 GLY n 
1 177 GLU n 
1 178 PRO n 
1 179 PHE n 
1 180 TYR n 
1 181 ALA n 
1 182 TYR n 
1 183 TYR n 
1 184 LYS n 
1 185 ASN n 
1 186 LEU n 
1 187 LYS n 
1 188 GLU n 
# 
_entity_src_gen.entity_id                          1 
_entity_src_gen.pdbx_src_id                        1 
_entity_src_gen.pdbx_alt_source_flag               sample 
_entity_src_gen.pdbx_seq_type                      ? 
_entity_src_gen.pdbx_beg_seq_num                   ? 
_entity_src_gen.pdbx_end_seq_num                   ? 
_entity_src_gen.gene_src_common_name               ? 
_entity_src_gen.gene_src_genus                     ? 
_entity_src_gen.pdbx_gene_src_gene                 'NP_371943.1, SAV1419' 
_entity_src_gen.gene_src_species                   ? 
_entity_src_gen.gene_src_strain                    ? 
_entity_src_gen.gene_src_tissue                    ? 
_entity_src_gen.gene_src_tissue_fraction           ? 
_entity_src_gen.gene_src_details                   ? 
_entity_src_gen.pdbx_gene_src_fragment             ? 
_entity_src_gen.pdbx_gene_src_scientific_name      'Staphylococcus aureus subsp. aureus Mu50' 
_entity_src_gen.pdbx_gene_src_ncbi_taxonomy_id     158878 
_entity_src_gen.pdbx_gene_src_variant              ? 
_entity_src_gen.pdbx_gene_src_cell_line            ? 
_entity_src_gen.pdbx_gene_src_atcc                 ? 
_entity_src_gen.pdbx_gene_src_organ                ? 
_entity_src_gen.pdbx_gene_src_organelle            ? 
_entity_src_gen.pdbx_gene_src_cell                 ? 
_entity_src_gen.pdbx_gene_src_cellular_location    ? 
_entity_src_gen.host_org_common_name               ? 
_entity_src_gen.pdbx_host_org_scientific_name      'Escherichia Coli' 
_entity_src_gen.pdbx_host_org_ncbi_taxonomy_id     562 
_entity_src_gen.host_org_genus                     ? 
_entity_src_gen.pdbx_host_org_gene                 ? 
_entity_src_gen.pdbx_host_org_organ                ? 
_entity_src_gen.host_org_species                   ? 
_entity_src_gen.pdbx_host_org_tissue               ? 
_entity_src_gen.pdbx_host_org_tissue_fraction      ? 
_entity_src_gen.pdbx_host_org_strain               HK100 
_entity_src_gen.pdbx_host_org_variant              ? 
_entity_src_gen.pdbx_host_org_cell_line            ? 
_entity_src_gen.pdbx_host_org_atcc                 ? 
_entity_src_gen.pdbx_host_org_culture_collection   ? 
_entity_src_gen.pdbx_host_org_cell                 ? 
_entity_src_gen.pdbx_host_org_organelle            ? 
_entity_src_gen.pdbx_host_org_cellular_location    ? 
_entity_src_gen.pdbx_host_org_vector_type          Plasmid 
_entity_src_gen.pdbx_host_org_vector               ? 
_entity_src_gen.host_org_details                   ? 
_entity_src_gen.expression_system_id               ? 
_entity_src_gen.plasmid_name                       SpeedET 
_entity_src_gen.plasmid_details                    ? 
_entity_src_gen.pdbx_description                   ? 
# 
loop_
_chem_comp.id 
_chem_comp.type 
_chem_comp.mon_nstd_flag 
_chem_comp.name 
_chem_comp.pdbx_synonyms 
_chem_comp.formula 
_chem_comp.formula_weight 
ALA 'L-peptide linking' y ALANINE                                 ?                              'C3 H7 N O2'     89.093  
ARG 'L-peptide linking' y ARGININE                                ?                              'C6 H15 N4 O2 1' 175.209 
ASN 'L-peptide linking' y ASPARAGINE                              ?                              'C4 H8 N2 O3'    132.118 
ASP 'L-peptide linking' y 'ASPARTIC ACID'                         ?                              'C4 H7 N O4'     133.103 
GLN 'L-peptide linking' y GLUTAMINE                               ?                              'C5 H10 N2 O3'   146.144 
GLU 'L-peptide linking' y 'GLUTAMIC ACID'                         ?                              'C5 H9 N O4'     147.129 
GLY 'peptide linking'   y GLYCINE                                 ?                              'C2 H5 N O2'     75.067  
HIS 'L-peptide linking' y HISTIDINE                               ?                              'C6 H10 N3 O2 1' 156.162 
HOH non-polymer         . WATER                                   ?                              'H2 O'           18.015  
ILE 'L-peptide linking' y ISOLEUCINE                              ?                              'C6 H13 N O2'    131.173 
LEU 'L-peptide linking' y LEUCINE                                 ?                              'C6 H13 N O2'    131.173 
LYS 'L-peptide linking' y LYSINE                                  ?                              'C6 H15 N2 O2 1' 147.195 
MSE 'L-peptide linking' n SELENOMETHIONINE                        ?                              'C5 H11 N O2 Se' 196.106 
P33 non-polymer         . 3,6,9,12,15,18-HEXAOXAICOSANE-1,20-DIOL 'HEPTAETHYLENE GLYCOL; PEG330' 'C14 H30 O8'     326.383 
PHE 'L-peptide linking' y PHENYLALANINE                           ?                              'C9 H11 N O2'    165.189 
PRO 'L-peptide linking' y PROLINE                                 ?                              'C5 H9 N O2'     115.130 
SER 'L-peptide linking' y SERINE                                  ?                              'C3 H7 N O3'     105.093 
THR 'L-peptide linking' y THREONINE                               ?                              'C4 H9 N O3'     119.119 
TRP 'L-peptide linking' y TRYPTOPHAN                              ?                              'C11 H12 N2 O2'  204.225 
TYR 'L-peptide linking' y TYROSINE                                ?                              'C9 H11 N O3'    181.189 
UNL non-polymer         . 'UNKNOWN LIGAND'                        ?                              ?                ?       
VAL 'L-peptide linking' y VALINE                                  ?                              'C5 H11 N O2'    117.146 
# 
loop_
_pdbx_poly_seq_scheme.asym_id 
_pdbx_poly_seq_scheme.entity_id 
_pdbx_poly_seq_scheme.seq_id 
_pdbx_poly_seq_scheme.mon_id 
_pdbx_poly_seq_scheme.ndb_seq_num 
_pdbx_poly_seq_scheme.pdb_seq_num 
_pdbx_poly_seq_scheme.auth_seq_num 
_pdbx_poly_seq_scheme.pdb_mon_id 
_pdbx_poly_seq_scheme.auth_mon_id 
_pdbx_poly_seq_scheme.pdb_strand_id 
_pdbx_poly_seq_scheme.pdb_ins_code 
_pdbx_poly_seq_scheme.hetero 
A 1 1   MSE 1   -18 ?   ?   ?   A . n 
A 1 2   GLY 2   -17 ?   ?   ?   A . n 
A 1 3   SER 3   -16 ?   ?   ?   A . n 
A 1 4   ASP 4   -15 ?   ?   ?   A . n 
A 1 5   LYS 5   -14 ?   ?   ?   A . n 
A 1 6   ILE 6   -13 ?   ?   ?   A . n 
A 1 7   HIS 7   -12 ?   ?   ?   A . n 
A 1 8   HIS 8   -11 ?   ?   ?   A . n 
A 1 9   HIS 9   -10 ?   ?   ?   A . n 
A 1 10  HIS 10  -9  ?   ?   ?   A . n 
A 1 11  HIS 11  -8  ?   ?   ?   A . n 
A 1 12  HIS 12  -7  ?   ?   ?   A . n 
A 1 13  GLU 13  -6  ?   ?   ?   A . n 
A 1 14  ASN 14  -5  ?   ?   ?   A . n 
A 1 15  LEU 15  -4  ?   ?   ?   A . n 
A 1 16  TYR 16  -3  ?   ?   ?   A . n 
A 1 17  PHE 17  -2  ?   ?   ?   A . n 
A 1 18  GLN 18  -1  ?   ?   ?   A . n 
A 1 19  GLY 19  0   0   GLY GLY A . n 
A 1 20  MSE 20  1   1   MSE MSE A . n 
A 1 21  ILE 21  2   2   ILE ILE A . n 
A 1 22  ARG 22  3   3   ARG ARG A . n 
A 1 23  LEU 23  4   4   LEU LEU A . n 
A 1 24  GLY 24  5   5   GLY GLY A . n 
A 1 25  LYS 25  6   6   LYS LYS A . n 
A 1 26  MSE 26  7   7   MSE MSE A . n 
A 1 27  SER 27  8   8   SER SER A . n 
A 1 28  ASP 28  9   9   ASP ASP A . n 
A 1 29  LEU 29  10  10  LEU LEU A . n 
A 1 30  ASP 30  11  11  ASP ASP A . n 
A 1 31  GLN 31  12  12  GLN GLN A . n 
A 1 32  ILE 32  13  13  ILE ILE A . n 
A 1 33  LEU 33  14  14  LEU LEU A . n 
A 1 34  ASN 34  15  15  ASN ASN A . n 
A 1 35  LEU 35  16  16  LEU LEU A . n 
A 1 36  VAL 36  17  17  VAL VAL A . n 
A 1 37  GLU 37  18  18  GLU GLU A . n 
A 1 38  GLU 38  19  19  GLU GLU A . n 
A 1 39  ALA 39  20  20  ALA ALA A . n 
A 1 40  LYS 40  21  21  LYS LYS A . n 
A 1 41  GLU 41  22  22  GLU GLU A . n 
A 1 42  LEU 42  23  23  LEU LEU A . n 
A 1 43  MSE 43  24  24  MSE MSE A . n 
A 1 44  LYS 44  25  25  LYS LYS A . n 
A 1 45  GLU 45  26  ?   ?   ?   A . n 
A 1 46  HIS 46  27  ?   ?   ?   A . n 
A 1 47  ASP 47  28  ?   ?   ?   A . n 
A 1 48  ASN 48  29  ?   ?   ?   A . n 
A 1 49  GLU 49  30  ?   ?   ?   A . n 
A 1 50  GLN 50  31  ?   ?   ?   A . n 
A 1 51  TRP 51  32  ?   ?   ?   A . n 
A 1 52  ASP 52  33  ?   ?   ?   A . n 
A 1 53  ASP 53  34  ?   ?   ?   A . n 
A 1 54  GLN 54  35  ?   ?   ?   A . n 
A 1 55  TYR 55  36  36  TYR TYR A . n 
A 1 56  PRO 56  37  37  PRO PRO A . n 
A 1 57  LEU 57  38  38  LEU LEU A . n 
A 1 58  LEU 58  39  39  LEU LEU A . n 
A 1 59  GLU 59  40  40  GLU GLU A . n 
A 1 60  HIS 60  41  41  HIS HIS A . n 
A 1 61  PHE 61  42  42  PHE PHE A . n 
A 1 62  GLU 62  43  43  GLU GLU A . n 
A 1 63  GLU 63  44  44  GLU GLU A . n 
A 1 64  ASP 64  45  45  ASP ASP A . n 
A 1 65  ILE 65  46  46  ILE ILE A . n 
A 1 66  ALA 66  47  47  ALA ALA A . n 
A 1 67  LYS 67  48  48  LYS LYS A . n 
A 1 68  ASP 68  49  49  ASP ASP A . n 
A 1 69  TYR 69  50  50  TYR TYR A . n 
A 1 70  LEU 70  51  51  LEU LEU A . n 
A 1 71  TYR 71  52  52  TYR TYR A . n 
A 1 72  VAL 72  53  53  VAL VAL A . n 
A 1 73  LEU 73  54  54  LEU LEU A . n 
A 1 74  GLU 74  55  55  GLU GLU A . n 
A 1 75  GLU 75  56  56  GLU GLU A . n 
A 1 76  ASN 76  57  57  ASN ASN A . n 
A 1 77  ASP 77  58  58  ASP ASP A . n 
A 1 78  LYS 78  59  59  LYS LYS A . n 
A 1 79  ILE 79  60  60  ILE ILE A . n 
A 1 80  TYR 80  61  61  TYR TYR A . n 
A 1 81  GLY 81  62  62  GLY GLY A . n 
A 1 82  PHE 82  63  63  PHE PHE A . n 
A 1 83  ILE 83  64  64  ILE ILE A . n 
A 1 84  VAL 84  65  65  VAL VAL A . n 
A 1 85  VAL 85  66  66  VAL VAL A . n 
A 1 86  ASP 86  67  67  ASP ASP A . n 
A 1 87  GLN 87  68  68  GLN GLN A . n 
A 1 88  ASP 88  69  69  ASP ASP A . n 
A 1 89  GLN 89  70  70  GLN GLN A . n 
A 1 90  ALA 90  71  71  ALA ALA A . n 
A 1 91  GLU 91  72  72  GLU GLU A . n 
A 1 92  TRP 92  73  73  TRP TRP A . n 
A 1 93  TYR 93  74  74  TYR TYR A . n 
A 1 94  ASP 94  75  75  ASP ASP A . n 
A 1 95  ASP 95  76  76  ASP ASP A . n 
A 1 96  ILE 96  77  77  ILE ILE A . n 
A 1 97  ASP 97  78  78  ASP ASP A . n 
A 1 98  TRP 98  79  79  TRP TRP A . n 
A 1 99  PRO 99  80  80  PRO PRO A . n 
A 1 100 VAL 100 81  81  VAL VAL A . n 
A 1 101 ASN 101 82  82  ASN ASN A . n 
A 1 102 ARG 102 83  83  ARG ARG A . n 
A 1 103 GLU 103 84  84  GLU GLU A . n 
A 1 104 GLY 104 85  85  GLY GLY A . n 
A 1 105 ALA 105 86  86  ALA ALA A . n 
A 1 106 PHE 106 87  87  PHE PHE A . n 
A 1 107 VAL 107 88  88  VAL VAL A . n 
A 1 108 ILE 108 89  89  ILE ILE A . n 
A 1 109 HIS 109 90  90  HIS HIS A . n 
A 1 110 ARG 110 91  91  ARG ARG A . n 
A 1 111 LEU 111 92  92  LEU LEU A . n 
A 1 112 THR 112 93  93  THR THR A . n 
A 1 113 GLY 113 94  94  GLY GLY A . n 
A 1 114 SER 114 95  95  SER SER A . n 
A 1 115 LYS 115 96  96  LYS LYS A . n 
A 1 116 GLU 116 97  97  GLU GLU A . n 
A 1 117 TYR 117 98  98  TYR TYR A . n 
A 1 118 LYS 118 99  99  LYS LYS A . n 
A 1 119 GLY 119 100 100 GLY GLY A . n 
A 1 120 ALA 120 101 101 ALA ALA A . n 
A 1 121 ALA 121 102 102 ALA ALA A . n 
A 1 122 THR 122 103 103 THR THR A . n 
A 1 123 GLU 123 104 104 GLU GLU A . n 
A 1 124 LEU 124 105 105 LEU LEU A . n 
A 1 125 PHE 125 106 106 PHE PHE A . n 
A 1 126 ASN 126 107 107 ASN ASN A . n 
A 1 127 TYR 127 108 108 TYR TYR A . n 
A 1 128 VAL 128 109 109 VAL VAL A . n 
A 1 129 ILE 129 110 110 ILE ILE A . n 
A 1 130 ASP 130 111 111 ASP ASP A . n 
A 1 131 VAL 131 112 112 VAL VAL A . n 
A 1 132 VAL 132 113 113 VAL VAL A . n 
A 1 133 LYS 133 114 114 LYS LYS A . n 
A 1 134 ALA 134 115 115 ALA ALA A . n 
A 1 135 ARG 135 116 116 ARG ARG A . n 
A 1 136 GLY 136 117 117 GLY GLY A . n 
A 1 137 ALA 137 118 118 ALA ALA A . n 
A 1 138 GLU 138 119 119 GLU GLU A . n 
A 1 139 VAL 139 120 120 VAL VAL A . n 
A 1 140 ILE 140 121 121 ILE ILE A . n 
A 1 141 LEU 141 122 122 LEU LEU A . n 
A 1 142 THR 142 123 123 THR THR A . n 
A 1 143 ASP 143 124 124 ASP ASP A . n 
A 1 144 THR 144 125 125 THR THR A . n 
A 1 145 PHE 145 126 126 PHE PHE A . n 
A 1 146 ALA 146 127 127 ALA ALA A . n 
A 1 147 LEU 147 128 128 LEU LEU A . n 
A 1 148 ASN 148 129 129 ASN ASN A . n 
A 1 149 LYS 149 130 130 LYS LYS A . n 
A 1 150 PRO 150 131 131 PRO PRO A . n 
A 1 151 ALA 151 132 132 ALA ALA A . n 
A 1 152 GLN 152 133 133 GLN GLN A . n 
A 1 153 GLY 153 134 134 GLY GLY A . n 
A 1 154 LEU 154 135 135 LEU LEU A . n 
A 1 155 PHE 155 136 136 PHE PHE A . n 
A 1 156 ALA 156 137 137 ALA ALA A . n 
A 1 157 LYS 157 138 138 LYS LYS A . n 
A 1 158 PHE 158 139 139 PHE PHE A . n 
A 1 159 GLY 159 140 140 GLY GLY A . n 
A 1 160 PHE 160 141 141 PHE PHE A . n 
A 1 161 HIS 161 142 142 HIS HIS A . n 
A 1 162 LYS 162 143 143 LYS LYS A . n 
A 1 163 VAL 163 144 144 VAL VAL A . n 
A 1 164 GLY 164 145 ?   ?   ?   A . n 
A 1 165 GLU 165 146 ?   ?   ?   A . n 
A 1 166 GLN 166 147 ?   ?   ?   A . n 
A 1 167 LEU 167 148 ?   ?   ?   A . n 
A 1 168 MSE 168 149 ?   ?   ?   A . n 
A 1 169 GLU 169 150 ?   ?   ?   A . n 
A 1 170 TYR 170 151 ?   ?   ?   A . n 
A 1 171 PRO 171 152 ?   ?   ?   A . n 
A 1 172 PRO 172 153 ?   ?   ?   A . n 
A 1 173 TYR 173 154 ?   ?   ?   A . n 
A 1 174 ASP 174 155 ?   ?   ?   A . n 
A 1 175 LYS 175 156 ?   ?   ?   A . n 
A 1 176 GLY 176 157 ?   ?   ?   A . n 
A 1 177 GLU 177 158 ?   ?   ?   A . n 
A 1 178 PRO 178 159 159 PRO PRO A . n 
A 1 179 PHE 179 160 160 PHE PHE A . n 
A 1 180 TYR 180 161 161 TYR TYR A . n 
A 1 181 ALA 181 162 162 ALA ALA A . n 
A 1 182 TYR 182 163 163 TYR TYR A . n 
A 1 183 TYR 183 164 164 TYR TYR A . n 
A 1 184 LYS 184 165 165 LYS LYS A . n 
A 1 185 ASN 185 166 166 ASN ASN A . n 
A 1 186 LEU 186 167 167 LEU LEU A . n 
A 1 187 LYS 187 168 168 LYS LYS A . n 
A 1 188 GLU 188 169 ?   ?   ?   A . n 
# 
loop_
_pdbx_nonpoly_scheme.asym_id 
_pdbx_nonpoly_scheme.entity_id 
_pdbx_nonpoly_scheme.mon_id 
_pdbx_nonpoly_scheme.ndb_seq_num 
_pdbx_nonpoly_scheme.pdb_seq_num 
_pdbx_nonpoly_scheme.auth_seq_num 
_pdbx_nonpoly_scheme.pdb_mon_id 
_pdbx_nonpoly_scheme.auth_mon_id 
_pdbx_nonpoly_scheme.pdb_strand_id 
_pdbx_nonpoly_scheme.pdb_ins_code 
B 2 UNL 1  170 1  UNL UNL A . 
C 3 P33 1  171 2  P33 P33 A . 
D 4 HOH 1  172 3  HOH HOH A . 
D 4 HOH 2  173 4  HOH HOH A . 
D 4 HOH 3  174 5  HOH HOH A . 
D 4 HOH 4  175 6  HOH HOH A . 
D 4 HOH 5  176 7  HOH HOH A . 
D 4 HOH 6  177 8  HOH HOH A . 
D 4 HOH 7  178 9  HOH HOH A . 
D 4 HOH 8  179 10 HOH HOH A . 
D 4 HOH 9  180 11 HOH HOH A . 
D 4 HOH 10 181 12 HOH HOH A . 
D 4 HOH 11 182 13 HOH HOH A . 
D 4 HOH 12 183 14 HOH HOH A . 
D 4 HOH 13 184 15 HOH HOH A . 
D 4 HOH 14 185 16 HOH HOH A . 
D 4 HOH 15 186 17 HOH HOH A . 
D 4 HOH 16 187 18 HOH HOH A . 
D 4 HOH 17 188 19 HOH HOH A . 
D 4 HOH 18 189 20 HOH HOH A . 
D 4 HOH 19 190 21 HOH HOH A . 
D 4 HOH 20 191 22 HOH HOH A . 
D 4 HOH 21 192 23 HOH HOH A . 
# 
loop_
_pdbx_unobs_or_zero_occ_atoms.id 
_pdbx_unobs_or_zero_occ_atoms.PDB_model_num 
_pdbx_unobs_or_zero_occ_atoms.polymer_flag 
_pdbx_unobs_or_zero_occ_atoms.occupancy_flag 
_pdbx_unobs_or_zero_occ_atoms.auth_asym_id 
_pdbx_unobs_or_zero_occ_atoms.auth_comp_id 
_pdbx_unobs_or_zero_occ_atoms.auth_seq_id 
_pdbx_unobs_or_zero_occ_atoms.PDB_ins_code 
_pdbx_unobs_or_zero_occ_atoms.auth_atom_id 
_pdbx_unobs_or_zero_occ_atoms.label_alt_id 
_pdbx_unobs_or_zero_occ_atoms.label_asym_id 
_pdbx_unobs_or_zero_occ_atoms.label_comp_id 
_pdbx_unobs_or_zero_occ_atoms.label_seq_id 
_pdbx_unobs_or_zero_occ_atoms.label_atom_id 
1  1 Y 1 A GLU 18  ? CD  ? A GLU 37  CD  
2  1 Y 1 A GLU 18  ? OE1 ? A GLU 37  OE1 
3  1 Y 1 A GLU 18  ? OE2 ? A GLU 37  OE2 
4  1 Y 1 A LYS 21  ? CE  ? A LYS 40  CE  
5  1 Y 1 A LYS 21  ? NZ  ? A LYS 40  NZ  
6  1 Y 1 A GLU 22  ? CD  ? A GLU 41  CD  
7  1 Y 1 A GLU 22  ? OE1 ? A GLU 41  OE1 
8  1 Y 1 A GLU 22  ? OE2 ? A GLU 41  OE2 
9  1 Y 1 A LYS 25  ? CG  ? A LYS 44  CG  
10 1 Y 1 A LYS 25  ? CD  ? A LYS 44  CD  
11 1 Y 1 A LYS 25  ? CE  ? A LYS 44  CE  
12 1 Y 1 A LYS 25  ? NZ  ? A LYS 44  NZ  
13 1 Y 1 A TYR 36  ? CB  ? A TYR 55  CB  
14 1 Y 1 A TYR 36  ? CG  ? A TYR 55  CG  
15 1 Y 1 A TYR 36  ? CD1 ? A TYR 55  CD1 
16 1 Y 1 A TYR 36  ? CD2 ? A TYR 55  CD2 
17 1 Y 1 A TYR 36  ? CE1 ? A TYR 55  CE1 
18 1 Y 1 A TYR 36  ? CE2 ? A TYR 55  CE2 
19 1 Y 1 A TYR 36  ? CZ  ? A TYR 55  CZ  
20 1 Y 1 A TYR 36  ? OH  ? A TYR 55  OH  
21 1 Y 1 A GLU 40  ? CG  ? A GLU 59  CG  
22 1 Y 1 A GLU 40  ? CD  ? A GLU 59  CD  
23 1 Y 1 A GLU 40  ? OE1 ? A GLU 59  OE1 
24 1 Y 1 A GLU 40  ? OE2 ? A GLU 59  OE2 
25 1 Y 1 A GLU 56  ? CD  ? A GLU 75  CD  
26 1 Y 1 A GLU 56  ? OE1 ? A GLU 75  OE1 
27 1 Y 1 A GLU 56  ? OE2 ? A GLU 75  OE2 
28 1 Y 1 A ASN 57  ? CG  ? A ASN 76  CG  
29 1 Y 1 A ASN 57  ? OD1 ? A ASN 76  OD1 
30 1 Y 1 A ASN 57  ? ND2 ? A ASN 76  ND2 
31 1 Y 1 A ASP 58  ? CG  ? A ASP 77  CG  
32 1 Y 1 A ASP 58  ? OD1 ? A ASP 77  OD1 
33 1 Y 1 A ASP 58  ? OD2 ? A ASP 77  OD2 
34 1 Y 1 A LYS 59  ? CD  ? A LYS 78  CD  
35 1 Y 1 A LYS 59  ? CE  ? A LYS 78  CE  
36 1 Y 1 A LYS 59  ? NZ  ? A LYS 78  NZ  
37 1 Y 1 A GLU 72  ? CG  ? A GLU 91  CG  
38 1 Y 1 A GLU 72  ? CD  ? A GLU 91  CD  
39 1 Y 1 A GLU 72  ? OE1 ? A GLU 91  OE1 
40 1 Y 1 A GLU 72  ? OE2 ? A GLU 91  OE2 
41 1 Y 1 A ASP 78  ? CB  ? A ASP 97  CB  
42 1 Y 1 A ASP 78  ? CG  ? A ASP 97  CG  
43 1 Y 1 A ASP 78  ? OD1 ? A ASP 97  OD1 
44 1 Y 1 A ASP 78  ? OD2 ? A ASP 97  OD2 
45 1 Y 1 A GLU 84  ? CG  ? A GLU 103 CG  
46 1 Y 1 A GLU 84  ? CD  ? A GLU 103 CD  
47 1 Y 1 A GLU 84  ? OE1 ? A GLU 103 OE1 
48 1 Y 1 A GLU 84  ? OE2 ? A GLU 103 OE2 
49 1 Y 1 A LYS 96  ? CG  ? A LYS 115 CG  
50 1 Y 1 A LYS 96  ? CD  ? A LYS 115 CD  
51 1 Y 1 A LYS 96  ? CE  ? A LYS 115 CE  
52 1 Y 1 A LYS 96  ? NZ  ? A LYS 115 NZ  
53 1 Y 1 A GLU 97  ? CD  ? A GLU 116 CD  
54 1 Y 1 A GLU 97  ? OE1 ? A GLU 116 OE1 
55 1 Y 1 A GLU 97  ? OE2 ? A GLU 116 OE2 
56 1 Y 1 A LYS 99  ? CD  ? A LYS 118 CD  
57 1 Y 1 A LYS 99  ? CE  ? A LYS 118 CE  
58 1 Y 1 A LYS 99  ? NZ  ? A LYS 118 NZ  
59 1 Y 1 A LYS 114 ? CE  ? A LYS 133 CE  
60 1 Y 1 A LYS 114 ? NZ  ? A LYS 133 NZ  
61 1 Y 1 A GLU 119 ? CG  ? A GLU 138 CG  
62 1 Y 1 A GLU 119 ? CD  ? A GLU 138 CD  
63 1 Y 1 A GLU 119 ? OE1 ? A GLU 138 OE1 
64 1 Y 1 A GLU 119 ? OE2 ? A GLU 138 OE2 
65 1 Y 1 A LYS 130 ? CD  ? A LYS 149 CD  
66 1 Y 1 A LYS 130 ? CE  ? A LYS 149 CE  
67 1 Y 1 A LYS 130 ? NZ  ? A LYS 149 NZ  
68 1 Y 1 A GLN 133 ? CD  ? A GLN 152 CD  
69 1 Y 1 A GLN 133 ? OE1 ? A GLN 152 OE1 
70 1 Y 1 A GLN 133 ? NE2 ? A GLN 152 NE2 
71 1 Y 1 A LYS 138 ? CE  ? A LYS 157 CE  
72 1 Y 1 A LYS 138 ? NZ  ? A LYS 157 NZ  
# 
loop_
_software.name 
_software.version 
_software.date 
_software.type 
_software.contact_author 
_software.contact_author_email 
_software.classification 
_software.location 
_software.language 
_software.citation_id 
_software.pdbx_ordinal 
REFMAC      5.2.0019 ?               program 'Garib N. Murshudov'         garib@ysbl.york.ac.uk                refinement        
http://www.ccp4.ac.uk/dist/html/refmac5.html Fortran_77 ? 1 
PHENIX      .        ?               package 'P.D. Adams'                 PDAdams@lbl.gov                      refinement        
http://www.phenix-online.org/                C++        ? 2 
SOLVE       .        ?               program 'Tom Terwilliger'            terwilliger@LANL.gov                 phasing           
http://www.solve.lanl.gov/                   ?          ? 3 
MolProbity  3beta29  ?               package 'D.C. & J.S. Richardson lab' molprobity@kinemage.biochem.duke.edu 'model building'  
http://kinemage.biochem.duke.edu/molprobity/ ?          ? 4 
SCALA       3.2.5    5/04/2004       other   'Phil R. Evans'              pre@mrc-lmb.cam.ac.uk                'data scaling'    
http://www.ccp4.ac.uk/dist/html/scala.html   Fortran_77 ? 5 
PDB_EXTRACT 3.006    'June 11, 2008' package PDB                          help@deposit.rcsb.org                'data extraction' 
http://sw-tools.pdb.org/apps/PDB_EXTRACT/    C++        ? 6 
MOSFLM      .        ?               ?       ?                            ?                                    'data reduction'  ? 
?          ? 7 
# 
_cell.entry_id           3H4Q 
_cell.length_a           84.489 
_cell.length_b           84.489 
_cell.length_c           69.685 
_cell.angle_alpha        90.000 
_cell.angle_beta         90.000 
_cell.angle_gamma        120.000 
_cell.pdbx_unique_axis   ? 
_cell.Z_PDB              6 
_cell.length_a_esd       ? 
_cell.length_b_esd       ? 
_cell.length_c_esd       ? 
_cell.angle_alpha_esd    ? 
_cell.angle_beta_esd     ? 
_cell.angle_gamma_esd    ? 
# 
_symmetry.entry_id                         3H4Q 
_symmetry.Int_Tables_number                152 
_symmetry.space_group_name_H-M             'P 31 2 1' 
_symmetry.pdbx_full_space_group_name_H-M   ? 
_symmetry.cell_setting                     ? 
_symmetry.space_group_name_Hall            ? 
# 
_exptl.crystals_number   1 
_exptl.method            'X-RAY DIFFRACTION' 
_exptl.entry_id          3H4Q 
# 
_exptl_crystal.id                    1 
_exptl_crystal.density_Matthews      3.20 
_exptl_crystal.density_meas          ? 
_exptl_crystal.density_percent_sol   61.60 
_exptl_crystal.description           ? 
_exptl_crystal.F_000                 ? 
_exptl_crystal.preparation           ? 
# 
_exptl_crystal_grow.crystal_id      1 
_exptl_crystal_grow.method          'VAPOR DIFFUSION, SITTING DROP' 
_exptl_crystal_grow.pH              5.93 
_exptl_crystal_grow.temp            293 
_exptl_crystal_grow.pdbx_details    
;32.5000% polyethylene glycol 600, 5.0000% polyethylene glycol 1000, 10.0000% Glycerol, 0.1M MES pH 5.93, Additive: 0.001 M acetyl Coenzyme A, NANODROP', VAPOR DIFFUSION, SITTING DROP, temperature 293K
;
_exptl_crystal_grow.temp_details    ? 
_exptl_crystal_grow.pdbx_pH_range   ? 
# 
_diffrn.id                     1 
_diffrn.ambient_temp           100 
_diffrn.ambient_temp_details   ? 
_diffrn.crystal_id             1 
# 
_diffrn_detector.diffrn_id              1 
_diffrn_detector.detector               CCD 
_diffrn_detector.type                   'MARMOSAIC 325 mm CCD' 
_diffrn_detector.details                'Flat collimating mirror, toroid focusing mirror' 
_diffrn_detector.pdbx_collection_date   2009-01-16 
# 
_diffrn_radiation.diffrn_id                        1 
_diffrn_radiation.pdbx_monochromatic_or_laue_m_l   M 
_diffrn_radiation.monochromator                    'Double crystal monochromator' 
_diffrn_radiation.pdbx_diffrn_protocol             MAD 
_diffrn_radiation.wavelength_id                    1 
_diffrn_radiation.pdbx_scattering_type             x-ray 
# 
loop_
_diffrn_radiation_wavelength.id 
_diffrn_radiation_wavelength.wavelength 
_diffrn_radiation_wavelength.wt 
1 0.91837 1.0 
2 0.97949 1.0 
3 0.97964 1.0 
# 
_diffrn_source.diffrn_id                   1 
_diffrn_source.source                      SYNCHROTRON 
_diffrn_source.pdbx_synchrotron_beamline   BL9-2 
_diffrn_source.type                        'SSRL BEAMLINE BL9-2' 
_diffrn_source.pdbx_wavelength_list        0.91837,0.97949,0.97964 
_diffrn_source.pdbx_wavelength             ? 
_diffrn_source.pdbx_synchrotron_site       SSRL 
# 
_reflns.entry_id                     3H4Q 
_reflns.d_resolution_high            2.50 
_reflns.d_resolution_low             27.661 
_reflns.number_obs                   10262 
_reflns.pdbx_Rmerge_I_obs            0.056 
_reflns.pdbx_netI_over_sigmaI        9.491 
_reflns.pdbx_Rsym_value              0.056 
_reflns.pdbx_redundancy              5.400 
_reflns.percent_possible_obs         99.900 
_reflns.observed_criterion_sigma_F   ? 
_reflns.observed_criterion_sigma_I   ? 
_reflns.number_all                   ? 
_reflns.B_iso_Wilson_estimate        71.685 
_reflns.R_free_details               ? 
_reflns.limit_h_max                  ? 
_reflns.limit_h_min                  ? 
_reflns.limit_k_max                  ? 
_reflns.limit_k_min                  ? 
_reflns.limit_l_max                  ? 
_reflns.limit_l_min                  ? 
_reflns.observed_criterion_F_max     ? 
_reflns.observed_criterion_F_min     ? 
_reflns.pdbx_chi_squared             ? 
_reflns.pdbx_scaling_rejects         ? 
_reflns.pdbx_ordinal                 1 
_reflns.pdbx_diffrn_id               1 
# 
loop_
_reflns_shell.d_res_high 
_reflns_shell.d_res_low 
_reflns_shell.number_measured_obs 
_reflns_shell.number_measured_all 
_reflns_shell.number_unique_obs 
_reflns_shell.Rmerge_I_obs 
_reflns_shell.meanI_over_sigI_obs 
_reflns_shell.pdbx_Rsym_value 
_reflns_shell.pdbx_chi_squared 
_reflns_shell.pdbx_redundancy 
_reflns_shell.percent_possible_obs 
_reflns_shell.number_unique_all 
_reflns_shell.percent_possible_all 
_reflns_shell.pdbx_ordinal 
_reflns_shell.pdbx_diffrn_id 
2.50  2.56  ? 4064 ? 0.779 1.0  0.779 ? 5.60 ? 732 100.00 1  1 
2.56  2.64  ? 4020 ? 0.648 1.2  0.648 ? 5.50 ? 730 100.00 2  1 
2.64  2.71  ? 3889 ? 0.542 1.4  0.542 ? 5.50 ? 708 100.00 3  1 
2.71  2.80  ? 3804 ? 0.373 2.0  0.373 ? 5.50 ? 686 100.00 4  1 
2.80  2.89  ? 3733 ? 0.274 2.8  0.274 ? 5.50 ? 678 100.00 5  1 
2.89  2.99  ? 3467 ? 0.219 3.5  0.219 ? 5.50 ? 627 100.00 6  1 
2.99  3.10  ? 3553 ? 0.162 4.7  0.162 ? 5.50 ? 643 100.00 7  1 
3.10  3.23  ? 3305 ? 0.133 5.6  0.133 ? 5.50 ? 602 100.00 8  1 
3.23  3.37  ? 3146 ? 0.087 8.5  0.087 ? 5.50 ? 577 100.00 9  1 
3.37  3.54  ? 3069 ? 0.068 10.5 0.068 ? 5.50 ? 558 100.00 10 1 
3.54  3.73  ? 2837 ? 0.061 10.2 0.061 ? 5.50 ? 518 100.00 11 1 
3.73  3.95  ? 2801 ? 0.054 11.4 0.054 ? 5.40 ? 515 100.00 12 1 
3.95  4.23  ? 2597 ? 0.050 11.1 0.050 ? 5.50 ? 476 100.00 13 1 
4.23  4.56  ? 2386 ? 0.040 15.0 0.040 ? 5.40 ? 441 100.00 14 1 
4.56  5.00  ? 2230 ? 0.034 18.3 0.034 ? 5.40 ? 415 100.00 15 1 
5.00  5.59  ? 2001 ? 0.032 19.5 0.032 ? 5.40 ? 373 100.00 16 1 
5.59  6.45  ? 1763 ? 0.040 15.0 0.040 ? 5.30 ? 335 100.00 17 1 
6.45  7.91  ? 1457 ? 0.039 16.2 0.039 ? 5.10 ? 284 100.00 18 1 
7.91  11.18 ? 1168 ? 0.026 24.1 0.026 ? 5.00 ? 233 100.00 19 1 
11.18 27.66 ? 578  ? 0.033 17.7 0.033 ? 4.40 ? 131 94.50  20 1 
# 
_refine.entry_id                                 3H4Q 
_refine.ls_d_res_high                            2.500 
_refine.ls_d_res_low                             27.661 
_refine.pdbx_ls_sigma_F                          0.00 
_refine.pdbx_data_cutoff_high_absF               ? 
_refine.pdbx_data_cutoff_low_absF                ? 
_refine.ls_percent_reflns_obs                    99.910 
_refine.ls_number_reflns_obs                     10246 
_refine.ls_number_reflns_all                     ? 
_refine.pdbx_ls_cross_valid_method               THROUGHOUT 
_refine.pdbx_R_Free_selection_details            RANDOM 
_refine.details                                  
;1.HYDROGENS HAVE BEEN ADDED IN THE RIDING POSITIONS. 2.ATOM RECORDS CONTAIN RESIDUAL B FACTORS ONLY. 3.A MET-INHIBITION PROTOCOL WAS USED FOR SELENOMETHIONINE INCORPORATION DURING PROTEIN EXPRESSION. THE OCCUPANCY OF THE SE ATOMS IN THE MSE RESIDUES WAS REDUCED TO 0.75 FOR THE REDUCED SCATTERING POWER DUE TO PARTIAL S-MET INCORPORATION. 4.AN UNIDENTIFIED LIGAND (UNL) HAS BEEN MODELED IN THE VICINITY OF THE PUTATIVE ACTIVE SITE BASED ON COMPARISON WITH LIGAND BOUND STRUCTURES OF SIMILAR PROTEINS. 5.A PEG FRAGMENT (P33, HEPTAETHYLENE GLYCOL, PEG330) FROM THE CRYSTALLIZATION CONDITION HAS BEEN MODELED IN THE SOLVENT STRUCTURE. 6.THERE ARE UNMODELED ELECTRON DENSITY BLOBS IN SEVERAL REGIONS OF THE PROTEIN INCLUDING RESIDUES H142/K143 AND D49. THESE RESIDUES ARE NOT IN THE VICINITY OF THE PUTATIVE ACTIVE SITE.
;
_refine.ls_R_factor_all                          ? 
_refine.ls_R_factor_obs                          0.220 
_refine.ls_R_factor_R_work                       0.219 
_refine.ls_wR_factor_R_work                      ? 
_refine.ls_R_factor_R_free                       0.253 
_refine.ls_wR_factor_R_free                      ? 
_refine.ls_percent_reflns_R_free                 4.800 
_refine.ls_number_reflns_R_free                  492 
_refine.ls_R_factor_R_free_error                 ? 
_refine.B_iso_mean                               53.645 
_refine.solvent_model_param_bsol                 ? 
_refine.solvent_model_param_ksol                 ? 
_refine.pdbx_isotropic_thermal_model             ? 
_refine.aniso_B[1][1]                            -0.540 
_refine.aniso_B[2][2]                            -0.540 
_refine.aniso_B[3][3]                            0.810 
_refine.aniso_B[1][2]                            -0.270 
_refine.aniso_B[1][3]                            0.000 
_refine.aniso_B[2][3]                            0.000 
_refine.correlation_coeff_Fo_to_Fc               0.943 
_refine.correlation_coeff_Fo_to_Fc_free          0.924 
_refine.overall_SU_R_Cruickshank_DPI             ? 
_refine.overall_SU_R_free                        ? 
_refine.pdbx_overall_ESU_R                       0.274 
_refine.pdbx_overall_ESU_R_Free                  0.226 
_refine.overall_SU_ML                            0.140 
_refine.overall_SU_B                             12.760 
_refine.solvent_model_details                    MASK 
_refine.pdbx_solvent_vdw_probe_radii             1.200 
_refine.pdbx_solvent_ion_probe_radii             0.800 
_refine.pdbx_solvent_shrinkage_radii             0.800 
_refine.ls_number_parameters                     ? 
_refine.ls_number_restraints                     ? 
_refine.pdbx_method_to_determine_struct          MAD 
_refine.pdbx_stereochemistry_target_values       'MAXIMUM LIKELIHOOD WITH PHASES' 
_refine.pdbx_stereochem_target_val_spec_case     ? 
_refine.overall_FOM_work_R_set                   ? 
_refine.B_iso_max                                105.78 
_refine.B_iso_min                                27.11 
_refine.occupancy_max                            1.00 
_refine.occupancy_min                            0.19 
_refine.pdbx_ls_sigma_I                          ? 
_refine.ls_redundancy_reflns_obs                 ? 
_refine.ls_R_factor_R_free_error_details         ? 
_refine.pdbx_starting_model                      ? 
_refine.pdbx_data_cutoff_high_rms_absF           ? 
_refine.overall_FOM_free_R_set                   ? 
_refine.pdbx_overall_phase_error                 ? 
_refine.pdbx_refine_id                           'X-RAY DIFFRACTION' 
_refine.pdbx_TLS_residual_ADP_flag               'LIKELY RESIDUAL' 
_refine.pdbx_diffrn_id                           1 
_refine.pdbx_overall_SU_R_free_Cruickshank_DPI   ? 
_refine.pdbx_overall_SU_R_Blow_DPI               ? 
_refine.pdbx_overall_SU_R_free_Blow_DPI          ? 
# 
_refine_hist.pdbx_refine_id                   'X-RAY DIFFRACTION' 
_refine_hist.cycle_id                         LAST 
_refine_hist.pdbx_number_atoms_protein        1120 
_refine_hist.pdbx_number_atoms_nucleic_acid   0 
_refine_hist.pdbx_number_atoms_ligand         26 
_refine_hist.number_atoms_solvent             21 
_refine_hist.number_atoms_total               1167 
_refine_hist.d_res_high                       2.500 
_refine_hist.d_res_low                        27.661 
# 
loop_
_refine_ls_restr.type 
_refine_ls_restr.pdbx_refine_id 
_refine_ls_restr.number 
_refine_ls_restr.dev_ideal 
_refine_ls_restr.dev_ideal_target 
_refine_ls_restr.weight 
_refine_ls_restr.pdbx_restraint_function 
r_bond_refined_d         'X-RAY DIFFRACTION' 1207 0.012  0.022  ? ? 
r_bond_other_d           'X-RAY DIFFRACTION' 801  0.002  0.020  ? ? 
r_angle_refined_deg      'X-RAY DIFFRACTION' 1634 1.650  1.959  ? ? 
r_angle_other_deg        'X-RAY DIFFRACTION' 1950 1.044  3.000  ? ? 
r_dihedral_angle_1_deg   'X-RAY DIFFRACTION' 152  3.631  5.000  ? ? 
r_dihedral_angle_2_deg   'X-RAY DIFFRACTION' 53   35.353 23.585 ? ? 
r_dihedral_angle_3_deg   'X-RAY DIFFRACTION' 185  12.079 15.000 ? ? 
r_dihedral_angle_4_deg   'X-RAY DIFFRACTION' 5    12.405 15.000 ? ? 
r_chiral_restr           'X-RAY DIFFRACTION' 179  0.103  0.200  ? ? 
r_gen_planes_refined     'X-RAY DIFFRACTION' 1339 0.005  0.020  ? ? 
r_gen_planes_other       'X-RAY DIFFRACTION' 264  0.001  0.020  ? ? 
r_nbd_refined            'X-RAY DIFFRACTION' 258  0.210  0.300  ? ? 
r_nbd_other              'X-RAY DIFFRACTION' 798  0.175  0.300  ? ? 
r_nbtor_refined          'X-RAY DIFFRACTION' 586  0.195  0.500  ? ? 
r_nbtor_other            'X-RAY DIFFRACTION' 603  0.094  0.500  ? ? 
r_xyhbond_nbd_refined    'X-RAY DIFFRACTION' 49   0.116  0.500  ? ? 
r_symmetry_vdw_refined   'X-RAY DIFFRACTION' 13   0.119  0.300  ? ? 
r_symmetry_vdw_other     'X-RAY DIFFRACTION' 34   0.234  0.300  ? ? 
r_symmetry_hbond_refined 'X-RAY DIFFRACTION' 5    0.224  0.500  ? ? 
r_mcbond_it              'X-RAY DIFFRACTION' 796  1.802  3.000  ? ? 
r_mcbond_other           'X-RAY DIFFRACTION' 300  0.325  3.000  ? ? 
r_mcangle_it             'X-RAY DIFFRACTION' 1168 2.863  5.000  ? ? 
r_scbond_it              'X-RAY DIFFRACTION' 530  4.243  8.000  ? ? 
r_scangle_it             'X-RAY DIFFRACTION' 462  5.357  11.000 ? ? 
# 
_refine_ls_shell.d_res_high                       2.500 
_refine_ls_shell.d_res_low                        2.565 
_refine_ls_shell.pdbx_total_number_of_bins_used   20 
_refine_ls_shell.percent_reflns_obs               100.000 
_refine_ls_shell.number_reflns_R_work             697 
_refine_ls_shell.R_factor_all                     ? 
_refine_ls_shell.R_factor_R_work                  0.355 
_refine_ls_shell.R_factor_R_free                  0.378 
_refine_ls_shell.percent_reflns_R_free            ? 
_refine_ls_shell.number_reflns_R_free             35 
_refine_ls_shell.R_factor_R_free_error            ? 
_refine_ls_shell.number_reflns_all                732 
_refine_ls_shell.number_reflns_obs                ? 
_refine_ls_shell.redundancy_reflns_obs            ? 
_refine_ls_shell.pdbx_refine_id                   'X-RAY DIFFRACTION' 
# 
_struct.entry_id                  3H4Q 
_struct.title                     
'Crystal structure of putative acetyltransferase (NP_371943.1) from STAPHYLOCOCCUS AUREUS MU50 at 2.50 A resolution' 
_struct.pdbx_model_details        ? 
_struct.pdbx_CASP_flag            ? 
_struct.pdbx_model_type_details   ? 
# 
_struct_keywords.text            
;NP_371943.1, putative acetyltransferase, Structural Genomics, Joint Center for Structural Genomics, JCSG, Protein Structure Initiative, PSI-2, unknown function, TRANSFERASE
;
_struct_keywords.pdbx_keywords   TRANSFERASE 
_struct_keywords.entry_id        3H4Q 
# 
loop_
_struct_asym.id 
_struct_asym.pdbx_blank_PDB_chainid_flag 
_struct_asym.pdbx_modified 
_struct_asym.entity_id 
_struct_asym.details 
A N N 1 ? 
B N N 2 ? 
C N N 3 ? 
D N N 4 ? 
# 
_struct_ref.id                         1 
_struct_ref.db_name                    UNP 
_struct_ref.db_code                    Q99U68_STAAM 
_struct_ref.pdbx_db_accession          Q99U68 
_struct_ref.entity_id                  1 
_struct_ref.pdbx_seq_one_letter_code   
;MIRLGKMSDLDQILNLVEEAKELMKEHDNEQWDDQYPLLEHFEEDIAKDYLYVLEENDKIYGFIVVDQDQAEWYDDIDWP
VNREGAFVIHRLTGSKEYKGAATELFNYVIDVVKARGAEVILTDTFALNKPAQGLFAKFGFHKVGEQLMEYPPYDKGEPF
YAYYKNLKE
;
_struct_ref.pdbx_align_begin           1 
_struct_ref.pdbx_db_isoform            ? 
# 
_struct_ref_seq.align_id                      1 
_struct_ref_seq.ref_id                        1 
_struct_ref_seq.pdbx_PDB_id_code              3H4Q 
_struct_ref_seq.pdbx_strand_id                A 
_struct_ref_seq.seq_align_beg                 20 
_struct_ref_seq.pdbx_seq_align_beg_ins_code   ? 
_struct_ref_seq.seq_align_end                 188 
_struct_ref_seq.pdbx_seq_align_end_ins_code   ? 
_struct_ref_seq.pdbx_db_accession             Q99U68 
_struct_ref_seq.db_align_beg                  1 
_struct_ref_seq.pdbx_db_align_beg_ins_code    ? 
_struct_ref_seq.db_align_end                  169 
_struct_ref_seq.pdbx_db_align_end_ins_code    ? 
_struct_ref_seq.pdbx_auth_seq_align_beg       1 
_struct_ref_seq.pdbx_auth_seq_align_end       169 
# 
loop_
_struct_ref_seq_dif.align_id 
_struct_ref_seq_dif.pdbx_pdb_id_code 
_struct_ref_seq_dif.mon_id 
_struct_ref_seq_dif.pdbx_pdb_strand_id 
_struct_ref_seq_dif.seq_num 
_struct_ref_seq_dif.pdbx_pdb_ins_code 
_struct_ref_seq_dif.pdbx_seq_db_name 
_struct_ref_seq_dif.pdbx_seq_db_accession_code 
_struct_ref_seq_dif.db_mon_id 
_struct_ref_seq_dif.pdbx_seq_db_seq_num 
_struct_ref_seq_dif.details 
_struct_ref_seq_dif.pdbx_auth_seq_num 
_struct_ref_seq_dif.pdbx_ordinal 
1 3H4Q MSE A 1  ? UNP Q99U68 ? ? 'expression tag' -18 1  
1 3H4Q GLY A 2  ? UNP Q99U68 ? ? 'expression tag' -17 2  
1 3H4Q SER A 3  ? UNP Q99U68 ? ? 'expression tag' -16 3  
1 3H4Q ASP A 4  ? UNP Q99U68 ? ? 'expression tag' -15 4  
1 3H4Q LYS A 5  ? UNP Q99U68 ? ? 'expression tag' -14 5  
1 3H4Q ILE A 6  ? UNP Q99U68 ? ? 'expression tag' -13 6  
1 3H4Q HIS A 7  ? UNP Q99U68 ? ? 'expression tag' -12 7  
1 3H4Q HIS A 8  ? UNP Q99U68 ? ? 'expression tag' -11 8  
1 3H4Q HIS A 9  ? UNP Q99U68 ? ? 'expression tag' -10 9  
1 3H4Q HIS A 10 ? UNP Q99U68 ? ? 'expression tag' -9  10 
1 3H4Q HIS A 11 ? UNP Q99U68 ? ? 'expression tag' -8  11 
1 3H4Q HIS A 12 ? UNP Q99U68 ? ? 'expression tag' -7  12 
1 3H4Q GLU A 13 ? UNP Q99U68 ? ? 'expression tag' -6  13 
1 3H4Q ASN A 14 ? UNP Q99U68 ? ? 'expression tag' -5  14 
1 3H4Q LEU A 15 ? UNP Q99U68 ? ? 'expression tag' -4  15 
1 3H4Q TYR A 16 ? UNP Q99U68 ? ? 'expression tag' -3  16 
1 3H4Q PHE A 17 ? UNP Q99U68 ? ? 'expression tag' -2  17 
1 3H4Q GLN A 18 ? UNP Q99U68 ? ? 'expression tag' -1  18 
1 3H4Q GLY A 19 ? UNP Q99U68 ? ? 'expression tag' 0   19 
# 
_pdbx_struct_assembly.id                   1 
_pdbx_struct_assembly.details              author_and_software_defined_assembly 
_pdbx_struct_assembly.method_details       PISA 
_pdbx_struct_assembly.oligomeric_details   monomeric 
_pdbx_struct_assembly.oligomeric_count     1 
# 
_pdbx_struct_assembly_gen.assembly_id       1 
_pdbx_struct_assembly_gen.oper_expression   1 
_pdbx_struct_assembly_gen.asym_id_list      A,B,C,D 
# 
_pdbx_struct_oper_list.id                   1 
_pdbx_struct_oper_list.type                 'identity operation' 
_pdbx_struct_oper_list.name                 1_555 
_pdbx_struct_oper_list.symmetry_operation   x,y,z 
_pdbx_struct_oper_list.matrix[1][1]         1.0000000000 
_pdbx_struct_oper_list.matrix[1][2]         0.0000000000 
_pdbx_struct_oper_list.matrix[1][3]         0.0000000000 
_pdbx_struct_oper_list.vector[1]            0.0000000000 
_pdbx_struct_oper_list.matrix[2][1]         0.0000000000 
_pdbx_struct_oper_list.matrix[2][2]         1.0000000000 
_pdbx_struct_oper_list.matrix[2][3]         0.0000000000 
_pdbx_struct_oper_list.vector[2]            0.0000000000 
_pdbx_struct_oper_list.matrix[3][1]         0.0000000000 
_pdbx_struct_oper_list.matrix[3][2]         0.0000000000 
_pdbx_struct_oper_list.matrix[3][3]         1.0000000000 
_pdbx_struct_oper_list.vector[3]            0.0000000000 
# 
_struct_biol.id        1 
_struct_biol.details   
;CRYSTAL PACKING ANALYSIS SUGGESTS THAT A MONOMER IS THE STABLE OLIGOMERIC FORM IN SOLUTION. SEE REMARK 350 FOR INFORMATION ON GENERATING THE BIOLOGICAL MOLECULE(S).
;
# 
loop_
_struct_conf.conf_type_id 
_struct_conf.id 
_struct_conf.pdbx_PDB_helix_id 
_struct_conf.beg_label_comp_id 
_struct_conf.beg_label_asym_id 
_struct_conf.beg_label_seq_id 
_struct_conf.pdbx_beg_PDB_ins_code 
_struct_conf.end_label_comp_id 
_struct_conf.end_label_asym_id 
_struct_conf.end_label_seq_id 
_struct_conf.pdbx_end_PDB_ins_code 
_struct_conf.beg_auth_comp_id 
_struct_conf.beg_auth_asym_id 
_struct_conf.beg_auth_seq_id 
_struct_conf.end_auth_comp_id 
_struct_conf.end_auth_asym_id 
_struct_conf.end_auth_seq_id 
_struct_conf.pdbx_PDB_helix_class 
_struct_conf.details 
_struct_conf.pdbx_PDB_helix_length 
HELX_P HELX_P1 1 LYS A 25  ? SER A 27  ? LYS A 6   SER A 8   5 ? 3  
HELX_P HELX_P2 2 ASP A 28  ? MSE A 43  ? ASP A 9   MSE A 24  1 ? 16 
HELX_P HELX_P3 3 PRO A 56  ? LYS A 67  ? PRO A 37  LYS A 48  1 ? 12 
HELX_P HELX_P4 4 ALA A 90  ? ILE A 96  ? ALA A 71  ILE A 77  5 ? 7  
HELX_P HELX_P5 5 GLY A 119 ? ARG A 135 ? GLY A 100 ARG A 116 1 ? 17 
HELX_P HELX_P6 6 PHE A 145 ? LEU A 147 ? PHE A 126 LEU A 128 5 ? 3  
HELX_P HELX_P7 7 ASN A 148 ? ALA A 151 ? ASN A 129 ALA A 132 5 ? 4  
HELX_P HELX_P8 8 GLN A 152 ? PHE A 158 ? GLN A 133 PHE A 139 1 ? 7  
# 
_struct_conf_type.id          HELX_P 
_struct_conf_type.criteria    ? 
_struct_conf_type.reference   ? 
# 
loop_
_struct_conn.id 
_struct_conn.conn_type_id 
_struct_conn.pdbx_leaving_atom_flag 
_struct_conn.pdbx_PDB_id 
_struct_conn.ptnr1_label_asym_id 
_struct_conn.ptnr1_label_comp_id 
_struct_conn.ptnr1_label_seq_id 
_struct_conn.ptnr1_label_atom_id 
_struct_conn.pdbx_ptnr1_label_alt_id 
_struct_conn.pdbx_ptnr1_PDB_ins_code 
_struct_conn.pdbx_ptnr1_standard_comp_id 
_struct_conn.ptnr1_symmetry 
_struct_conn.ptnr2_label_asym_id 
_struct_conn.ptnr2_label_comp_id 
_struct_conn.ptnr2_label_seq_id 
_struct_conn.ptnr2_label_atom_id 
_struct_conn.pdbx_ptnr2_label_alt_id 
_struct_conn.pdbx_ptnr2_PDB_ins_code 
_struct_conn.ptnr1_auth_asym_id 
_struct_conn.ptnr1_auth_comp_id 
_struct_conn.ptnr1_auth_seq_id 
_struct_conn.ptnr2_auth_asym_id 
_struct_conn.ptnr2_auth_comp_id 
_struct_conn.ptnr2_auth_seq_id 
_struct_conn.ptnr2_symmetry 
_struct_conn.pdbx_ptnr3_label_atom_id 
_struct_conn.pdbx_ptnr3_label_seq_id 
_struct_conn.pdbx_ptnr3_label_comp_id 
_struct_conn.pdbx_ptnr3_label_asym_id 
_struct_conn.pdbx_ptnr3_label_alt_id 
_struct_conn.pdbx_ptnr3_PDB_ins_code 
_struct_conn.details 
_struct_conn.pdbx_dist_value 
_struct_conn.pdbx_value_order 
_struct_conn.pdbx_role 
covale1 covale both ? A GLY 19 C ? ? ? 1_555 A MSE 20 N A ? A GLY 0  A MSE 1  1_555 ? ? ? ? ? ? ? 1.331 ? ? 
covale2 covale both ? A GLY 19 C ? ? ? 1_555 A MSE 20 N B ? A GLY 0  A MSE 1  1_555 ? ? ? ? ? ? ? 1.336 ? ? 
covale3 covale both ? A MSE 20 C A ? ? 1_555 A ILE 21 N ? ? A MSE 1  A ILE 2  1_555 ? ? ? ? ? ? ? 1.334 ? ? 
covale4 covale both ? A MSE 20 C B ? ? 1_555 A ILE 21 N ? ? A MSE 1  A ILE 2  1_555 ? ? ? ? ? ? ? 1.324 ? ? 
covale5 covale both ? A LYS 25 C ? ? ? 1_555 A MSE 26 N ? ? A LYS 6  A MSE 7  1_555 ? ? ? ? ? ? ? 1.314 ? ? 
covale6 covale both ? A MSE 26 C ? ? ? 1_555 A SER 27 N ? ? A MSE 7  A SER 8  1_555 ? ? ? ? ? ? ? 1.335 ? ? 
covale7 covale both ? A LEU 42 C ? ? ? 1_555 A MSE 43 N ? ? A LEU 23 A MSE 24 1_555 ? ? ? ? ? ? ? 1.336 ? ? 
covale8 covale both ? A MSE 43 C ? ? ? 1_555 A LYS 44 N ? ? A MSE 24 A LYS 25 1_555 ? ? ? ? ? ? ? 1.335 ? ? 
# 
_struct_conn_type.id          covale 
_struct_conn_type.criteria    ? 
_struct_conn_type.reference   ? 
# 
loop_
_pdbx_modification_feature.ordinal 
_pdbx_modification_feature.label_comp_id 
_pdbx_modification_feature.label_asym_id 
_pdbx_modification_feature.label_seq_id 
_pdbx_modification_feature.label_alt_id 
_pdbx_modification_feature.modified_residue_label_comp_id 
_pdbx_modification_feature.modified_residue_label_asym_id 
_pdbx_modification_feature.modified_residue_label_seq_id 
_pdbx_modification_feature.modified_residue_label_alt_id 
_pdbx_modification_feature.auth_comp_id 
_pdbx_modification_feature.auth_asym_id 
_pdbx_modification_feature.auth_seq_id 
_pdbx_modification_feature.PDB_ins_code 
_pdbx_modification_feature.symmetry 
_pdbx_modification_feature.modified_residue_auth_comp_id 
_pdbx_modification_feature.modified_residue_auth_asym_id 
_pdbx_modification_feature.modified_residue_auth_seq_id 
_pdbx_modification_feature.modified_residue_PDB_ins_code 
_pdbx_modification_feature.modified_residue_symmetry 
_pdbx_modification_feature.comp_id_linking_atom 
_pdbx_modification_feature.modified_residue_id_linking_atom 
_pdbx_modification_feature.modified_residue_id 
_pdbx_modification_feature.ref_pcm_id 
_pdbx_modification_feature.ref_comp_id 
_pdbx_modification_feature.type 
_pdbx_modification_feature.category 
1 MSE A 20 A . . . . MSE A 1  ? 1_555 . . . . . . . MET 1 MSE Selenomethionine 'Named protein modification' 
2 MSE A 20 B . . . . MSE A 1  ? 1_555 . . . . . . . MET 1 MSE Selenomethionine 'Named protein modification' 
3 MSE A 26 ? . . . . MSE A 7  ? 1_555 . . . . . . . MET 1 MSE Selenomethionine 'Named protein modification' 
4 MSE A 43 ? . . . . MSE A 24 ? 1_555 . . . . . . . MET 1 MSE Selenomethionine 'Named protein modification' 
# 
_struct_sheet.id               A 
_struct_sheet.type             ? 
_struct_sheet.number_strands   7 
_struct_sheet.details          ? 
# 
loop_
_struct_sheet_order.sheet_id 
_struct_sheet_order.range_id_1 
_struct_sheet_order.range_id_2 
_struct_sheet_order.offset 
_struct_sheet_order.sense 
A 1 2 ? anti-parallel 
A 2 3 ? anti-parallel 
A 3 4 ? anti-parallel 
A 4 5 ? parallel      
A 5 6 ? anti-parallel 
A 6 7 ? anti-parallel 
# 
loop_
_struct_sheet_range.sheet_id 
_struct_sheet_range.id 
_struct_sheet_range.beg_label_comp_id 
_struct_sheet_range.beg_label_asym_id 
_struct_sheet_range.beg_label_seq_id 
_struct_sheet_range.pdbx_beg_PDB_ins_code 
_struct_sheet_range.end_label_comp_id 
_struct_sheet_range.end_label_asym_id 
_struct_sheet_range.end_label_seq_id 
_struct_sheet_range.pdbx_end_PDB_ins_code 
_struct_sheet_range.beg_auth_comp_id 
_struct_sheet_range.beg_auth_asym_id 
_struct_sheet_range.beg_auth_seq_id 
_struct_sheet_range.end_auth_comp_id 
_struct_sheet_range.end_auth_asym_id 
_struct_sheet_range.end_auth_seq_id 
A 1 ILE A 21  ? LEU A 23  ? ILE A 2   LEU A 4   
A 2 LEU A 70  ? GLU A 75  ? LEU A 51  GLU A 56  
A 3 LYS A 78  ? ASP A 86  ? LYS A 59  ASP A 67  
A 4 PHE A 106 ? THR A 112 ? PHE A 87  THR A 93  
A 5 VAL A 139 ? ASP A 143 ? VAL A 120 ASP A 124 
A 6 ALA A 181 ? ASN A 185 ? ALA A 162 ASN A 166 
A 7 HIS A 161 ? VAL A 163 ? HIS A 142 VAL A 144 
# 
loop_
_pdbx_struct_sheet_hbond.sheet_id 
_pdbx_struct_sheet_hbond.range_id_1 
_pdbx_struct_sheet_hbond.range_id_2 
_pdbx_struct_sheet_hbond.range_1_label_atom_id 
_pdbx_struct_sheet_hbond.range_1_label_comp_id 
_pdbx_struct_sheet_hbond.range_1_label_asym_id 
_pdbx_struct_sheet_hbond.range_1_label_seq_id 
_pdbx_struct_sheet_hbond.range_1_PDB_ins_code 
_pdbx_struct_sheet_hbond.range_1_auth_atom_id 
_pdbx_struct_sheet_hbond.range_1_auth_comp_id 
_pdbx_struct_sheet_hbond.range_1_auth_asym_id 
_pdbx_struct_sheet_hbond.range_1_auth_seq_id 
_pdbx_struct_sheet_hbond.range_2_label_atom_id 
_pdbx_struct_sheet_hbond.range_2_label_comp_id 
_pdbx_struct_sheet_hbond.range_2_label_asym_id 
_pdbx_struct_sheet_hbond.range_2_label_seq_id 
_pdbx_struct_sheet_hbond.range_2_PDB_ins_code 
_pdbx_struct_sheet_hbond.range_2_auth_atom_id 
_pdbx_struct_sheet_hbond.range_2_auth_comp_id 
_pdbx_struct_sheet_hbond.range_2_auth_asym_id 
_pdbx_struct_sheet_hbond.range_2_auth_seq_id 
A 1 2 N ARG A 22  ? N ARG A 3   O VAL A 72  ? O VAL A 53  
A 2 3 N LEU A 73  ? N LEU A 54  O TYR A 80  ? O TYR A 61  
A 3 4 N ASP A 86  ? N ASP A 67  O VAL A 107 ? O VAL A 88  
A 4 5 N PHE A 106 ? N PHE A 87  O LEU A 141 ? O LEU A 122 
A 5 6 N THR A 142 ? N THR A 123 O TYR A 182 ? O TYR A 163 
A 6 7 O TYR A 183 ? O TYR A 164 N HIS A 161 ? N HIS A 142 
# 
loop_
_struct_site.id 
_struct_site.pdbx_evidence_code 
_struct_site.pdbx_auth_asym_id 
_struct_site.pdbx_auth_comp_id 
_struct_site.pdbx_auth_seq_id 
_struct_site.pdbx_auth_ins_code 
_struct_site.pdbx_num_residues 
_struct_site.details 
AC1 Software A UNL 170 ? 4  'BINDING SITE FOR RESIDUE UNL A 170' 
AC2 Software A P33 171 ? 13 'BINDING SITE FOR RESIDUE P33 A 171' 
# 
loop_
_struct_site_gen.id 
_struct_site_gen.site_id 
_struct_site_gen.pdbx_num_res 
_struct_site_gen.label_comp_id 
_struct_site_gen.label_asym_id 
_struct_site_gen.label_seq_id 
_struct_site_gen.pdbx_auth_ins_code 
_struct_site_gen.auth_comp_id 
_struct_site_gen.auth_asym_id 
_struct_site_gen.auth_seq_id 
_struct_site_gen.label_atom_id 
_struct_site_gen.label_alt_id 
_struct_site_gen.symmetry 
_struct_site_gen.details 
1  AC1 4  LEU A 111 ? LEU A 92  . ? 1_555 ? 
2  AC1 4  GLY A 113 ? GLY A 94  . ? 1_555 ? 
3  AC1 4  ASN A 148 ? ASN A 129 . ? 1_555 ? 
4  AC1 4  ALA A 151 ? ALA A 132 . ? 1_555 ? 
5  AC2 13 ASP A 68  ? ASP A 49  . ? 6_765 ? 
6  AC2 13 ASP A 68  ? ASP A 49  . ? 1_555 ? 
7  AC2 13 TYR A 69  ? TYR A 50  . ? 1_555 ? 
8  AC2 13 TYR A 71  ? TYR A 52  . ? 6_765 ? 
9  AC2 13 TYR A 71  ? TYR A 52  . ? 1_555 ? 
10 AC2 13 VAL A 85  ? VAL A 66  . ? 6_765 ? 
11 AC2 13 VAL A 85  ? VAL A 66  . ? 1_555 ? 
12 AC2 13 ASP A 86  ? ASP A 67  . ? 1_555 ? 
13 AC2 13 GLN A 87  ? GLN A 68  . ? 6_765 ? 
14 AC2 13 PHE A 106 ? PHE A 87  . ? 1_555 ? 
15 AC2 13 PHE A 106 ? PHE A 87  . ? 6_765 ? 
16 AC2 13 ARG A 135 ? ARG A 116 . ? 1_555 ? 
17 AC2 13 ARG A 135 ? ARG A 116 . ? 6_765 ? 
# 
_pdbx_entry_details.entry_id                   3H4Q 
_pdbx_entry_details.compound_details           ? 
_pdbx_entry_details.source_details             ? 
_pdbx_entry_details.nonpolymer_details         ? 
_pdbx_entry_details.sequence_details           'THIS CONSTRUCT WAS EXPRESSED WITH A PURIFICATION TAG MGSDKIHHHHHHENLYFQG.' 
_pdbx_entry_details.has_ligand_of_interest     ? 
_pdbx_entry_details.has_protein_modification   Y 
# 
loop_
_pdbx_validate_torsion.id 
_pdbx_validate_torsion.PDB_model_num 
_pdbx_validate_torsion.auth_comp_id 
_pdbx_validate_torsion.auth_asym_id 
_pdbx_validate_torsion.auth_seq_id 
_pdbx_validate_torsion.PDB_ins_code 
_pdbx_validate_torsion.label_alt_id 
_pdbx_validate_torsion.phi 
_pdbx_validate_torsion.psi 
1 1 MSE A 1  ? B -116.54 52.49   
2 1 ASN A 57 ? ? 57.73   -146.69 
3 1 ASP A 67 ? ? -165.81 -166.18 
4 1 TYR A 98 ? ? -159.15 87.73   
# 
_pdbx_SG_project.project_name          'PSI, Protein Structure Initiative' 
_pdbx_SG_project.full_name_of_center   'Joint Center for Structural Genomics' 
_pdbx_SG_project.id                    1 
_pdbx_SG_project.initial_of_center     JCSG 
# 
loop_
_pdbx_struct_mod_residue.id 
_pdbx_struct_mod_residue.label_asym_id 
_pdbx_struct_mod_residue.label_comp_id 
_pdbx_struct_mod_residue.label_seq_id 
_pdbx_struct_mod_residue.auth_asym_id 
_pdbx_struct_mod_residue.auth_comp_id 
_pdbx_struct_mod_residue.auth_seq_id 
_pdbx_struct_mod_residue.PDB_ins_code 
_pdbx_struct_mod_residue.parent_comp_id 
_pdbx_struct_mod_residue.details 
1 A MSE 20 A MSE 1  ? MET SELENOMETHIONINE 
2 A MSE 26 A MSE 7  ? MET SELENOMETHIONINE 
3 A MSE 43 A MSE 24 ? MET SELENOMETHIONINE 
# 
_pdbx_struct_special_symmetry.id              1 
_pdbx_struct_special_symmetry.PDB_model_num   1 
_pdbx_struct_special_symmetry.auth_asym_id    A 
_pdbx_struct_special_symmetry.auth_comp_id    HOH 
_pdbx_struct_special_symmetry.auth_seq_id     173 
_pdbx_struct_special_symmetry.PDB_ins_code    ? 
_pdbx_struct_special_symmetry.label_asym_id   D 
_pdbx_struct_special_symmetry.label_comp_id   HOH 
_pdbx_struct_special_symmetry.label_seq_id    . 
# 
_pdbx_refine_tls.pdbx_refine_id   'X-RAY DIFFRACTION' 
_pdbx_refine_tls.id               1 
_pdbx_refine_tls.details          ? 
_pdbx_refine_tls.method           refined 
_pdbx_refine_tls.origin_x         -0.0458 
_pdbx_refine_tls.origin_y         0.6033 
_pdbx_refine_tls.origin_z         -0.1301 
_pdbx_refine_tls.T[1][1]          -0.1368 
_pdbx_refine_tls.T[2][2]          -0.0372 
_pdbx_refine_tls.T[3][3]          -0.0371 
_pdbx_refine_tls.T[1][2]          -0.0407 
_pdbx_refine_tls.T[1][3]          0.0233 
_pdbx_refine_tls.T[2][3]          0.0010 
_pdbx_refine_tls.L[1][1]          7.3054 
_pdbx_refine_tls.L[2][2]          5.4522 
_pdbx_refine_tls.L[3][3]          5.2849 
_pdbx_refine_tls.L[1][2]          2.0058 
_pdbx_refine_tls.L[1][3]          -1.4196 
_pdbx_refine_tls.L[2][3]          -1.8826 
_pdbx_refine_tls.S[1][1]          0.0040 
_pdbx_refine_tls.S[2][2]          0.0807 
_pdbx_refine_tls.S[3][3]          -0.0846 
_pdbx_refine_tls.S[1][2]          -0.0878 
_pdbx_refine_tls.S[1][3]          0.6816 
_pdbx_refine_tls.S[2][3]          -0.3282 
_pdbx_refine_tls.S[2][1]          0.1775 
_pdbx_refine_tls.S[3][1]          -0.4221 
_pdbx_refine_tls.S[3][2]          0.3654 
# 
loop_
_pdbx_refine_tls_group.pdbx_refine_id 
_pdbx_refine_tls_group.beg_auth_seq_id 
_pdbx_refine_tls_group.selection_details 
_pdbx_refine_tls_group.id 
_pdbx_refine_tls_group.refine_tls_id 
_pdbx_refine_tls_group.beg_auth_asym_id 
_pdbx_refine_tls_group.end_auth_asym_id 
_pdbx_refine_tls_group.end_auth_seq_id 
_pdbx_refine_tls_group.beg_label_asym_id 
_pdbx_refine_tls_group.beg_label_seq_id 
_pdbx_refine_tls_group.end_label_asym_id 
_pdbx_refine_tls_group.end_label_seq_id 
_pdbx_refine_tls_group.selection 
'X-RAY DIFFRACTION' 1   ? 1 1 A A 144 . . . . ? 
'X-RAY DIFFRACTION' 159 ? 2 1 A A 168 . . . . ? 
# 
_phasing.method   MAD 
# 
loop_
_pdbx_unobs_or_zero_occ_residues.id 
_pdbx_unobs_or_zero_occ_residues.PDB_model_num 
_pdbx_unobs_or_zero_occ_residues.polymer_flag 
_pdbx_unobs_or_zero_occ_residues.occupancy_flag 
_pdbx_unobs_or_zero_occ_residues.auth_asym_id 
_pdbx_unobs_or_zero_occ_residues.auth_comp_id 
_pdbx_unobs_or_zero_occ_residues.auth_seq_id 
_pdbx_unobs_or_zero_occ_residues.PDB_ins_code 
_pdbx_unobs_or_zero_occ_residues.label_asym_id 
_pdbx_unobs_or_zero_occ_residues.label_comp_id 
_pdbx_unobs_or_zero_occ_residues.label_seq_id 
1  1 Y 1 A MSE -18 ? A MSE 1   
2  1 Y 1 A GLY -17 ? A GLY 2   
3  1 Y 1 A SER -16 ? A SER 3   
4  1 Y 1 A ASP -15 ? A ASP 4   
5  1 Y 1 A LYS -14 ? A LYS 5   
6  1 Y 1 A ILE -13 ? A ILE 6   
7  1 Y 1 A HIS -12 ? A HIS 7   
8  1 Y 1 A HIS -11 ? A HIS 8   
9  1 Y 1 A HIS -10 ? A HIS 9   
10 1 Y 1 A HIS -9  ? A HIS 10  
11 1 Y 1 A HIS -8  ? A HIS 11  
12 1 Y 1 A HIS -7  ? A HIS 12  
13 1 Y 1 A GLU -6  ? A GLU 13  
14 1 Y 1 A ASN -5  ? A ASN 14  
15 1 Y 1 A LEU -4  ? A LEU 15  
16 1 Y 1 A TYR -3  ? A TYR 16  
17 1 Y 1 A PHE -2  ? A PHE 17  
18 1 Y 1 A GLN -1  ? A GLN 18  
19 1 Y 1 A GLU 26  ? A GLU 45  
20 1 Y 1 A HIS 27  ? A HIS 46  
21 1 Y 1 A ASP 28  ? A ASP 47  
22 1 Y 1 A ASN 29  ? A ASN 48  
23 1 Y 1 A GLU 30  ? A GLU 49  
24 1 Y 1 A GLN 31  ? A GLN 50  
25 1 Y 1 A TRP 32  ? A TRP 51  
26 1 Y 1 A ASP 33  ? A ASP 52  
27 1 Y 1 A ASP 34  ? A ASP 53  
28 1 Y 1 A GLN 35  ? A GLN 54  
29 1 Y 1 A GLY 145 ? A GLY 164 
30 1 Y 1 A GLU 146 ? A GLU 165 
31 1 Y 1 A GLN 147 ? A GLN 166 
32 1 Y 1 A LEU 148 ? A LEU 167 
33 1 Y 1 A MSE 149 ? A MSE 168 
34 1 Y 1 A GLU 150 ? A GLU 169 
35 1 Y 1 A TYR 151 ? A TYR 170 
36 1 Y 1 A PRO 152 ? A PRO 171 
37 1 Y 1 A PRO 153 ? A PRO 172 
38 1 Y 1 A TYR 154 ? A TYR 173 
39 1 Y 1 A ASP 155 ? A ASP 174 
40 1 Y 1 A LYS 156 ? A LYS 175 
41 1 Y 1 A GLY 157 ? A GLY 176 
42 1 Y 1 A GLU 158 ? A GLU 177 
43 1 Y 1 A GLU 169 ? A GLU 188 
# 
loop_
_chem_comp_atom.comp_id 
_chem_comp_atom.atom_id 
_chem_comp_atom.type_symbol 
_chem_comp_atom.pdbx_aromatic_flag 
_chem_comp_atom.pdbx_stereo_config 
_chem_comp_atom.pdbx_ordinal 
ALA N    N  N N 1   
ALA CA   C  N S 2   
ALA C    C  N N 3   
ALA O    O  N N 4   
ALA CB   C  N N 5   
ALA OXT  O  N N 6   
ALA H    H  N N 7   
ALA H2   H  N N 8   
ALA HA   H  N N 9   
ALA HB1  H  N N 10  
ALA HB2  H  N N 11  
ALA HB3  H  N N 12  
ALA HXT  H  N N 13  
ARG N    N  N N 14  
ARG CA   C  N S 15  
ARG C    C  N N 16  
ARG O    O  N N 17  
ARG CB   C  N N 18  
ARG CG   C  N N 19  
ARG CD   C  N N 20  
ARG NE   N  N N 21  
ARG CZ   C  N N 22  
ARG NH1  N  N N 23  
ARG NH2  N  N N 24  
ARG OXT  O  N N 25  
ARG H    H  N N 26  
ARG H2   H  N N 27  
ARG HA   H  N N 28  
ARG HB2  H  N N 29  
ARG HB3  H  N N 30  
ARG HG2  H  N N 31  
ARG HG3  H  N N 32  
ARG HD2  H  N N 33  
ARG HD3  H  N N 34  
ARG HE   H  N N 35  
ARG HH11 H  N N 36  
ARG HH12 H  N N 37  
ARG HH21 H  N N 38  
ARG HH22 H  N N 39  
ARG HXT  H  N N 40  
ASN N    N  N N 41  
ASN CA   C  N S 42  
ASN C    C  N N 43  
ASN O    O  N N 44  
ASN CB   C  N N 45  
ASN CG   C  N N 46  
ASN OD1  O  N N 47  
ASN ND2  N  N N 48  
ASN OXT  O  N N 49  
ASN H    H  N N 50  
ASN H2   H  N N 51  
ASN HA   H  N N 52  
ASN HB2  H  N N 53  
ASN HB3  H  N N 54  
ASN HD21 H  N N 55  
ASN HD22 H  N N 56  
ASN HXT  H  N N 57  
ASP N    N  N N 58  
ASP CA   C  N S 59  
ASP C    C  N N 60  
ASP O    O  N N 61  
ASP CB   C  N N 62  
ASP CG   C  N N 63  
ASP OD1  O  N N 64  
ASP OD2  O  N N 65  
ASP OXT  O  N N 66  
ASP H    H  N N 67  
ASP H2   H  N N 68  
ASP HA   H  N N 69  
ASP HB2  H  N N 70  
ASP HB3  H  N N 71  
ASP HD2  H  N N 72  
ASP HXT  H  N N 73  
GLN N    N  N N 74  
GLN CA   C  N S 75  
GLN C    C  N N 76  
GLN O    O  N N 77  
GLN CB   C  N N 78  
GLN CG   C  N N 79  
GLN CD   C  N N 80  
GLN OE1  O  N N 81  
GLN NE2  N  N N 82  
GLN OXT  O  N N 83  
GLN H    H  N N 84  
GLN H2   H  N N 85  
GLN HA   H  N N 86  
GLN HB2  H  N N 87  
GLN HB3  H  N N 88  
GLN HG2  H  N N 89  
GLN HG3  H  N N 90  
GLN HE21 H  N N 91  
GLN HE22 H  N N 92  
GLN HXT  H  N N 93  
GLU N    N  N N 94  
GLU CA   C  N S 95  
GLU C    C  N N 96  
GLU O    O  N N 97  
GLU CB   C  N N 98  
GLU CG   C  N N 99  
GLU CD   C  N N 100 
GLU OE1  O  N N 101 
GLU OE2  O  N N 102 
GLU OXT  O  N N 103 
GLU H    H  N N 104 
GLU H2   H  N N 105 
GLU HA   H  N N 106 
GLU HB2  H  N N 107 
GLU HB3  H  N N 108 
GLU HG2  H  N N 109 
GLU HG3  H  N N 110 
GLU HE2  H  N N 111 
GLU HXT  H  N N 112 
GLY N    N  N N 113 
GLY CA   C  N N 114 
GLY C    C  N N 115 
GLY O    O  N N 116 
GLY OXT  O  N N 117 
GLY H    H  N N 118 
GLY H2   H  N N 119 
GLY HA2  H  N N 120 
GLY HA3  H  N N 121 
GLY HXT  H  N N 122 
HIS N    N  N N 123 
HIS CA   C  N S 124 
HIS C    C  N N 125 
HIS O    O  N N 126 
HIS CB   C  N N 127 
HIS CG   C  Y N 128 
HIS ND1  N  Y N 129 
HIS CD2  C  Y N 130 
HIS CE1  C  Y N 131 
HIS NE2  N  Y N 132 
HIS OXT  O  N N 133 
HIS H    H  N N 134 
HIS H2   H  N N 135 
HIS HA   H  N N 136 
HIS HB2  H  N N 137 
HIS HB3  H  N N 138 
HIS HD1  H  N N 139 
HIS HD2  H  N N 140 
HIS HE1  H  N N 141 
HIS HE2  H  N N 142 
HIS HXT  H  N N 143 
HOH O    O  N N 144 
HOH H1   H  N N 145 
HOH H2   H  N N 146 
ILE N    N  N N 147 
ILE CA   C  N S 148 
ILE C    C  N N 149 
ILE O    O  N N 150 
ILE CB   C  N S 151 
ILE CG1  C  N N 152 
ILE CG2  C  N N 153 
ILE CD1  C  N N 154 
ILE OXT  O  N N 155 
ILE H    H  N N 156 
ILE H2   H  N N 157 
ILE HA   H  N N 158 
ILE HB   H  N N 159 
ILE HG12 H  N N 160 
ILE HG13 H  N N 161 
ILE HG21 H  N N 162 
ILE HG22 H  N N 163 
ILE HG23 H  N N 164 
ILE HD11 H  N N 165 
ILE HD12 H  N N 166 
ILE HD13 H  N N 167 
ILE HXT  H  N N 168 
LEU N    N  N N 169 
LEU CA   C  N S 170 
LEU C    C  N N 171 
LEU O    O  N N 172 
LEU CB   C  N N 173 
LEU CG   C  N N 174 
LEU CD1  C  N N 175 
LEU CD2  C  N N 176 
LEU OXT  O  N N 177 
LEU H    H  N N 178 
LEU H2   H  N N 179 
LEU HA   H  N N 180 
LEU HB2  H  N N 181 
LEU HB3  H  N N 182 
LEU HG   H  N N 183 
LEU HD11 H  N N 184 
LEU HD12 H  N N 185 
LEU HD13 H  N N 186 
LEU HD21 H  N N 187 
LEU HD22 H  N N 188 
LEU HD23 H  N N 189 
LEU HXT  H  N N 190 
LYS N    N  N N 191 
LYS CA   C  N S 192 
LYS C    C  N N 193 
LYS O    O  N N 194 
LYS CB   C  N N 195 
LYS CG   C  N N 196 
LYS CD   C  N N 197 
LYS CE   C  N N 198 
LYS NZ   N  N N 199 
LYS OXT  O  N N 200 
LYS H    H  N N 201 
LYS H2   H  N N 202 
LYS HA   H  N N 203 
LYS HB2  H  N N 204 
LYS HB3  H  N N 205 
LYS HG2  H  N N 206 
LYS HG3  H  N N 207 
LYS HD2  H  N N 208 
LYS HD3  H  N N 209 
LYS HE2  H  N N 210 
LYS HE3  H  N N 211 
LYS HZ1  H  N N 212 
LYS HZ2  H  N N 213 
LYS HZ3  H  N N 214 
LYS HXT  H  N N 215 
MSE N    N  N N 216 
MSE CA   C  N S 217 
MSE C    C  N N 218 
MSE O    O  N N 219 
MSE OXT  O  N N 220 
MSE CB   C  N N 221 
MSE CG   C  N N 222 
MSE SE   SE N N 223 
MSE CE   C  N N 224 
MSE H    H  N N 225 
MSE H2   H  N N 226 
MSE HA   H  N N 227 
MSE HXT  H  N N 228 
MSE HB2  H  N N 229 
MSE HB3  H  N N 230 
MSE HG2  H  N N 231 
MSE HG3  H  N N 232 
MSE HE1  H  N N 233 
MSE HE2  H  N N 234 
MSE HE3  H  N N 235 
P33 O22  O  N N 236 
P33 C21  C  N N 237 
P33 C20  C  N N 238 
P33 O19  O  N N 239 
P33 C18  C  N N 240 
P33 C17  C  N N 241 
P33 O16  O  N N 242 
P33 C15  C  N N 243 
P33 C14  C  N N 244 
P33 O13  O  N N 245 
P33 C12  C  N N 246 
P33 C11  C  N N 247 
P33 O10  O  N N 248 
P33 C9   C  N N 249 
P33 C8   C  N N 250 
P33 O7   O  N N 251 
P33 C6   C  N N 252 
P33 C5   C  N N 253 
P33 O4   O  N N 254 
P33 C3   C  N N 255 
P33 C2   C  N N 256 
P33 O1   O  N N 257 
P33 H22  H  N N 258 
P33 H211 H  N N 259 
P33 H212 H  N N 260 
P33 H201 H  N N 261 
P33 H202 H  N N 262 
P33 H181 H  N N 263 
P33 H182 H  N N 264 
P33 H171 H  N N 265 
P33 H172 H  N N 266 
P33 H151 H  N N 267 
P33 H152 H  N N 268 
P33 H141 H  N N 269 
P33 H142 H  N N 270 
P33 H121 H  N N 271 
P33 H122 H  N N 272 
P33 H111 H  N N 273 
P33 H112 H  N N 274 
P33 H91  H  N N 275 
P33 H92  H  N N 276 
P33 H81  H  N N 277 
P33 H82  H  N N 278 
P33 H61  H  N N 279 
P33 H62  H  N N 280 
P33 H51  H  N N 281 
P33 H52  H  N N 282 
P33 H31  H  N N 283 
P33 H32  H  N N 284 
P33 H21  H  N N 285 
P33 H22A H  N N 286 
P33 HO1  H  N N 287 
PHE N    N  N N 288 
PHE CA   C  N S 289 
PHE C    C  N N 290 
PHE O    O  N N 291 
PHE CB   C  N N 292 
PHE CG   C  Y N 293 
PHE CD1  C  Y N 294 
PHE CD2  C  Y N 295 
PHE CE1  C  Y N 296 
PHE CE2  C  Y N 297 
PHE CZ   C  Y N 298 
PHE OXT  O  N N 299 
PHE H    H  N N 300 
PHE H2   H  N N 301 
PHE HA   H  N N 302 
PHE HB2  H  N N 303 
PHE HB3  H  N N 304 
PHE HD1  H  N N 305 
PHE HD2  H  N N 306 
PHE HE1  H  N N 307 
PHE HE2  H  N N 308 
PHE HZ   H  N N 309 
PHE HXT  H  N N 310 
PRO N    N  N N 311 
PRO CA   C  N S 312 
PRO C    C  N N 313 
PRO O    O  N N 314 
PRO CB   C  N N 315 
PRO CG   C  N N 316 
PRO CD   C  N N 317 
PRO OXT  O  N N 318 
PRO H    H  N N 319 
PRO HA   H  N N 320 
PRO HB2  H  N N 321 
PRO HB3  H  N N 322 
PRO HG2  H  N N 323 
PRO HG3  H  N N 324 
PRO HD2  H  N N 325 
PRO HD3  H  N N 326 
PRO HXT  H  N N 327 
SER N    N  N N 328 
SER CA   C  N S 329 
SER C    C  N N 330 
SER O    O  N N 331 
SER CB   C  N N 332 
SER OG   O  N N 333 
SER OXT  O  N N 334 
SER H    H  N N 335 
SER H2   H  N N 336 
SER HA   H  N N 337 
SER HB2  H  N N 338 
SER HB3  H  N N 339 
SER HG   H  N N 340 
SER HXT  H  N N 341 
THR N    N  N N 342 
THR CA   C  N S 343 
THR C    C  N N 344 
THR O    O  N N 345 
THR CB   C  N R 346 
THR OG1  O  N N 347 
THR CG2  C  N N 348 
THR OXT  O  N N 349 
THR H    H  N N 350 
THR H2   H  N N 351 
THR HA   H  N N 352 
THR HB   H  N N 353 
THR HG1  H  N N 354 
THR HG21 H  N N 355 
THR HG22 H  N N 356 
THR HG23 H  N N 357 
THR HXT  H  N N 358 
TRP N    N  N N 359 
TRP CA   C  N S 360 
TRP C    C  N N 361 
TRP O    O  N N 362 
TRP CB   C  N N 363 
TRP CG   C  Y N 364 
TRP CD1  C  Y N 365 
TRP CD2  C  Y N 366 
TRP NE1  N  Y N 367 
TRP CE2  C  Y N 368 
TRP CE3  C  Y N 369 
TRP CZ2  C  Y N 370 
TRP CZ3  C  Y N 371 
TRP CH2  C  Y N 372 
TRP OXT  O  N N 373 
TRP H    H  N N 374 
TRP H2   H  N N 375 
TRP HA   H  N N 376 
TRP HB2  H  N N 377 
TRP HB3  H  N N 378 
TRP HD1  H  N N 379 
TRP HE1  H  N N 380 
TRP HE3  H  N N 381 
TRP HZ2  H  N N 382 
TRP HZ3  H  N N 383 
TRP HH2  H  N N 384 
TRP HXT  H  N N 385 
TYR N    N  N N 386 
TYR CA   C  N S 387 
TYR C    C  N N 388 
TYR O    O  N N 389 
TYR CB   C  N N 390 
TYR CG   C  Y N 391 
TYR CD1  C  Y N 392 
TYR CD2  C  Y N 393 
TYR CE1  C  Y N 394 
TYR CE2  C  Y N 395 
TYR CZ   C  Y N 396 
TYR OH   O  N N 397 
TYR OXT  O  N N 398 
TYR H    H  N N 399 
TYR H2   H  N N 400 
TYR HA   H  N N 401 
TYR HB2  H  N N 402 
TYR HB3  H  N N 403 
TYR HD1  H  N N 404 
TYR HD2  H  N N 405 
TYR HE1  H  N N 406 
TYR HE2  H  N N 407 
TYR HH   H  N N 408 
TYR HXT  H  N N 409 
VAL N    N  N N 410 
VAL CA   C  N S 411 
VAL C    C  N N 412 
VAL O    O  N N 413 
VAL CB   C  N N 414 
VAL CG1  C  N N 415 
VAL CG2  C  N N 416 
VAL OXT  O  N N 417 
VAL H    H  N N 418 
VAL H2   H  N N 419 
VAL HA   H  N N 420 
VAL HB   H  N N 421 
VAL HG11 H  N N 422 
VAL HG12 H  N N 423 
VAL HG13 H  N N 424 
VAL HG21 H  N N 425 
VAL HG22 H  N N 426 
VAL HG23 H  N N 427 
VAL HXT  H  N N 428 
# 
loop_
_chem_comp_bond.comp_id 
_chem_comp_bond.atom_id_1 
_chem_comp_bond.atom_id_2 
_chem_comp_bond.value_order 
_chem_comp_bond.pdbx_aromatic_flag 
_chem_comp_bond.pdbx_stereo_config 
_chem_comp_bond.pdbx_ordinal 
ALA N   CA   sing N N 1   
ALA N   H    sing N N 2   
ALA N   H2   sing N N 3   
ALA CA  C    sing N N 4   
ALA CA  CB   sing N N 5   
ALA CA  HA   sing N N 6   
ALA C   O    doub N N 7   
ALA C   OXT  sing N N 8   
ALA CB  HB1  sing N N 9   
ALA CB  HB2  sing N N 10  
ALA CB  HB3  sing N N 11  
ALA OXT HXT  sing N N 12  
ARG N   CA   sing N N 13  
ARG N   H    sing N N 14  
ARG N   H2   sing N N 15  
ARG CA  C    sing N N 16  
ARG CA  CB   sing N N 17  
ARG CA  HA   sing N N 18  
ARG C   O    doub N N 19  
ARG C   OXT  sing N N 20  
ARG CB  CG   sing N N 21  
ARG CB  HB2  sing N N 22  
ARG CB  HB3  sing N N 23  
ARG CG  CD   sing N N 24  
ARG CG  HG2  sing N N 25  
ARG CG  HG3  sing N N 26  
ARG CD  NE   sing N N 27  
ARG CD  HD2  sing N N 28  
ARG CD  HD3  sing N N 29  
ARG NE  CZ   sing N N 30  
ARG NE  HE   sing N N 31  
ARG CZ  NH1  sing N N 32  
ARG CZ  NH2  doub N N 33  
ARG NH1 HH11 sing N N 34  
ARG NH1 HH12 sing N N 35  
ARG NH2 HH21 sing N N 36  
ARG NH2 HH22 sing N N 37  
ARG OXT HXT  sing N N 38  
ASN N   CA   sing N N 39  
ASN N   H    sing N N 40  
ASN N   H2   sing N N 41  
ASN CA  C    sing N N 42  
ASN CA  CB   sing N N 43  
ASN CA  HA   sing N N 44  
ASN C   O    doub N N 45  
ASN C   OXT  sing N N 46  
ASN CB  CG   sing N N 47  
ASN CB  HB2  sing N N 48  
ASN CB  HB3  sing N N 49  
ASN CG  OD1  doub N N 50  
ASN CG  ND2  sing N N 51  
ASN ND2 HD21 sing N N 52  
ASN ND2 HD22 sing N N 53  
ASN OXT HXT  sing N N 54  
ASP N   CA   sing N N 55  
ASP N   H    sing N N 56  
ASP N   H2   sing N N 57  
ASP CA  C    sing N N 58  
ASP CA  CB   sing N N 59  
ASP CA  HA   sing N N 60  
ASP C   O    doub N N 61  
ASP C   OXT  sing N N 62  
ASP CB  CG   sing N N 63  
ASP CB  HB2  sing N N 64  
ASP CB  HB3  sing N N 65  
ASP CG  OD1  doub N N 66  
ASP CG  OD2  sing N N 67  
ASP OD2 HD2  sing N N 68  
ASP OXT HXT  sing N N 69  
GLN N   CA   sing N N 70  
GLN N   H    sing N N 71  
GLN N   H2   sing N N 72  
GLN CA  C    sing N N 73  
GLN CA  CB   sing N N 74  
GLN CA  HA   sing N N 75  
GLN C   O    doub N N 76  
GLN C   OXT  sing N N 77  
GLN CB  CG   sing N N 78  
GLN CB  HB2  sing N N 79  
GLN CB  HB3  sing N N 80  
GLN CG  CD   sing N N 81  
GLN CG  HG2  sing N N 82  
GLN CG  HG3  sing N N 83  
GLN CD  OE1  doub N N 84  
GLN CD  NE2  sing N N 85  
GLN NE2 HE21 sing N N 86  
GLN NE2 HE22 sing N N 87  
GLN OXT HXT  sing N N 88  
GLU N   CA   sing N N 89  
GLU N   H    sing N N 90  
GLU N   H2   sing N N 91  
GLU CA  C    sing N N 92  
GLU CA  CB   sing N N 93  
GLU CA  HA   sing N N 94  
GLU C   O    doub N N 95  
GLU C   OXT  sing N N 96  
GLU CB  CG   sing N N 97  
GLU CB  HB2  sing N N 98  
GLU CB  HB3  sing N N 99  
GLU CG  CD   sing N N 100 
GLU CG  HG2  sing N N 101 
GLU CG  HG3  sing N N 102 
GLU CD  OE1  doub N N 103 
GLU CD  OE2  sing N N 104 
GLU OE2 HE2  sing N N 105 
GLU OXT HXT  sing N N 106 
GLY N   CA   sing N N 107 
GLY N   H    sing N N 108 
GLY N   H2   sing N N 109 
GLY CA  C    sing N N 110 
GLY CA  HA2  sing N N 111 
GLY CA  HA3  sing N N 112 
GLY C   O    doub N N 113 
GLY C   OXT  sing N N 114 
GLY OXT HXT  sing N N 115 
HIS N   CA   sing N N 116 
HIS N   H    sing N N 117 
HIS N   H2   sing N N 118 
HIS CA  C    sing N N 119 
HIS CA  CB   sing N N 120 
HIS CA  HA   sing N N 121 
HIS C   O    doub N N 122 
HIS C   OXT  sing N N 123 
HIS CB  CG   sing N N 124 
HIS CB  HB2  sing N N 125 
HIS CB  HB3  sing N N 126 
HIS CG  ND1  sing Y N 127 
HIS CG  CD2  doub Y N 128 
HIS ND1 CE1  doub Y N 129 
HIS ND1 HD1  sing N N 130 
HIS CD2 NE2  sing Y N 131 
HIS CD2 HD2  sing N N 132 
HIS CE1 NE2  sing Y N 133 
HIS CE1 HE1  sing N N 134 
HIS NE2 HE2  sing N N 135 
HIS OXT HXT  sing N N 136 
HOH O   H1   sing N N 137 
HOH O   H2   sing N N 138 
ILE N   CA   sing N N 139 
ILE N   H    sing N N 140 
ILE N   H2   sing N N 141 
ILE CA  C    sing N N 142 
ILE CA  CB   sing N N 143 
ILE CA  HA   sing N N 144 
ILE C   O    doub N N 145 
ILE C   OXT  sing N N 146 
ILE CB  CG1  sing N N 147 
ILE CB  CG2  sing N N 148 
ILE CB  HB   sing N N 149 
ILE CG1 CD1  sing N N 150 
ILE CG1 HG12 sing N N 151 
ILE CG1 HG13 sing N N 152 
ILE CG2 HG21 sing N N 153 
ILE CG2 HG22 sing N N 154 
ILE CG2 HG23 sing N N 155 
ILE CD1 HD11 sing N N 156 
ILE CD1 HD12 sing N N 157 
ILE CD1 HD13 sing N N 158 
ILE OXT HXT  sing N N 159 
LEU N   CA   sing N N 160 
LEU N   H    sing N N 161 
LEU N   H2   sing N N 162 
LEU CA  C    sing N N 163 
LEU CA  CB   sing N N 164 
LEU CA  HA   sing N N 165 
LEU C   O    doub N N 166 
LEU C   OXT  sing N N 167 
LEU CB  CG   sing N N 168 
LEU CB  HB2  sing N N 169 
LEU CB  HB3  sing N N 170 
LEU CG  CD1  sing N N 171 
LEU CG  CD2  sing N N 172 
LEU CG  HG   sing N N 173 
LEU CD1 HD11 sing N N 174 
LEU CD1 HD12 sing N N 175 
LEU CD1 HD13 sing N N 176 
LEU CD2 HD21 sing N N 177 
LEU CD2 HD22 sing N N 178 
LEU CD2 HD23 sing N N 179 
LEU OXT HXT  sing N N 180 
LYS N   CA   sing N N 181 
LYS N   H    sing N N 182 
LYS N   H2   sing N N 183 
LYS CA  C    sing N N 184 
LYS CA  CB   sing N N 185 
LYS CA  HA   sing N N 186 
LYS C   O    doub N N 187 
LYS C   OXT  sing N N 188 
LYS CB  CG   sing N N 189 
LYS CB  HB2  sing N N 190 
LYS CB  HB3  sing N N 191 
LYS CG  CD   sing N N 192 
LYS CG  HG2  sing N N 193 
LYS CG  HG3  sing N N 194 
LYS CD  CE   sing N N 195 
LYS CD  HD2  sing N N 196 
LYS CD  HD3  sing N N 197 
LYS CE  NZ   sing N N 198 
LYS CE  HE2  sing N N 199 
LYS CE  HE3  sing N N 200 
LYS NZ  HZ1  sing N N 201 
LYS NZ  HZ2  sing N N 202 
LYS NZ  HZ3  sing N N 203 
LYS OXT HXT  sing N N 204 
MSE N   CA   sing N N 205 
MSE N   H    sing N N 206 
MSE N   H2   sing N N 207 
MSE CA  C    sing N N 208 
MSE CA  CB   sing N N 209 
MSE CA  HA   sing N N 210 
MSE C   O    doub N N 211 
MSE C   OXT  sing N N 212 
MSE OXT HXT  sing N N 213 
MSE CB  CG   sing N N 214 
MSE CB  HB2  sing N N 215 
MSE CB  HB3  sing N N 216 
MSE CG  SE   sing N N 217 
MSE CG  HG2  sing N N 218 
MSE CG  HG3  sing N N 219 
MSE SE  CE   sing N N 220 
MSE CE  HE1  sing N N 221 
MSE CE  HE2  sing N N 222 
MSE CE  HE3  sing N N 223 
P33 O22 C21  sing N N 224 
P33 O22 H22  sing N N 225 
P33 C21 C20  sing N N 226 
P33 C21 H211 sing N N 227 
P33 C21 H212 sing N N 228 
P33 C20 O19  sing N N 229 
P33 C20 H201 sing N N 230 
P33 C20 H202 sing N N 231 
P33 O19 C18  sing N N 232 
P33 C18 C17  sing N N 233 
P33 C18 H181 sing N N 234 
P33 C18 H182 sing N N 235 
P33 C17 O16  sing N N 236 
P33 C17 H171 sing N N 237 
P33 C17 H172 sing N N 238 
P33 O16 C15  sing N N 239 
P33 C15 C14  sing N N 240 
P33 C15 H151 sing N N 241 
P33 C15 H152 sing N N 242 
P33 C14 O13  sing N N 243 
P33 C14 H141 sing N N 244 
P33 C14 H142 sing N N 245 
P33 O13 C12  sing N N 246 
P33 C12 C11  sing N N 247 
P33 C12 H121 sing N N 248 
P33 C12 H122 sing N N 249 
P33 C11 O10  sing N N 250 
P33 C11 H111 sing N N 251 
P33 C11 H112 sing N N 252 
P33 O10 C9   sing N N 253 
P33 C9  C8   sing N N 254 
P33 C9  H91  sing N N 255 
P33 C9  H92  sing N N 256 
P33 C8  O7   sing N N 257 
P33 C8  H81  sing N N 258 
P33 C8  H82  sing N N 259 
P33 O7  C6   sing N N 260 
P33 C6  C5   sing N N 261 
P33 C6  H61  sing N N 262 
P33 C6  H62  sing N N 263 
P33 C5  O4   sing N N 264 
P33 C5  H51  sing N N 265 
P33 C5  H52  sing N N 266 
P33 O4  C3   sing N N 267 
P33 C3  C2   sing N N 268 
P33 C3  H31  sing N N 269 
P33 C3  H32  sing N N 270 
P33 C2  O1   sing N N 271 
P33 C2  H21  sing N N 272 
P33 C2  H22A sing N N 273 
P33 O1  HO1  sing N N 274 
PHE N   CA   sing N N 275 
PHE N   H    sing N N 276 
PHE N   H2   sing N N 277 
PHE CA  C    sing N N 278 
PHE CA  CB   sing N N 279 
PHE CA  HA   sing N N 280 
PHE C   O    doub N N 281 
PHE C   OXT  sing N N 282 
PHE CB  CG   sing N N 283 
PHE CB  HB2  sing N N 284 
PHE CB  HB3  sing N N 285 
PHE CG  CD1  doub Y N 286 
PHE CG  CD2  sing Y N 287 
PHE CD1 CE1  sing Y N 288 
PHE CD1 HD1  sing N N 289 
PHE CD2 CE2  doub Y N 290 
PHE CD2 HD2  sing N N 291 
PHE CE1 CZ   doub Y N 292 
PHE CE1 HE1  sing N N 293 
PHE CE2 CZ   sing Y N 294 
PHE CE2 HE2  sing N N 295 
PHE CZ  HZ   sing N N 296 
PHE OXT HXT  sing N N 297 
PRO N   CA   sing N N 298 
PRO N   CD   sing N N 299 
PRO N   H    sing N N 300 
PRO CA  C    sing N N 301 
PRO CA  CB   sing N N 302 
PRO CA  HA   sing N N 303 
PRO C   O    doub N N 304 
PRO C   OXT  sing N N 305 
PRO CB  CG   sing N N 306 
PRO CB  HB2  sing N N 307 
PRO CB  HB3  sing N N 308 
PRO CG  CD   sing N N 309 
PRO CG  HG2  sing N N 310 
PRO CG  HG3  sing N N 311 
PRO CD  HD2  sing N N 312 
PRO CD  HD3  sing N N 313 
PRO OXT HXT  sing N N 314 
SER N   CA   sing N N 315 
SER N   H    sing N N 316 
SER N   H2   sing N N 317 
SER CA  C    sing N N 318 
SER CA  CB   sing N N 319 
SER CA  HA   sing N N 320 
SER C   O    doub N N 321 
SER C   OXT  sing N N 322 
SER CB  OG   sing N N 323 
SER CB  HB2  sing N N 324 
SER CB  HB3  sing N N 325 
SER OG  HG   sing N N 326 
SER OXT HXT  sing N N 327 
THR N   CA   sing N N 328 
THR N   H    sing N N 329 
THR N   H2   sing N N 330 
THR CA  C    sing N N 331 
THR CA  CB   sing N N 332 
THR CA  HA   sing N N 333 
THR C   O    doub N N 334 
THR C   OXT  sing N N 335 
THR CB  OG1  sing N N 336 
THR CB  CG2  sing N N 337 
THR CB  HB   sing N N 338 
THR OG1 HG1  sing N N 339 
THR CG2 HG21 sing N N 340 
THR CG2 HG22 sing N N 341 
THR CG2 HG23 sing N N 342 
THR OXT HXT  sing N N 343 
TRP N   CA   sing N N 344 
TRP N   H    sing N N 345 
TRP N   H2   sing N N 346 
TRP CA  C    sing N N 347 
TRP CA  CB   sing N N 348 
TRP CA  HA   sing N N 349 
TRP C   O    doub N N 350 
TRP C   OXT  sing N N 351 
TRP CB  CG   sing N N 352 
TRP CB  HB2  sing N N 353 
TRP CB  HB3  sing N N 354 
TRP CG  CD1  doub Y N 355 
TRP CG  CD2  sing Y N 356 
TRP CD1 NE1  sing Y N 357 
TRP CD1 HD1  sing N N 358 
TRP CD2 CE2  doub Y N 359 
TRP CD2 CE3  sing Y N 360 
TRP NE1 CE2  sing Y N 361 
TRP NE1 HE1  sing N N 362 
TRP CE2 CZ2  sing Y N 363 
TRP CE3 CZ3  doub Y N 364 
TRP CE3 HE3  sing N N 365 
TRP CZ2 CH2  doub Y N 366 
TRP CZ2 HZ2  sing N N 367 
TRP CZ3 CH2  sing Y N 368 
TRP CZ3 HZ3  sing N N 369 
TRP CH2 HH2  sing N N 370 
TRP OXT HXT  sing N N 371 
TYR N   CA   sing N N 372 
TYR N   H    sing N N 373 
TYR N   H2   sing N N 374 
TYR CA  C    sing N N 375 
TYR CA  CB   sing N N 376 
TYR CA  HA   sing N N 377 
TYR C   O    doub N N 378 
TYR C   OXT  sing N N 379 
TYR CB  CG   sing N N 380 
TYR CB  HB2  sing N N 381 
TYR CB  HB3  sing N N 382 
TYR CG  CD1  doub Y N 383 
TYR CG  CD2  sing Y N 384 
TYR CD1 CE1  sing Y N 385 
TYR CD1 HD1  sing N N 386 
TYR CD2 CE2  doub Y N 387 
TYR CD2 HD2  sing N N 388 
TYR CE1 CZ   doub Y N 389 
TYR CE1 HE1  sing N N 390 
TYR CE2 CZ   sing Y N 391 
TYR CE2 HE2  sing N N 392 
TYR CZ  OH   sing N N 393 
TYR OH  HH   sing N N 394 
TYR OXT HXT  sing N N 395 
VAL N   CA   sing N N 396 
VAL N   H    sing N N 397 
VAL N   H2   sing N N 398 
VAL CA  C    sing N N 399 
VAL CA  CB   sing N N 400 
VAL CA  HA   sing N N 401 
VAL C   O    doub N N 402 
VAL C   OXT  sing N N 403 
VAL CB  CG1  sing N N 404 
VAL CB  CG2  sing N N 405 
VAL CB  HB   sing N N 406 
VAL CG1 HG11 sing N N 407 
VAL CG1 HG12 sing N N 408 
VAL CG1 HG13 sing N N 409 
VAL CG2 HG21 sing N N 410 
VAL CG2 HG22 sing N N 411 
VAL CG2 HG23 sing N N 412 
VAL OXT HXT  sing N N 413 
# 
_atom_sites.entry_id                    3H4Q 
_atom_sites.fract_transf_matrix[1][1]   -0.01269124 
_atom_sites.fract_transf_matrix[1][2]   -0.00350807 
_atom_sites.fract_transf_matrix[1][3]   -0.00366149 
_atom_sites.fract_transf_matrix[2][1]   -0.00409319 
_atom_sites.fract_transf_matrix[2][2]   -0.01299070 
_atom_sites.fract_transf_matrix[2][3]   0.00112890 
_atom_sites.fract_transf_matrix[3][1]   -0.00457084 
_atom_sites.fract_transf_matrix[3][2]   0.00260048 
_atom_sites.fract_transf_matrix[3][3]   0.01335168 
_atom_sites.fract_transf_vector[1]      0.818049 
_atom_sites.fract_transf_vector[2]      0.313899 
_atom_sites.fract_transf_vector[3]      0.117321 
# 
loop_
_atom_type.symbol 
C  
N  
O  
SE 
# 
loop_
_atom_site.group_PDB 
_atom_site.id 
_atom_site.type_symbol 
_atom_site.label_atom_id 
_atom_site.label_alt_id 
_atom_site.label_comp_id 
_atom_site.label_asym_id 
_atom_site.label_entity_id 
_atom_site.label_seq_id 
_atom_site.pdbx_PDB_ins_code 
_atom_site.Cartn_x 
_atom_site.Cartn_y 
_atom_site.Cartn_z 
_atom_site.occupancy 
_atom_site.B_iso_or_equiv 
_atom_site.pdbx_formal_charge 
_atom_site.auth_seq_id 
_atom_site.auth_comp_id 
_atom_site.auth_asym_id 
_atom_site.auth_atom_id 
_atom_site.pdbx_PDB_model_num 
ATOM   1    N  N   . GLY A 1 19  ? -6.013  -13.663 -6.411  1.00 77.29  ? 0   GLY A N   1 
ATOM   2    C  CA  . GLY A 1 19  ? -6.583  -14.999 -6.074  1.00 77.39  ? 0   GLY A CA  1 
ATOM   3    C  C   . GLY A 1 19  ? -6.672  -15.190 -4.573  1.00 76.31  ? 0   GLY A C   1 
ATOM   4    O  O   . GLY A 1 19  ? -7.769  -15.368 -4.033  1.00 79.87  ? 0   GLY A O   1 
HETATM 5    N  N   A MSE A 1 20  ? -5.490  -15.019 -3.984  0.25 71.01  ? 1   MSE A N   1 
HETATM 6    N  N   B MSE A 1 20  ? -5.563  -15.259 -3.831  0.75 77.78  ? 1   MSE A N   1 
HETATM 7    C  CA  A MSE A 1 20  ? -5.127  -15.305 -2.608  0.25 65.82  ? 1   MSE A CA  1 
HETATM 8    C  CA  B MSE A 1 20  ? -5.742  -15.221 -2.354  0.75 76.55  ? 1   MSE A CA  1 
HETATM 9    C  C   A MSE A 1 20  ? -5.020  -14.015 -1.769  0.25 62.12  ? 1   MSE A C   1 
HETATM 10   C  C   B MSE A 1 20  ? -5.107  -14.013 -1.720  0.75 66.97  ? 1   MSE A C   1 
HETATM 11   O  O   A MSE A 1 20  ? -4.508  -14.036 -0.645  0.25 60.13  ? 1   MSE A O   1 
HETATM 12   O  O   B MSE A 1 20  ? -4.286  -14.065 -0.793  0.75 61.67  ? 1   MSE A O   1 
HETATM 13   C  CB  A MSE A 1 20  ? -3.731  -15.924 -2.733  0.25 64.27  ? 1   MSE A CB  1 
HETATM 14   C  CB  B MSE A 1 20  ? -5.482  -16.511 -1.568  0.75 76.45  ? 1   MSE A CB  1 
HETATM 15   C  CG  A MSE A 1 20  ? -3.469  -17.166 -2.005  0.25 63.81  ? 1   MSE A CG  1 
HETATM 16   C  CG  B MSE A 1 20  ? -6.008  -16.407 -0.059  0.75 79.94  ? 1   MSE A CG  1 
HETATM 17   SE SE  A MSE A 1 20  ? -1.743  -17.806 -2.634  0.19 66.13  ? 1   MSE A SE  1 
HETATM 18   SE SE  B MSE A 1 20  ? -7.955  -16.602 0.381   0.56 93.78  ? 1   MSE A SE  1 
HETATM 19   C  CE  A MSE A 1 20  ? -1.860  -19.649 -1.985  0.25 61.08  ? 1   MSE A CE  1 
HETATM 20   C  CE  B MSE A 1 20  ? -8.837  -15.137 -0.689  0.75 87.36  ? 1   MSE A CE  1 
ATOM   21   N  N   . ILE A 1 21  ? -5.524  -12.912 -2.324  1.00 59.18  ? 2   ILE A N   1 
ATOM   22   C  CA  . ILE A 1 21  ? -5.417  -11.625 -1.759  1.00 52.43  ? 2   ILE A CA  1 
ATOM   23   C  C   . ILE A 1 21  ? -6.825  -11.499 -1.153  1.00 50.18  ? 2   ILE A C   1 
ATOM   24   O  O   . ILE A 1 21  ? -7.794  -11.984 -1.719  1.00 47.60  ? 2   ILE A O   1 
ATOM   25   C  CB  . ILE A 1 21  ? -5.133  -10.610 -2.842  1.00 51.21  ? 2   ILE A CB  1 
ATOM   26   C  CG1 . ILE A 1 21  ? -3.679  -10.826 -3.318  1.00 48.82  ? 2   ILE A CG1 1 
ATOM   27   C  CG2 . ILE A 1 21  ? -5.384  -9.205  -2.310  1.00 43.71  ? 2   ILE A CG2 1 
ATOM   28   C  CD1 . ILE A 1 21  ? -3.214  -10.010 -4.548  1.00 46.97  ? 2   ILE A CD1 1 
ATOM   29   N  N   . ARG A 1 22  ? -6.944  -10.993 0.066   1.00 48.25  ? 3   ARG A N   1 
ATOM   30   C  CA  . ARG A 1 22  ? -8.263  -10.798 0.623   1.00 45.34  ? 3   ARG A CA  1 
ATOM   31   C  C   . ARG A 1 22  ? -8.180  -9.631  1.558   1.00 47.73  ? 3   ARG A C   1 
ATOM   32   O  O   . ARG A 1 22  ? -7.090  -9.164  1.833   1.00 50.26  ? 3   ARG A O   1 
ATOM   33   C  CB  . ARG A 1 22  ? -8.721  -12.039 1.357   1.00 43.14  ? 3   ARG A CB  1 
ATOM   34   C  CG  . ARG A 1 22  ? -7.771  -12.501 2.464   1.00 44.86  ? 3   ARG A CG  1 
ATOM   35   C  CD  . ARG A 1 22  ? -8.438  -13.496 3.355   1.00 40.57  ? 3   ARG A CD  1 
ATOM   36   N  NE  . ARG A 1 22  ? -7.550  -14.025 4.387   1.00 41.92  ? 3   ARG A NE  1 
ATOM   37   C  CZ  . ARG A 1 22  ? -7.234  -13.389 5.518   1.00 45.18  ? 3   ARG A CZ  1 
ATOM   38   N  NH1 . ARG A 1 22  ? -7.716  -12.183 5.788   1.00 45.11  ? 3   ARG A NH1 1 
ATOM   39   N  NH2 . ARG A 1 22  ? -6.429  -13.975 6.395   1.00 39.11  ? 3   ARG A NH2 1 
ATOM   40   N  N   . LEU A 1 23  ? -9.316  -9.153  2.052   1.00 48.26  ? 4   LEU A N   1 
ATOM   41   C  CA  . LEU A 1 23  ? -9.266  -8.097  3.045   1.00 48.97  ? 4   LEU A CA  1 
ATOM   42   C  C   . LEU A 1 23  ? -8.687  -8.677  4.341   1.00 50.40  ? 4   LEU A C   1 
ATOM   43   O  O   . LEU A 1 23  ? -8.984  -9.830  4.729   1.00 47.59  ? 4   LEU A O   1 
ATOM   44   C  CB  . LEU A 1 23  ? -10.651 -7.548  3.365   1.00 46.21  ? 4   LEU A CB  1 
ATOM   45   C  CG  . LEU A 1 23  ? -11.385 -6.698  2.348   1.00 47.52  ? 4   LEU A CG  1 
ATOM   46   C  CD1 . LEU A 1 23  ? -12.829 -6.499  2.883   1.00 35.34  ? 4   LEU A CD1 1 
ATOM   47   C  CD2 . LEU A 1 23  ? -10.652 -5.377  2.110   1.00 37.77  ? 4   LEU A CD2 1 
ATOM   48   N  N   . GLY A 1 24  ? -7.907  -7.845  5.022   1.00 50.86  ? 5   GLY A N   1 
ATOM   49   C  CA  . GLY A 1 24  ? -7.349  -8.193  6.305   1.00 50.59  ? 5   GLY A CA  1 
ATOM   50   C  C   . GLY A 1 24  ? -8.456  -8.129  7.327   1.00 50.90  ? 5   GLY A C   1 
ATOM   51   O  O   . GLY A 1 24  ? -9.431  -7.416  7.154   1.00 54.22  ? 5   GLY A O   1 
ATOM   52   N  N   . LYS A 1 25  ? -8.291  -8.889  8.391   1.00 51.23  ? 6   LYS A N   1 
ATOM   53   C  CA  . LYS A 1 25  ? -9.237  -8.952  9.459   1.00 53.27  ? 6   LYS A CA  1 
ATOM   54   C  C   . LYS A 1 25  ? -8.465  -8.704  10.747  1.00 52.30  ? 6   LYS A C   1 
ATOM   55   O  O   . LYS A 1 25  ? -7.235  -8.690  10.762  1.00 53.91  ? 6   LYS A O   1 
ATOM   56   C  CB  . LYS A 1 25  ? -9.865  -10.331 9.481   1.00 52.91  ? 6   LYS A CB  1 
ATOM   57   C  CG  . LYS A 1 25  ? -10.647 -10.651 8.224   1.00 56.93  ? 6   LYS A CG  1 
ATOM   58   C  CD  . LYS A 1 25  ? -11.377 -12.001 8.326   1.00 60.78  ? 6   LYS A CD  1 
ATOM   59   C  CE  . LYS A 1 25  ? -10.407 -13.210 8.344   1.00 69.00  ? 6   LYS A CE  1 
ATOM   60   N  NZ  . LYS A 1 25  ? -11.115 -14.514 8.519   1.00 69.66  ? 6   LYS A NZ  1 
HETATM 61   N  N   . MSE A 1 26  ? -9.191  -8.555  11.832  1.00 49.92  ? 7   MSE A N   1 
HETATM 62   C  CA  . MSE A 1 26  ? -8.583  -8.268  13.104  1.00 50.75  ? 7   MSE A CA  1 
HETATM 63   C  C   . MSE A 1 26  ? -7.685  -9.433  13.531  1.00 49.71  ? 7   MSE A C   1 
HETATM 64   O  O   . MSE A 1 26  ? -6.624  -9.227  14.141  1.00 47.76  ? 7   MSE A O   1 
HETATM 65   C  CB  . MSE A 1 26  ? -9.675  -7.985  14.139  1.00 50.74  ? 7   MSE A CB  1 
HETATM 66   C  CG  . MSE A 1 26  ? -9.302  -6.869  15.079  1.00 59.97  ? 7   MSE A CG  1 
HETATM 67   SE SE  . MSE A 1 26  ? -8.964  -5.189  14.114  0.75 60.00  ? 7   MSE A SE  1 
HETATM 68   C  CE  . MSE A 1 26  ? -10.764 -4.736  13.556  1.00 64.45  ? 7   MSE A CE  1 
ATOM   69   N  N   . SER A 1 27  ? -8.079  -10.650 13.151  1.00 47.73  ? 8   SER A N   1 
ATOM   70   C  CA  . SER A 1 27  ? -7.297  -11.846 13.471  1.00 46.62  ? 8   SER A CA  1 
ATOM   71   C  C   . SER A 1 27  ? -5.963  -11.923 12.724  1.00 44.88  ? 8   SER A C   1 
ATOM   72   O  O   . SER A 1 27  ? -5.143  -12.774 13.026  1.00 44.29  ? 8   SER A O   1 
ATOM   73   C  CB  . SER A 1 27  ? -8.128  -13.088 13.162  1.00 46.52  ? 8   SER A CB  1 
ATOM   74   O  OG  . SER A 1 27  ? -8.644  -12.994 11.849  1.00 52.02  ? 8   SER A OG  1 
ATOM   75   N  N   . ASP A 1 28  ? -5.766  -11.071 11.718  1.00 43.48  ? 9   ASP A N   1 
ATOM   76   C  CA  . ASP A 1 28  ? -4.500  -11.003 10.997  1.00 43.07  ? 9   ASP A CA  1 
ATOM   77   C  C   . ASP A 1 28  ? -3.507  -9.968  11.577  1.00 43.04  ? 9   ASP A C   1 
ATOM   78   O  O   . ASP A 1 28  ? -2.355  -9.909  11.112  1.00 43.48  ? 9   ASP A O   1 
ATOM   79   C  CB  . ASP A 1 28  ? -4.764  -10.534 9.576   1.00 43.63  ? 9   ASP A CB  1 
ATOM   80   C  CG  . ASP A 1 28  ? -5.645  -11.479 8.777   1.00 45.04  ? 9   ASP A CG  1 
ATOM   81   O  OD1 . ASP A 1 28  ? -5.423  -12.696 8.801   1.00 46.94  ? 9   ASP A OD1 1 
ATOM   82   O  OD2 . ASP A 1 28  ? -6.524  -10.980 8.048   1.00 48.49  ? 9   ASP A OD2 1 
ATOM   83   N  N   . LEU A 1 29  ? -3.936  -9.190  12.581  1.00 40.95  ? 10  LEU A N   1 
ATOM   84   C  CA  A LEU A 1 29  ? -3.137  -8.087  13.123  0.50 40.25  ? 10  LEU A CA  1 
ATOM   85   C  CA  B LEU A 1 29  ? -3.114  -8.086  13.099  0.50 41.72  ? 10  LEU A CA  1 
ATOM   86   C  C   . LEU A 1 29  ? -1.741  -8.467  13.618  1.00 40.53  ? 10  LEU A C   1 
ATOM   87   O  O   . LEU A 1 29  ? -0.764  -7.799  13.309  1.00 42.17  ? 10  LEU A O   1 
ATOM   88   C  CB  A LEU A 1 29  ? -3.913  -7.386  14.240  0.50 39.38  ? 10  LEU A CB  1 
ATOM   89   C  CB  B LEU A 1 29  ? -3.858  -7.243  14.145  0.50 41.51  ? 10  LEU A CB  1 
ATOM   90   C  CG  A LEU A 1 29  ? -3.312  -6.102  14.818  0.50 39.37  ? 10  LEU A CG  1 
ATOM   91   C  CG  B LEU A 1 29  ? -4.712  -6.105  13.572  0.50 44.62  ? 10  LEU A CG  1 
ATOM   92   C  CD1 A LEU A 1 29  ? -2.924  -5.089  13.713  0.50 27.11  ? 10  LEU A CD1 1 
ATOM   93   C  CD1 B LEU A 1 29  ? -5.514  -5.428  14.676  0.50 44.55  ? 10  LEU A CD1 1 
ATOM   94   C  CD2 A LEU A 1 29  ? -4.294  -5.502  15.813  0.50 35.90  ? 10  LEU A CD2 1 
ATOM   95   C  CD2 B LEU A 1 29  ? -3.823  -5.078  12.849  0.50 40.74  ? 10  LEU A CD2 1 
ATOM   96   N  N   . ASP A 1 30  ? -1.653  -9.527  14.392  1.00 40.38  ? 11  ASP A N   1 
ATOM   97   C  CA  . ASP A 1 30  ? -0.355  -9.942  14.891  1.00 40.44  ? 11  ASP A CA  1 
ATOM   98   C  C   . ASP A 1 30  ? 0.615   -10.217 13.732  1.00 41.19  ? 11  ASP A C   1 
ATOM   99   O  O   . ASP A 1 30  ? 1.765   -9.835  13.799  1.00 40.85  ? 11  ASP A O   1 
ATOM   100  C  CB  . ASP A 1 30  ? -0.460  -11.123 15.873  1.00 41.65  ? 11  ASP A CB  1 
ATOM   101  C  CG  . ASP A 1 30  ? -1.094  -12.352 15.276  1.00 41.02  ? 11  ASP A CG  1 
ATOM   102  O  OD1 . ASP A 1 30  ? -1.561  -12.299 14.106  1.00 48.55  ? 11  ASP A OD1 1 
ATOM   103  O  OD2 . ASP A 1 30  ? -1.136  -13.382 16.001  1.00 46.88  ? 11  ASP A OD2 1 
ATOM   104  N  N   . GLN A 1 31  ? 0.144   -10.828 12.652  1.00 42.89  ? 12  GLN A N   1 
ATOM   105  C  CA  . GLN A 1 31  ? 1.017   -11.082 11.516  1.00 44.06  ? 12  GLN A CA  1 
ATOM   106  C  C   . GLN A 1 31  ? 1.343   -9.774  10.799  1.00 45.19  ? 12  GLN A C   1 
ATOM   107  O  O   . GLN A 1 31  ? 2.486   -9.532  10.426  1.00 45.50  ? 12  GLN A O   1 
ATOM   108  C  CB  . GLN A 1 31  ? 0.422   -12.130 10.569  1.00 42.13  ? 12  GLN A CB  1 
ATOM   109  C  CG  . GLN A 1 31  ? 0.416   -13.531 11.190  1.00 45.72  ? 12  GLN A CG  1 
ATOM   110  C  CD  . GLN A 1 31  ? 0.241   -14.644 10.167  1.00 45.95  ? 12  GLN A CD  1 
ATOM   111  O  OE1 . GLN A 1 31  ? 1.107   -14.875 9.310   1.00 46.90  ? 12  GLN A OE1 1 
ATOM   112  N  NE2 . GLN A 1 31  ? -0.865  -15.367 10.276  1.00 49.42  ? 12  GLN A NE2 1 
ATOM   113  N  N   . ILE A 1 32  ? 0.346   -8.916  10.644  1.00 46.03  ? 13  ILE A N   1 
ATOM   114  C  CA  . ILE A 1 32  ? 0.570   -7.619  10.010  1.00 45.60  ? 13  ILE A CA  1 
ATOM   115  C  C   . ILE A 1 32  ? 1.665   -6.851  10.773  1.00 44.81  ? 13  ILE A C   1 
ATOM   116  O  O   . ILE A 1 32  ? 2.632   -6.369  10.177  1.00 40.26  ? 13  ILE A O   1 
ATOM   117  C  CB  . ILE A 1 32  ? -0.719  -6.791  9.973   1.00 44.82  ? 13  ILE A CB  1 
ATOM   118  C  CG1 . ILE A 1 32  ? -1.713  -7.425  8.980   1.00 47.61  ? 13  ILE A CG1 1 
ATOM   119  C  CG2 . ILE A 1 32  ? -0.395  -5.371  9.561   1.00 42.86  ? 13  ILE A CG2 1 
ATOM   120  C  CD1 . ILE A 1 32  ? -3.139  -6.836  9.029   1.00 45.33  ? 13  ILE A CD1 1 
ATOM   121  N  N   . LEU A 1 33  ? 1.525   -6.781  12.098  1.00 43.96  ? 14  LEU A N   1 
ATOM   122  C  CA  . LEU A 1 33  ? 2.513   -6.092  12.916  1.00 43.77  ? 14  LEU A CA  1 
ATOM   123  C  C   . LEU A 1 33  ? 3.903   -6.712  12.794  1.00 43.72  ? 14  LEU A C   1 
ATOM   124  O  O   . LEU A 1 33  ? 4.890   -5.988  12.675  1.00 45.32  ? 14  LEU A O   1 
ATOM   125  C  CB  . LEU A 1 33  ? 2.077   -6.039  14.376  1.00 42.42  ? 14  LEU A CB  1 
ATOM   126  C  CG  . LEU A 1 33  ? 0.887   -5.126  14.648  1.00 42.87  ? 14  LEU A CG  1 
ATOM   127  C  CD1 . LEU A 1 33  ? 0.453   -5.217  16.105  1.00 44.06  ? 14  LEU A CD1 1 
ATOM   128  C  CD2 . LEU A 1 33  ? 1.239   -3.692  14.290  1.00 44.84  ? 14  LEU A CD2 1 
ATOM   129  N  N   . ASN A 1 34  ? 3.987   -8.037  12.797  1.00 41.90  ? 15  ASN A N   1 
ATOM   130  C  CA  . ASN A 1 34  ? 5.281   -8.698  12.679  1.00 40.65  ? 15  ASN A CA  1 
ATOM   131  C  C   . ASN A 1 34  ? 5.935   -8.427  11.311  1.00 40.36  ? 15  ASN A C   1 
ATOM   132  O  O   . ASN A 1 34  ? 7.142   -8.416  11.206  1.00 39.29  ? 15  ASN A O   1 
ATOM   133  C  CB  . ASN A 1 34  ? 5.136   -10.185 12.931  1.00 40.04  ? 15  ASN A CB  1 
ATOM   134  C  CG  . ASN A 1 34  ? 6.451   -10.910 12.915  1.00 34.42  ? 15  ASN A CG  1 
ATOM   135  O  OD1 . ASN A 1 34  ? 7.236   -10.832 13.850  1.00 45.25  ? 15  ASN A OD1 1 
ATOM   136  N  ND2 . ASN A 1 34  ? 6.678   -11.668 11.862  1.00 33.53  ? 15  ASN A ND2 1 
ATOM   137  N  N   . LEU A 1 35  ? 5.147   -8.201  10.265  1.00 42.04  ? 16  LEU A N   1 
ATOM   138  C  CA  . LEU A 1 35  ? 5.727   -7.844  8.959   1.00 42.96  ? 16  LEU A CA  1 
ATOM   139  C  C   . LEU A 1 35  ? 6.336   -6.433  9.019   1.00 45.76  ? 16  LEU A C   1 
ATOM   140  O  O   . LEU A 1 35  ? 7.404   -6.185  8.456   1.00 44.01  ? 16  LEU A O   1 
ATOM   141  C  CB  . LEU A 1 35  ? 4.703   -7.930  7.828   1.00 38.61  ? 16  LEU A CB  1 
ATOM   142  C  CG  . LEU A 1 35  ? 4.264   -9.343  7.438   1.00 39.69  ? 16  LEU A CG  1 
ATOM   143  C  CD1 . LEU A 1 35  ? 3.224   -9.286  6.313   1.00 45.25  ? 16  LEU A CD1 1 
ATOM   144  C  CD2 . LEU A 1 35  ? 5.416   -10.249 7.031   1.00 39.54  ? 16  LEU A CD2 1 
ATOM   145  N  N   . VAL A 1 36  ? 5.645   -5.523  9.702   1.00 49.11  ? 17  VAL A N   1 
ATOM   146  C  CA  . VAL A 1 36  ? 6.148   -4.172  9.895   1.00 50.76  ? 17  VAL A CA  1 
ATOM   147  C  C   . VAL A 1 36  ? 7.474   -4.216  10.646  1.00 52.00  ? 17  VAL A C   1 
ATOM   148  O  O   . VAL A 1 36  ? 8.465   -3.671  10.171  1.00 53.76  ? 17  VAL A O   1 
ATOM   149  C  CB  . VAL A 1 36  ? 5.155   -3.280  10.665  1.00 50.56  ? 17  VAL A CB  1 
ATOM   150  C  CG1 . VAL A 1 36  ? 5.824   -1.975  11.061  1.00 49.12  ? 17  VAL A CG1 1 
ATOM   151  C  CG2 . VAL A 1 36  ? 3.912   -3.027  9.831   1.00 51.10  ? 17  VAL A CG2 1 
ATOM   152  N  N   . GLU A 1 37  ? 7.501   -4.888  11.790  1.00 52.66  ? 18  GLU A N   1 
ATOM   153  C  CA  . GLU A 1 37  ? 8.724   -4.983  12.574  1.00 55.12  ? 18  GLU A CA  1 
ATOM   154  C  C   . GLU A 1 37  ? 9.849   -5.706  11.823  1.00 57.06  ? 18  GLU A C   1 
ATOM   155  O  O   . GLU A 1 37  ? 11.027  -5.401  12.026  1.00 58.49  ? 18  GLU A O   1 
ATOM   156  C  CB  . GLU A 1 37  ? 8.459   -5.635  13.938  1.00 56.04  ? 18  GLU A CB  1 
ATOM   157  C  CG  . GLU A 1 37  ? 7.581   -4.791  14.879  1.00 58.60  ? 18  GLU A CG  1 
ATOM   158  N  N   . GLU A 1 38  ? 9.498   -6.660  10.969  1.00 59.45  ? 19  GLU A N   1 
ATOM   159  C  CA  . GLU A 1 38  ? 10.486  -7.366  10.159  1.00 61.11  ? 19  GLU A CA  1 
ATOM   160  C  C   . GLU A 1 38  ? 11.120  -6.356  9.185   1.00 62.07  ? 19  GLU A C   1 
ATOM   161  O  O   . GLU A 1 38  ? 12.345  -6.349  8.996   1.00 63.41  ? 19  GLU A O   1 
ATOM   162  C  CB  . GLU A 1 38  ? 9.817   -8.533  9.435   1.00 60.53  ? 19  GLU A CB  1 
ATOM   163  C  CG  . GLU A 1 38  ? 10.696  -9.393  8.534   1.00 62.53  ? 19  GLU A CG  1 
ATOM   164  C  CD  . GLU A 1 38  ? 9.913   -10.565 7.903   1.00 66.38  ? 19  GLU A CD  1 
ATOM   165  O  OE1 . GLU A 1 38  ? 9.537   -11.509 8.650   1.00 74.81  ? 19  GLU A OE1 1 
ATOM   166  O  OE2 . GLU A 1 38  ? 9.700   -10.551 6.659   1.00 66.69  ? 19  GLU A OE2 1 
ATOM   167  N  N   . ALA A 1 39  ? 10.285  -5.491  8.607   1.00 61.89  ? 20  ALA A N   1 
ATOM   168  C  CA  . ALA A 1 39  ? 10.736  -4.424  7.713   1.00 62.57  ? 20  ALA A CA  1 
ATOM   169  C  C   . ALA A 1 39  ? 11.680  -3.462  8.440   1.00 64.68  ? 20  ALA A C   1 
ATOM   170  O  O   . ALA A 1 39  ? 12.761  -3.140  7.938   1.00 64.76  ? 20  ALA A O   1 
ATOM   171  C  CB  . ALA A 1 39  ? 9.535   -3.656  7.161   1.00 61.17  ? 20  ALA A CB  1 
ATOM   172  N  N   . LYS A 1 40  ? 11.263  -3.010  9.622   1.00 66.62  ? 21  LYS A N   1 
ATOM   173  C  CA  . LYS A 1 40  ? 12.077  -2.119  10.444  1.00 68.70  ? 21  LYS A CA  1 
ATOM   174  C  C   . LYS A 1 40  ? 13.448  -2.741  10.772  1.00 69.82  ? 21  LYS A C   1 
ATOM   175  O  O   . LYS A 1 40  ? 14.475  -2.065  10.659  1.00 69.75  ? 21  LYS A O   1 
ATOM   176  C  CB  . LYS A 1 40  ? 11.334  -1.744  11.737  1.00 68.34  ? 21  LYS A CB  1 
ATOM   177  C  CG  . LYS A 1 40  ? 10.098  -0.858  11.539  1.00 68.90  ? 21  LYS A CG  1 
ATOM   178  C  CD  . LYS A 1 40  ? 9.397   -0.539  12.869  1.00 67.62  ? 21  LYS A CD  1 
ATOM   179  N  N   . GLU A 1 41  ? 13.462  -4.020  11.160  1.00 71.73  ? 22  GLU A N   1 
ATOM   180  C  CA  . GLU A 1 41  ? 14.712  -4.722  11.491  1.00 73.07  ? 22  GLU A CA  1 
ATOM   181  C  C   . GLU A 1 41  ? 15.657  -4.828  10.287  1.00 77.19  ? 22  GLU A C   1 
ATOM   182  O  O   . GLU A 1 41  ? 16.871  -4.878  10.461  1.00 77.28  ? 22  GLU A O   1 
ATOM   183  C  CB  . GLU A 1 41  ? 14.443  -6.115  12.084  1.00 73.07  ? 22  GLU A CB  1 
ATOM   184  C  CG  . GLU A 1 41  ? 13.819  -6.105  13.477  1.00 70.56  ? 22  GLU A CG  1 
ATOM   185  N  N   . LEU A 1 42  ? 15.100  -4.861  9.077   1.00 82.24  ? 23  LEU A N   1 
ATOM   186  C  CA  . LEU A 1 42  ? 15.903  -4.895  7.850   1.00 85.99  ? 23  LEU A CA  1 
ATOM   187  C  C   . LEU A 1 42  ? 16.587  -3.531  7.645   1.00 88.12  ? 23  LEU A C   1 
ATOM   188  O  O   . LEU A 1 42  ? 17.699  -3.468  7.125   1.00 88.79  ? 23  LEU A O   1 
ATOM   189  C  CB  . LEU A 1 42  ? 15.021  -5.256  6.640   1.00 85.29  ? 23  LEU A CB  1 
ATOM   190  C  CG  . LEU A 1 42  ? 15.628  -5.626  5.275   1.00 84.24  ? 23  LEU A CG  1 
ATOM   191  C  CD1 . LEU A 1 42  ? 14.540  -6.247  4.397   1.00 84.13  ? 23  LEU A CD1 1 
ATOM   192  C  CD2 . LEU A 1 42  ? 16.296  -4.451  4.543   1.00 83.34  ? 23  LEU A CD2 1 
HETATM 193  N  N   . MSE A 1 43  ? 15.927  -2.454  8.082   1.00 90.46  ? 24  MSE A N   1 
HETATM 194  C  CA  . MSE A 1 43  ? 16.439  -1.082  7.945   1.00 91.87  ? 24  MSE A CA  1 
HETATM 195  C  C   . MSE A 1 43  ? 17.019  -0.539  9.270   1.00 91.00  ? 24  MSE A C   1 
HETATM 196  O  O   . MSE A 1 43  ? 16.837  0.637   9.593   1.00 91.30  ? 24  MSE A O   1 
HETATM 197  C  CB  . MSE A 1 43  ? 15.299  -0.169  7.455   1.00 92.10  ? 24  MSE A CB  1 
HETATM 198  C  CG  . MSE A 1 43  ? 14.562  -0.686  6.205   1.00 94.66  ? 24  MSE A CG  1 
HETATM 199  SE SE  . MSE A 1 43  ? 12.850  0.254   5.787   0.75 102.90 ? 24  MSE A SE  1 
HETATM 200  C  CE  . MSE A 1 43  ? 11.845  -0.028  7.492   1.00 105.78 ? 24  MSE A CE  1 
ATOM   201  N  N   . LYS A 1 44  ? 17.721  -1.387  10.025  1.00 90.09  ? 25  LYS A N   1 
ATOM   202  C  CA  . LYS A 1 44  ? 18.311  -0.984  11.307  1.00 89.77  ? 25  LYS A CA  1 
ATOM   203  C  C   . LYS A 1 44  ? 19.277  -2.040  11.831  1.00 88.66  ? 25  LYS A C   1 
ATOM   204  O  O   . LYS A 1 44  ? 20.323  -2.288  11.238  1.00 87.71  ? 25  LYS A O   1 
ATOM   205  C  CB  . LYS A 1 44  ? 17.219  -0.737  12.349  1.00 89.18  ? 25  LYS A CB  1 
ATOM   206  N  N   . TYR A 1 55  ? 3.588   1.716   18.579  1.00 86.33  ? 36  TYR A N   1 
ATOM   207  C  CA  . TYR A 1 55  ? 2.836   2.598   19.467  1.00 85.63  ? 36  TYR A CA  1 
ATOM   208  C  C   . TYR A 1 55  ? 1.537   3.084   18.817  1.00 86.07  ? 36  TYR A C   1 
ATOM   209  O  O   . TYR A 1 55  ? 0.455   2.590   19.149  1.00 86.87  ? 36  TYR A O   1 
ATOM   210  N  N   . PRO A 1 56  ? 1.646   4.040   17.869  1.00 84.88  ? 37  PRO A N   1 
ATOM   211  C  CA  . PRO A 1 56  ? 0.491   4.637   17.194  1.00 83.25  ? 37  PRO A CA  1 
ATOM   212  C  C   . PRO A 1 56  ? 0.003   3.890   15.951  1.00 80.32  ? 37  PRO A C   1 
ATOM   213  O  O   . PRO A 1 56  ? -1.139  4.095   15.530  1.00 80.49  ? 37  PRO A O   1 
ATOM   214  C  CB  . PRO A 1 56  ? 1.026   6.006   16.775  1.00 82.98  ? 37  PRO A CB  1 
ATOM   215  C  CG  . PRO A 1 56  ? 2.460   5.729   16.430  1.00 84.22  ? 37  PRO A CG  1 
ATOM   216  C  CD  . PRO A 1 56  ? 2.913   4.616   17.367  1.00 85.03  ? 37  PRO A CD  1 
ATOM   217  N  N   . LEU A 1 57  ? 0.848   3.048   15.362  1.00 76.81  ? 38  LEU A N   1 
ATOM   218  C  CA  . LEU A 1 57  ? 0.468   2.346   14.139  1.00 74.87  ? 38  LEU A CA  1 
ATOM   219  C  C   . LEU A 1 57  ? -0.542  1.205   14.369  1.00 71.70  ? 38  LEU A C   1 
ATOM   220  O  O   . LEU A 1 57  ? -1.285  0.861   13.460  1.00 71.14  ? 38  LEU A O   1 
ATOM   221  C  CB  . LEU A 1 57  ? 1.703   1.860   13.355  1.00 74.92  ? 38  LEU A CB  1 
ATOM   222  C  CG  . LEU A 1 57  ? 2.493   0.602   13.729  1.00 74.83  ? 38  LEU A CG  1 
ATOM   223  C  CD1 . LEU A 1 57  ? 3.541   0.379   12.638  1.00 76.28  ? 38  LEU A CD1 1 
ATOM   224  C  CD2 . LEU A 1 57  ? 3.144   0.660   15.114  1.00 78.69  ? 38  LEU A CD2 1 
ATOM   225  N  N   . LEU A 1 58  ? -0.579  0.633   15.568  1.00 68.52  ? 39  LEU A N   1 
ATOM   226  C  CA  . LEU A 1 58  ? -1.543  -0.426  15.864  1.00 65.87  ? 39  LEU A CA  1 
ATOM   227  C  C   . LEU A 1 58  ? -2.951  0.168   15.736  1.00 63.94  ? 39  LEU A C   1 
ATOM   228  O  O   . LEU A 1 58  ? -3.826  -0.421  15.083  1.00 62.72  ? 39  LEU A O   1 
ATOM   229  C  CB  . LEU A 1 58  ? -1.335  -0.998  17.271  1.00 65.53  ? 39  LEU A CB  1 
ATOM   230  C  CG  . LEU A 1 58  ? -1.825  -2.433  17.509  1.00 66.00  ? 39  LEU A CG  1 
ATOM   231  C  CD1 . LEU A 1 58  ? -1.559  -2.791  18.941  1.00 69.77  ? 39  LEU A CD1 1 
ATOM   232  C  CD2 . LEU A 1 58  ? -3.285  -2.656  17.195  1.00 65.94  ? 39  LEU A CD2 1 
ATOM   233  N  N   . GLU A 1 59  ? -3.148  1.332   16.365  1.00 61.45  ? 40  GLU A N   1 
ATOM   234  C  CA  . GLU A 1 59  ? -4.411  2.067   16.309  1.00 58.25  ? 40  GLU A CA  1 
ATOM   235  C  C   . GLU A 1 59  ? -4.822  2.383   14.858  1.00 58.15  ? 40  GLU A C   1 
ATOM   236  O  O   . GLU A 1 59  ? -5.988  2.207   14.507  1.00 58.32  ? 40  GLU A O   1 
ATOM   237  C  CB  . GLU A 1 59  ? -4.311  3.361   17.120  1.00 56.41  ? 40  GLU A CB  1 
ATOM   238  N  N   . HIS A 1 60  ? -3.879  2.823   14.020  1.00 56.59  ? 41  HIS A N   1 
ATOM   239  C  CA  A HIS A 1 60  ? -4.194  3.153   12.632  0.50 56.69  ? 41  HIS A CA  1 
ATOM   240  C  CA  B HIS A 1 60  ? -4.193  3.147   12.629  0.50 56.30  ? 41  HIS A CA  1 
ATOM   241  C  C   . HIS A 1 60  ? -4.489  1.895   11.796  1.00 56.02  ? 41  HIS A C   1 
ATOM   242  O  O   . HIS A 1 60  ? -5.281  1.967   10.852  1.00 56.28  ? 41  HIS A O   1 
ATOM   243  C  CB  A HIS A 1 60  ? -3.066  3.977   11.986  0.50 57.63  ? 41  HIS A CB  1 
ATOM   244  C  CB  B HIS A 1 60  ? -3.078  3.967   11.951  0.50 56.70  ? 41  HIS A CB  1 
ATOM   245  C  CG  A HIS A 1 60  ? -3.480  4.692   10.733  0.50 60.38  ? 41  HIS A CG  1 
ATOM   246  C  CG  B HIS A 1 60  ? -2.890  5.341   12.519  0.50 56.64  ? 41  HIS A CG  1 
ATOM   247  N  ND1 A HIS A 1 60  ? -3.397  4.117   9.482   0.50 62.33  ? 41  HIS A ND1 1 
ATOM   248  N  ND1 B HIS A 1 60  ? -3.946  6.157   12.866  0.50 59.52  ? 41  HIS A ND1 1 
ATOM   249  C  CD2 A HIS A 1 60  ? -3.983  5.935   10.544  0.50 61.49  ? 41  HIS A CD2 1 
ATOM   250  C  CD2 B HIS A 1 60  ? -1.769  6.069   12.733  0.50 54.46  ? 41  HIS A CD2 1 
ATOM   251  C  CE1 A HIS A 1 60  ? -3.833  4.977   8.576   0.50 64.72  ? 41  HIS A CE1 1 
ATOM   252  C  CE1 B HIS A 1 60  ? -3.483  7.308   13.316  0.50 58.12  ? 41  HIS A CE1 1 
ATOM   253  N  NE2 A HIS A 1 60  ? -4.195  6.088   9.196   0.50 62.39  ? 41  HIS A NE2 1 
ATOM   254  N  NE2 B HIS A 1 60  ? -2.165  7.284   13.239  0.50 57.63  ? 41  HIS A NE2 1 
ATOM   255  N  N   . PHE A 1 61  ? -3.847  0.757   12.119  1.00 54.08  ? 42  PHE A N   1 
ATOM   256  C  CA  . PHE A 1 61  ? -4.100  -0.500  11.377  1.00 54.14  ? 42  PHE A CA  1 
ATOM   257  C  C   . PHE A 1 61  ? -5.488  -1.008  11.714  1.00 52.19  ? 42  PHE A C   1 
ATOM   258  O  O   . PHE A 1 61  ? -6.203  -1.468  10.833  1.00 49.70  ? 42  PHE A O   1 
ATOM   259  C  CB  . PHE A 1 61  ? -3.111  -1.647  11.668  1.00 53.71  ? 42  PHE A CB  1 
ATOM   260  C  CG  . PHE A 1 61  ? -1.791  -1.521  10.976  1.00 51.47  ? 42  PHE A CG  1 
ATOM   261  C  CD1 . PHE A 1 61  ? -1.723  -1.445  9.611   1.00 51.33  ? 42  PHE A CD1 1 
ATOM   262  C  CD2 . PHE A 1 61  ? -0.603  -1.543  11.700  1.00 55.31  ? 42  PHE A CD2 1 
ATOM   263  C  CE1 . PHE A 1 61  ? -0.508  -1.321  8.975   1.00 53.96  ? 42  PHE A CE1 1 
ATOM   264  C  CE2 . PHE A 1 61  ? 0.615   -1.429  11.070  1.00 51.89  ? 42  PHE A CE2 1 
ATOM   265  C  CZ  . PHE A 1 61  ? 0.667   -1.325  9.704   1.00 54.72  ? 42  PHE A CZ  1 
ATOM   266  N  N   . GLU A 1 62  ? -5.846  -0.955  12.991  1.00 51.59  ? 43  GLU A N   1 
ATOM   267  C  CA  . GLU A 1 62  ? -7.179  -1.363  13.418  1.00 53.74  ? 43  GLU A CA  1 
ATOM   268  C  C   . GLU A 1 62  ? -8.243  -0.573  12.661  1.00 53.87  ? 43  GLU A C   1 
ATOM   269  O  O   . GLU A 1 62  ? -9.251  -1.129  12.245  1.00 54.14  ? 43  GLU A O   1 
ATOM   270  C  CB  . GLU A 1 62  ? -7.349  -1.172  14.924  1.00 52.92  ? 43  GLU A CB  1 
ATOM   271  C  CG  . GLU A 1 62  ? -6.580  -2.209  15.741  1.00 59.19  ? 43  GLU A CG  1 
ATOM   272  C  CD  . GLU A 1 62  ? -6.613  -1.961  17.245  1.00 57.05  ? 43  GLU A CD  1 
ATOM   273  O  OE1 . GLU A 1 62  ? -6.937  -0.836  17.677  1.00 72.13  ? 43  GLU A OE1 1 
ATOM   274  O  OE2 . GLU A 1 62  ? -6.302  -2.904  18.007  1.00 65.76  ? 43  GLU A OE2 1 
ATOM   275  N  N   . GLU A 1 63  ? -8.006  0.722   12.488  1.00 54.23  ? 44  GLU A N   1 
ATOM   276  C  CA  . GLU A 1 63  ? -8.928  1.581   11.757  1.00 54.53  ? 44  GLU A CA  1 
ATOM   277  C  C   . GLU A 1 63  ? -8.999  1.196   10.293  1.00 51.76  ? 44  GLU A C   1 
ATOM   278  O  O   . GLU A 1 63  ? -10.083 1.137   9.736   1.00 51.72  ? 44  GLU A O   1 
ATOM   279  C  CB  . GLU A 1 63  ? -8.538  3.051   11.891  1.00 53.98  ? 44  GLU A CB  1 
ATOM   280  C  CG  . GLU A 1 63  ? -8.845  3.621   13.260  1.00 56.07  ? 44  GLU A CG  1 
ATOM   281  C  CD  . GLU A 1 63  ? -8.329  5.036   13.427  1.00 57.95  ? 44  GLU A CD  1 
ATOM   282  O  OE1 . GLU A 1 63  ? -7.808  5.606   12.438  1.00 65.41  ? 44  GLU A OE1 1 
ATOM   283  O  OE2 . GLU A 1 63  ? -8.444  5.574   14.550  1.00 61.75  ? 44  GLU A OE2 1 
ATOM   284  N  N   . ASP A 1 64  ? -7.854  0.920   9.681   1.00 49.46  ? 45  ASP A N   1 
ATOM   285  C  CA  . ASP A 1 64  ? -7.837  0.518   8.279   1.00 49.94  ? 45  ASP A CA  1 
ATOM   286  C  C   . ASP A 1 64  ? -8.647  -0.764  8.069   1.00 50.53  ? 45  ASP A C   1 
ATOM   287  O  O   . ASP A 1 64  ? -9.383  -0.895  7.089   1.00 53.05  ? 45  ASP A O   1 
ATOM   288  C  CB  . ASP A 1 64  ? -6.411  0.308   7.774   1.00 48.32  ? 45  ASP A CB  1 
ATOM   289  C  CG  . ASP A 1 64  ? -5.603  1.604   7.674   1.00 53.34  ? 45  ASP A CG  1 
ATOM   290  O  OD1 . ASP A 1 64  ? -6.195  2.703   7.554   1.00 53.08  ? 45  ASP A OD1 1 
ATOM   291  O  OD2 . ASP A 1 64  ? -4.347  1.510   7.699   1.00 63.14  ? 45  ASP A OD2 1 
ATOM   292  N  N   . ILE A 1 65  ? -8.487  -1.710  8.986   1.00 50.42  ? 46  ILE A N   1 
ATOM   293  C  CA  . ILE A 1 65  ? -9.201  -2.976  8.951   1.00 49.57  ? 46  ILE A CA  1 
ATOM   294  C  C   . ILE A 1 65  ? -10.698 -2.779  9.181   1.00 47.66  ? 46  ILE A C   1 
ATOM   295  O  O   . ILE A 1 65  ? -11.526 -3.428  8.533   1.00 49.37  ? 46  ILE A O   1 
ATOM   296  C  CB  . ILE A 1 65  ? -8.610  -3.928  9.994   1.00 50.92  ? 46  ILE A CB  1 
ATOM   297  C  CG1 . ILE A 1 65  ? -7.261  -4.453  9.480   1.00 50.71  ? 46  ILE A CG1 1 
ATOM   298  C  CG2 . ILE A 1 65  ? -9.569  -5.087  10.310  1.00 50.17  ? 46  ILE A CG2 1 
ATOM   299  C  CD1 . ILE A 1 65  ? -6.455  -5.234  10.556  1.00 52.80  ? 46  ILE A CD1 1 
ATOM   300  N  N   . ALA A 1 66  ? -11.059 -1.858  10.066  1.00 44.27  ? 47  ALA A N   1 
ATOM   301  C  CA  . ALA A 1 66  ? -12.476 -1.598  10.353  1.00 42.42  ? 47  ALA A CA  1 
ATOM   302  C  C   . ALA A 1 66  ? -13.160 -0.983  9.137   1.00 41.69  ? 47  ALA A C   1 
ATOM   303  O  O   . ALA A 1 66  ? -14.369 -1.148  8.955   1.00 44.32  ? 47  ALA A O   1 
ATOM   304  C  CB  . ALA A 1 66  ? -12.641 -0.683  11.586  1.00 37.29  ? 47  ALA A CB  1 
ATOM   305  N  N   . LYS A 1 67  ? -12.386 -0.268  8.329   1.00 39.48  ? 48  LYS A N   1 
ATOM   306  C  CA  . LYS A 1 67  ? -12.890 0.388   7.149   1.00 42.38  ? 48  LYS A CA  1 
ATOM   307  C  C   . LYS A 1 67  ? -12.698 -0.463  5.890   1.00 41.86  ? 48  LYS A C   1 
ATOM   308  O  O   . LYS A 1 67  ? -12.967 -0.001  4.806   1.00 41.64  ? 48  LYS A O   1 
ATOM   309  C  CB  . LYS A 1 67  ? -12.138 1.708   6.954   1.00 41.86  ? 48  LYS A CB  1 
ATOM   310  C  CG  . LYS A 1 67  ? -12.346 2.770   8.045   1.00 47.44  ? 48  LYS A CG  1 
ATOM   311  C  CD  . LYS A 1 67  ? -11.352 3.901   7.773   1.00 48.16  ? 48  LYS A CD  1 
ATOM   312  C  CE  . LYS A 1 67  ? -11.309 4.964   8.828   1.00 53.03  ? 48  LYS A CE  1 
ATOM   313  N  NZ  . LYS A 1 67  ? -10.282 5.968   8.416   1.00 61.11  ? 48  LYS A NZ  1 
ATOM   314  N  N   . ASP A 1 68  ? -12.243 -1.701  6.024   1.00 40.76  ? 49  ASP A N   1 
ATOM   315  C  CA  . ASP A 1 68  ? -11.949 -2.534  4.864   1.00 41.50  ? 49  ASP A CA  1 
ATOM   316  C  C   . ASP A 1 68  ? -11.088 -1.807  3.842   1.00 42.76  ? 49  ASP A C   1 
ATOM   317  O  O   . ASP A 1 68  ? -11.418 -1.765  2.657   1.00 44.00  ? 49  ASP A O   1 
ATOM   318  C  CB  . ASP A 1 68  ? -13.226 -3.092  4.204   1.00 38.95  ? 49  ASP A CB  1 
ATOM   319  C  CG  . ASP A 1 68  ? -13.841 -4.218  4.983   1.00 40.39  ? 49  ASP A CG  1 
ATOM   320  O  OD1 . ASP A 1 68  ? -13.225 -4.702  5.973   1.00 44.39  ? 49  ASP A OD1 1 
ATOM   321  O  OD2 . ASP A 1 68  ? -14.961 -4.634  4.596   1.00 41.40  ? 49  ASP A OD2 1 
ATOM   322  N  N   . TYR A 1 69  ? -9.989  -1.224  4.304   1.00 45.21  ? 50  TYR A N   1 
ATOM   323  C  CA  . TYR A 1 69  ? -9.044  -0.565  3.399   1.00 46.15  ? 50  TYR A CA  1 
ATOM   324  C  C   . TYR A 1 69  ? -7.731  -1.332  3.310   1.00 46.57  ? 50  TYR A C   1 
ATOM   325  O  O   . TYR A 1 69  ? -6.815  -0.892  2.600   1.00 46.54  ? 50  TYR A O   1 
ATOM   326  C  CB  . TYR A 1 69  ? -8.693  0.860   3.871   1.00 47.40  ? 50  TYR A CB  1 
ATOM   327  C  CG  . TYR A 1 69  ? -9.758  1.926   3.828   1.00 47.04  ? 50  TYR A CG  1 
ATOM   328  C  CD1 . TYR A 1 69  ? -10.830 1.860   2.945   1.00 53.08  ? 50  TYR A CD1 1 
ATOM   329  C  CD2 . TYR A 1 69  ? -9.606  3.094   4.574   1.00 50.68  ? 50  TYR A CD2 1 
ATOM   330  C  CE1 . TYR A 1 69  ? -11.770 2.888   2.880   1.00 50.63  ? 50  TYR A CE1 1 
ATOM   331  C  CE2 . TYR A 1 69  ? -10.545 4.130   4.507   1.00 44.64  ? 50  TYR A CE2 1 
ATOM   332  C  CZ  . TYR A 1 69  ? -11.622 4.012   3.657   1.00 47.13  ? 50  TYR A CZ  1 
ATOM   333  O  OH  . TYR A 1 69  ? -12.562 5.017   3.556   1.00 52.05  ? 50  TYR A OH  1 
ATOM   334  N  N   . LEU A 1 70  ? -7.620  -2.458  4.020   1.00 45.38  ? 51  LEU A N   1 
ATOM   335  C  CA  . LEU A 1 70  ? -6.365  -3.199  4.068   1.00 45.59  ? 51  LEU A CA  1 
ATOM   336  C  C   . LEU A 1 70  ? -6.534  -4.584  3.471   1.00 44.73  ? 51  LEU A C   1 
ATOM   337  O  O   . LEU A 1 70  ? -7.443  -5.298  3.830   1.00 45.68  ? 51  LEU A O   1 
ATOM   338  C  CB  . LEU A 1 70  ? -5.863  -3.268  5.526   1.00 43.75  ? 51  LEU A CB  1 
ATOM   339  C  CG  . LEU A 1 70  ? -4.493  -3.912  5.821   1.00 46.08  ? 51  LEU A CG  1 
ATOM   340  C  CD1 . LEU A 1 70  ? -3.845  -3.248  7.048   1.00 41.86  ? 51  LEU A CD1 1 
ATOM   341  C  CD2 . LEU A 1 70  ? -4.525  -5.453  5.998   1.00 44.80  ? 51  LEU A CD2 1 
ATOM   342  N  N   . TYR A 1 71  ? -5.682  -4.936  2.520   1.00 46.47  ? 52  TYR A N   1 
ATOM   343  C  CA  . TYR A 1 71  ? -5.686  -6.274  1.926   1.00 46.21  ? 52  TYR A CA  1 
ATOM   344  C  C   . TYR A 1 71  ? -4.428  -7.000  2.367   1.00 46.14  ? 52  TYR A C   1 
ATOM   345  O  O   . TYR A 1 71  ? -3.384  -6.349  2.590   1.00 45.31  ? 52  TYR A O   1 
ATOM   346  C  CB  . TYR A 1 71  ? -5.627  -6.219  0.412   1.00 46.85  ? 52  TYR A CB  1 
ATOM   347  C  CG  . TYR A 1 71  ? -6.827  -5.688  -0.321  1.00 47.09  ? 52  TYR A CG  1 
ATOM   348  C  CD1 . TYR A 1 71  ? -6.952  -4.344  -0.613  1.00 50.05  ? 52  TYR A CD1 1 
ATOM   349  C  CD2 . TYR A 1 71  ? -7.811  -6.551  -0.783  1.00 49.79  ? 52  TYR A CD2 1 
ATOM   350  C  CE1 . TYR A 1 71  ? -8.030  -3.869  -1.333  1.00 50.16  ? 52  TYR A CE1 1 
ATOM   351  C  CE2 . TYR A 1 71  ? -8.894  -6.087  -1.491  1.00 50.82  ? 52  TYR A CE2 1 
ATOM   352  C  CZ  . TYR A 1 71  ? -8.996  -4.748  -1.767  1.00 51.67  ? 52  TYR A CZ  1 
ATOM   353  O  OH  . TYR A 1 71  ? -10.075 -4.296  -2.473  1.00 48.21  ? 52  TYR A OH  1 
ATOM   354  N  N   . VAL A 1 72  ? -4.519  -8.331  2.438   1.00 44.85  ? 53  VAL A N   1 
ATOM   355  C  CA  . VAL A 1 72  ? -3.399  -9.203  2.787   1.00 45.33  ? 53  VAL A CA  1 
ATOM   356  C  C   . VAL A 1 72  ? -3.232  -10.281 1.726   1.00 47.02  ? 53  VAL A C   1 
ATOM   357  O  O   . VAL A 1 72  ? -4.198  -10.615 1.027   1.00 48.08  ? 53  VAL A O   1 
ATOM   358  C  CB  . VAL A 1 72  ? -3.590  -9.935  4.148   1.00 46.03  ? 53  VAL A CB  1 
ATOM   359  C  CG1 . VAL A 1 72  ? -3.579  -8.945  5.303   1.00 41.54  ? 53  VAL A CG1 1 
ATOM   360  C  CG2 . VAL A 1 72  ? -4.856  -10.819 4.146   1.00 40.09  ? 53  VAL A CG2 1 
ATOM   361  N  N   . LEU A 1 73  ? -2.004  -10.787 1.567   1.00 46.76  ? 54  LEU A N   1 
ATOM   362  C  CA  . LEU A 1 73  ? -1.754  -11.922 0.665   1.00 46.30  ? 54  LEU A CA  1 
ATOM   363  C  C   . LEU A 1 73  ? -1.438  -13.046 1.642   1.00 47.13  ? 54  LEU A C   1 
ATOM   364  O  O   . LEU A 1 73  ? -0.559  -12.909 2.492   1.00 47.23  ? 54  LEU A O   1 
ATOM   365  C  CB  . LEU A 1 73  ? -0.642  -11.637 -0.341  1.00 44.93  ? 54  LEU A CB  1 
ATOM   366  C  CG  . LEU A 1 73  ? -0.410  -12.731 -1.401  1.00 46.27  ? 54  LEU A CG  1 
ATOM   367  C  CD1 . LEU A 1 73  ? 0.322   -12.172 -2.591  1.00 45.71  ? 54  LEU A CD1 1 
ATOM   368  C  CD2 . LEU A 1 73  ? 0.369   -13.882 -0.837  1.00 40.59  ? 54  LEU A CD2 1 
ATOM   369  N  N   . GLU A 1 74  ? -2.183  -14.133 1.537   1.00 49.33  ? 55  GLU A N   1 
ATOM   370  C  CA  . GLU A 1 74  ? -2.114  -15.222 2.488   1.00 51.65  ? 55  GLU A CA  1 
ATOM   371  C  C   . GLU A 1 74  ? -2.104  -16.592 1.824   1.00 54.86  ? 55  GLU A C   1 
ATOM   372  O  O   . GLU A 1 74  ? -2.929  -16.845 0.965   1.00 55.63  ? 55  GLU A O   1 
ATOM   373  C  CB  . GLU A 1 74  ? -3.387  -15.160 3.323   1.00 50.32  ? 55  GLU A CB  1 
ATOM   374  C  CG  . GLU A 1 74  ? -3.594  -16.356 4.244   1.00 58.63  ? 55  GLU A CG  1 
ATOM   375  C  CD  . GLU A 1 74  ? -5.014  -16.885 4.203   1.00 59.55  ? 55  GLU A CD  1 
ATOM   376  O  OE1 . GLU A 1 74  ? -5.957  -16.095 4.042   1.00 61.14  ? 55  GLU A OE1 1 
ATOM   377  O  OE2 . GLU A 1 74  ? -5.191  -18.108 4.331   1.00 61.45  ? 55  GLU A OE2 1 
ATOM   378  N  N   . GLU A 1 75  ? -1.184  -17.469 2.231   1.00 58.16  ? 56  GLU A N   1 
ATOM   379  C  CA  . GLU A 1 75  ? -1.185  -18.880 1.812   1.00 60.02  ? 56  GLU A CA  1 
ATOM   380  C  C   . GLU A 1 75  ? -1.142  -19.656 3.126   1.00 61.77  ? 56  GLU A C   1 
ATOM   381  O  O   . GLU A 1 75  ? -0.490  -19.211 4.079   1.00 62.16  ? 56  GLU A O   1 
ATOM   382  C  CB  . GLU A 1 75  ? -0.011  -19.251 0.904   1.00 59.89  ? 56  GLU A CB  1 
ATOM   383  C  CG  . GLU A 1 75  ? 0.020   -20.743 0.513   1.00 59.40  ? 56  GLU A CG  1 
ATOM   384  N  N   . ASN A 1 76  ? -1.832  -20.797 3.182   1.00 62.99  ? 57  ASN A N   1 
ATOM   385  C  CA  . ASN A 1 76  ? -1.972  -21.560 4.434   1.00 63.03  ? 57  ASN A CA  1 
ATOM   386  C  C   . ASN A 1 76  ? -2.607  -20.520 5.336   1.00 62.59  ? 57  ASN A C   1 
ATOM   387  O  O   . ASN A 1 76  ? -3.358  -19.687 4.835   1.00 64.86  ? 57  ASN A O   1 
ATOM   388  C  CB  . ASN A 1 76  ? -0.625  -22.062 4.955   1.00 62.92  ? 57  ASN A CB  1 
ATOM   389  N  N   . ASP A 1 77  ? -2.329  -20.505 6.632   1.00 60.85  ? 58  ASP A N   1 
ATOM   390  C  CA  . ASP A 1 77  ? -2.877  -19.409 7.441   1.00 58.86  ? 58  ASP A CA  1 
ATOM   391  C  C   . ASP A 1 77  ? -1.918  -18.188 7.476   1.00 57.72  ? 58  ASP A C   1 
ATOM   392  O  O   . ASP A 1 77  ? -2.260  -17.159 8.062   1.00 57.31  ? 58  ASP A O   1 
ATOM   393  C  CB  . ASP A 1 77  ? -3.201  -19.897 8.855   1.00 60.43  ? 58  ASP A CB  1 
ATOM   394  N  N   . LYS A 1 78  ? -0.769  -18.288 6.791   1.00 54.49  ? 59  LYS A N   1 
ATOM   395  C  CA  . LYS A 1 78  ? 0.294   -17.286 6.844   1.00 53.05  ? 59  LYS A CA  1 
ATOM   396  C  C   . LYS A 1 78  ? 0.172   -16.071 5.913   1.00 51.05  ? 59  LYS A C   1 
ATOM   397  O  O   . LYS A 1 78  ? -0.039  -16.212 4.709   1.00 51.23  ? 59  LYS A O   1 
ATOM   398  C  CB  . LYS A 1 78  ? 1.630   -17.978 6.569   1.00 53.09  ? 59  LYS A CB  1 
ATOM   399  C  CG  . LYS A 1 78  ? 2.847   -17.090 6.717   1.00 57.18  ? 59  LYS A CG  1 
ATOM   400  N  N   . ILE A 1 79  ? 0.372   -14.882 6.487   1.00 46.57  ? 60  ILE A N   1 
ATOM   401  C  CA  . ILE A 1 79  ? 0.337   -13.626 5.763   1.00 43.36  ? 60  ILE A CA  1 
ATOM   402  C  C   . ILE A 1 79  ? 1.731   -13.229 5.256   1.00 43.25  ? 60  ILE A C   1 
ATOM   403  O  O   . ILE A 1 79  ? 2.668   -13.128 6.031   1.00 44.62  ? 60  ILE A O   1 
ATOM   404  C  CB  . ILE A 1 79  ? -0.291  -12.538 6.655   1.00 45.54  ? 60  ILE A CB  1 
ATOM   405  C  CG1 . ILE A 1 79  ? -1.806  -12.816 6.753   1.00 42.57  ? 60  ILE A CG1 1 
ATOM   406  C  CG2 . ILE A 1 79  ? -0.030  -11.124 6.074   1.00 35.97  ? 60  ILE A CG2 1 
ATOM   407  C  CD1 . ILE A 1 79  ? -2.465  -12.059 7.829   1.00 49.80  ? 60  ILE A CD1 1 
ATOM   408  N  N   . TYR A 1 80  ? 1.858   -13.019 3.947   1.00 43.03  ? 61  TYR A N   1 
ATOM   409  C  CA  . TYR A 1 80  ? 3.143   -12.722 3.302   1.00 42.12  ? 61  TYR A CA  1 
ATOM   410  C  C   . TYR A 1 80  ? 3.305   -11.280 2.849   1.00 42.57  ? 61  TYR A C   1 
ATOM   411  O  O   . TYR A 1 80  ? 4.364   -10.913 2.327   1.00 43.38  ? 61  TYR A O   1 
ATOM   412  C  CB  . TYR A 1 80  ? 3.355   -13.661 2.112   1.00 42.20  ? 61  TYR A CB  1 
ATOM   413  C  CG  . TYR A 1 80  ? 3.543   -15.090 2.534   1.00 39.64  ? 61  TYR A CG  1 
ATOM   414  C  CD1 . TYR A 1 80  ? 4.762   -15.526 3.026   1.00 41.41  ? 61  TYR A CD1 1 
ATOM   415  C  CD2 . TYR A 1 80  ? 2.513   -16.000 2.460   1.00 43.12  ? 61  TYR A CD2 1 
ATOM   416  C  CE1 . TYR A 1 80  ? 4.954   -16.833 3.415   1.00 39.21  ? 61  TYR A CE1 1 
ATOM   417  C  CE2 . TYR A 1 80  ? 2.694   -17.323 2.862   1.00 42.35  ? 61  TYR A CE2 1 
ATOM   418  C  CZ  . TYR A 1 80  ? 3.919   -17.729 3.335   1.00 40.18  ? 61  TYR A CZ  1 
ATOM   419  O  OH  . TYR A 1 80  ? 4.109   -19.039 3.749   1.00 45.97  ? 61  TYR A OH  1 
ATOM   420  N  N   . GLY A 1 81  ? 2.264   -10.473 3.037   1.00 42.03  ? 62  GLY A N   1 
ATOM   421  C  CA  . GLY A 1 81  ? 2.329   -9.050  2.762   1.00 41.74  ? 62  GLY A CA  1 
ATOM   422  C  C   . GLY A 1 81  ? 0.982   -8.382  2.936   1.00 42.54  ? 62  GLY A C   1 
ATOM   423  O  O   . GLY A 1 81  ? -0.039  -9.065  3.037   1.00 46.44  ? 62  GLY A O   1 
ATOM   424  N  N   . PHE A 1 82  ? 0.965   -7.053  2.996   1.00 42.85  ? 63  PHE A N   1 
ATOM   425  C  CA  . PHE A 1 82  ? -0.294  -6.311  3.031   1.00 45.51  ? 63  PHE A CA  1 
ATOM   426  C  C   . PHE A 1 82  ? -0.171  -4.978  2.302   1.00 46.34  ? 63  PHE A C   1 
ATOM   427  O  O   . PHE A 1 82  ? 0.928   -4.532  1.999   1.00 47.94  ? 63  PHE A O   1 
ATOM   428  C  CB  . PHE A 1 82  ? -0.781  -6.074  4.466   1.00 46.76  ? 63  PHE A CB  1 
ATOM   429  C  CG  . PHE A 1 82  ? 0.103   -5.171  5.276   1.00 46.98  ? 63  PHE A CG  1 
ATOM   430  C  CD1 . PHE A 1 82  ? 1.173   -5.683  5.994   1.00 49.04  ? 63  PHE A CD1 1 
ATOM   431  C  CD2 . PHE A 1 82  ? -0.166  -3.813  5.357   1.00 54.92  ? 63  PHE A CD2 1 
ATOM   432  C  CE1 . PHE A 1 82  ? 1.977   -4.856  6.760   1.00 46.79  ? 63  PHE A CE1 1 
ATOM   433  C  CE2 . PHE A 1 82  ? 0.639   -2.974  6.116   1.00 51.50  ? 63  PHE A CE2 1 
ATOM   434  C  CZ  . PHE A 1 82  ? 1.715   -3.503  6.823   1.00 52.72  ? 63  PHE A CZ  1 
ATOM   435  N  N   . ILE A 1 83  ? -1.314  -4.354  2.055   1.00 46.88  ? 64  ILE A N   1 
ATOM   436  C  CA  . ILE A 1 83  ? -1.389  -3.080  1.367   1.00 47.14  ? 64  ILE A CA  1 
ATOM   437  C  C   . ILE A 1 83  ? -2.610  -2.342  1.902   1.00 49.11  ? 64  ILE A C   1 
ATOM   438  O  O   . ILE A 1 83  ? -3.632  -2.960  2.202   1.00 49.23  ? 64  ILE A O   1 
ATOM   439  C  CB  . ILE A 1 83  ? -1.506  -3.271  -0.175  1.00 48.96  ? 64  ILE A CB  1 
ATOM   440  C  CG1 . ILE A 1 83  ? -1.365  -1.941  -0.925  1.00 52.61  ? 64  ILE A CG1 1 
ATOM   441  C  CG2 . ILE A 1 83  ? -2.824  -3.939  -0.557  1.00 46.04  ? 64  ILE A CG2 1 
ATOM   442  C  CD1 . ILE A 1 83  ? -1.102  -2.110  -2.451  1.00 44.63  ? 64  ILE A CD1 1 
ATOM   443  N  N   . VAL A 1 84  ? -2.489  -1.025  2.055   1.00 50.32  ? 65  VAL A N   1 
ATOM   444  C  CA  . VAL A 1 84  ? -3.577  -0.171  2.529   1.00 47.82  ? 65  VAL A CA  1 
ATOM   445  C  C   . VAL A 1 84  ? -3.878  0.820   1.414   1.00 49.68  ? 65  VAL A C   1 
ATOM   446  O  O   . VAL A 1 84  ? -2.975  1.516   0.961   1.00 52.85  ? 65  VAL A O   1 
ATOM   447  C  CB  . VAL A 1 84  ? -3.131  0.569   3.757   1.00 47.60  ? 65  VAL A CB  1 
ATOM   448  C  CG1 . VAL A 1 84  ? -4.171  1.577   4.188   1.00 48.04  ? 65  VAL A CG1 1 
ATOM   449  C  CG2 . VAL A 1 84  ? -2.831  -0.443  4.871   1.00 43.99  ? 65  VAL A CG2 1 
ATOM   450  N  N   . VAL A 1 85  ? -5.124  0.866   0.951   1.00 49.04  ? 66  VAL A N   1 
ATOM   451  C  CA  . VAL A 1 85  ? -5.531  1.764   -0.129  1.00 48.60  ? 66  VAL A CA  1 
ATOM   452  C  C   . VAL A 1 85  ? -6.913  2.344   0.155   1.00 51.38  ? 66  VAL A C   1 
ATOM   453  O  O   . VAL A 1 85  ? -7.798  1.651   0.675   1.00 53.59  ? 66  VAL A O   1 
ATOM   454  C  CB  . VAL A 1 85  ? -5.580  1.050   -1.484  1.00 49.08  ? 66  VAL A CB  1 
ATOM   455  C  CG1 . VAL A 1 85  ? -6.509  -0.159  -1.425  1.00 50.52  ? 66  VAL A CG1 1 
ATOM   456  C  CG2 . VAL A 1 85  ? -6.032  2.008   -2.562  1.00 46.46  ? 66  VAL A CG2 1 
ATOM   457  N  N   . ASP A 1 86  ? -7.075  3.628   -0.152  1.00 51.87  ? 67  ASP A N   1 
ATOM   458  C  CA  . ASP A 1 86  ? -8.327  4.350   0.046   1.00 52.55  ? 67  ASP A CA  1 
ATOM   459  C  C   . ASP A 1 86  ? -8.247  5.668   -0.738  1.00 52.78  ? 67  ASP A C   1 
ATOM   460  O  O   . ASP A 1 86  ? -7.364  5.825   -1.588  1.00 52.97  ? 67  ASP A O   1 
ATOM   461  C  CB  . ASP A 1 86  ? -8.601  4.559   1.538   1.00 52.69  ? 67  ASP A CB  1 
ATOM   462  C  CG  . ASP A 1 86  ? -7.525  5.361   2.225   1.00 56.09  ? 67  ASP A CG  1 
ATOM   463  O  OD1 . ASP A 1 86  ? -7.129  6.412   1.683   1.00 60.74  ? 67  ASP A OD1 1 
ATOM   464  O  OD2 . ASP A 1 86  ? -7.103  4.955   3.331   1.00 63.50  ? 67  ASP A OD2 1 
ATOM   465  N  N   . GLN A 1 87  ? -9.162  6.595   -0.467  1.00 52.51  ? 68  GLN A N   1 
ATOM   466  C  CA  . GLN A 1 87  ? -9.201  7.883   -1.163  1.00 51.77  ? 68  GLN A CA  1 
ATOM   467  C  C   . GLN A 1 87  ? -8.902  9.083   -0.251  1.00 51.58  ? 68  GLN A C   1 
ATOM   468  O  O   . GLN A 1 87  ? -9.124  10.242  -0.645  1.00 49.67  ? 68  GLN A O   1 
ATOM   469  C  CB  . GLN A 1 87  ? -10.554 8.044   -1.857  1.00 50.88  ? 68  GLN A CB  1 
ATOM   470  C  CG  . GLN A 1 87  ? -10.776 7.056   -2.993  1.00 50.69  ? 68  GLN A CG  1 
ATOM   471  C  CD  . GLN A 1 87  ? -12.153 7.198   -3.603  1.00 51.01  ? 68  GLN A CD  1 
ATOM   472  O  OE1 . GLN A 1 87  ? -13.148 7.035   -2.914  1.00 57.39  ? 68  GLN A OE1 1 
ATOM   473  N  NE2 . GLN A 1 87  ? -12.217 7.486   -4.903  1.00 47.58  ? 68  GLN A NE2 1 
ATOM   474  N  N   . ASP A 1 88  ? -8.385  8.803   0.945   1.00 51.66  ? 69  ASP A N   1 
ATOM   475  C  CA  . ASP A 1 88  ? -7.969  9.843   1.874   1.00 52.80  ? 69  ASP A CA  1 
ATOM   476  C  C   . ASP A 1 88  ? -6.577  10.302  1.428   1.00 52.93  ? 69  ASP A C   1 
ATOM   477  O  O   . ASP A 1 88  ? -5.660  9.497   1.350   1.00 52.09  ? 69  ASP A O   1 
ATOM   478  C  CB  . ASP A 1 88  ? -7.898  9.300   3.299   1.00 54.11  ? 69  ASP A CB  1 
ATOM   479  C  CG  . ASP A 1 88  ? -9.240  8.778   3.807   1.00 61.42  ? 69  ASP A CG  1 
ATOM   480  O  OD1 . ASP A 1 88  ? -10.290 9.305   3.376   1.00 65.87  ? 69  ASP A OD1 1 
ATOM   481  O  OD2 . ASP A 1 88  ? -9.244  7.849   4.655   1.00 70.35  ? 69  ASP A OD2 1 
ATOM   482  N  N   . GLN A 1 89  ? -6.433  11.580  1.095   1.00 53.42  ? 70  GLN A N   1 
ATOM   483  C  CA  . GLN A 1 89  ? -5.163  12.130  0.644   1.00 54.01  ? 70  GLN A CA  1 
ATOM   484  C  C   . GLN A 1 89  ? -4.495  12.935  1.767   1.00 54.79  ? 70  GLN A C   1 
ATOM   485  O  O   . GLN A 1 89  ? -5.176  13.618  2.533   1.00 54.52  ? 70  GLN A O   1 
ATOM   486  C  CB  . GLN A 1 89  ? -5.382  13.030  -0.569  1.00 53.34  ? 70  GLN A CB  1 
ATOM   487  C  CG  . GLN A 1 89  ? -5.955  12.325  -1.788  1.00 54.04  ? 70  GLN A CG  1 
ATOM   488  C  CD  . GLN A 1 89  ? -6.091  13.254  -2.987  1.00 55.41  ? 70  GLN A CD  1 
ATOM   489  O  OE1 . GLN A 1 89  ? -5.441  14.291  -3.051  1.00 67.37  ? 70  GLN A OE1 1 
ATOM   490  N  NE2 . GLN A 1 89  ? -6.927  12.878  -3.944  1.00 56.48  ? 70  GLN A NE2 1 
ATOM   491  N  N   . ALA A 1 90  ? -3.168  12.854  1.847   1.00 55.07  ? 71  ALA A N   1 
ATOM   492  C  CA  . ALA A 1 90  ? -2.392  13.548  2.873   1.00 54.26  ? 71  ALA A CA  1 
ATOM   493  C  C   . ALA A 1 90  ? -2.566  15.047  2.745   1.00 55.70  ? 71  ALA A C   1 
ATOM   494  O  O   . ALA A 1 90  ? -2.544  15.572  1.632   1.00 56.53  ? 71  ALA A O   1 
ATOM   495  C  CB  . ALA A 1 90  ? -0.904  13.188  2.754   1.00 52.87  ? 71  ALA A CB  1 
ATOM   496  N  N   . GLU A 1 91  ? -2.734  15.729  3.882   1.00 55.72  ? 72  GLU A N   1 
ATOM   497  C  CA  . GLU A 1 91  ? -2.889  17.178  3.897   1.00 55.68  ? 72  GLU A CA  1 
ATOM   498  C  C   . GLU A 1 91  ? -1.742  17.827  3.143   1.00 56.26  ? 72  GLU A C   1 
ATOM   499  O  O   . GLU A 1 91  ? -1.957  18.790  2.419   1.00 57.89  ? 72  GLU A O   1 
ATOM   500  C  CB  . GLU A 1 91  ? -2.939  17.718  5.332   1.00 55.18  ? 72  GLU A CB  1 
ATOM   501  N  N   . TRP A 1 92  ? -0.532  17.284  3.281   1.00 55.98  ? 73  TRP A N   1 
ATOM   502  C  CA  . TRP A 1 92  ? 0.633   17.861  2.605   1.00 55.86  ? 73  TRP A CA  1 
ATOM   503  C  C   . TRP A 1 92  ? 0.639   17.689  1.086   1.00 56.38  ? 73  TRP A C   1 
ATOM   504  O  O   . TRP A 1 92  ? 1.405   18.377  0.404   1.00 57.10  ? 73  TRP A O   1 
ATOM   505  C  CB  . TRP A 1 92  ? 1.949   17.356  3.206   1.00 55.40  ? 73  TRP A CB  1 
ATOM   506  C  CG  . TRP A 1 92  ? 2.274   15.932  2.940   1.00 54.13  ? 73  TRP A CG  1 
ATOM   507  C  CD1 . TRP A 1 92  ? 1.903   14.854  3.687   1.00 55.58  ? 73  TRP A CD1 1 
ATOM   508  C  CD2 . TRP A 1 92  ? 3.068   15.424  1.867   1.00 53.86  ? 73  TRP A CD2 1 
ATOM   509  N  NE1 . TRP A 1 92  ? 2.409   13.700  3.140   1.00 53.57  ? 73  TRP A NE1 1 
ATOM   510  C  CE2 . TRP A 1 92  ? 3.130   14.021  2.021   1.00 53.29  ? 73  TRP A CE2 1 
ATOM   511  C  CE3 . TRP A 1 92  ? 3.730   16.015  0.786   1.00 54.63  ? 73  TRP A CE3 1 
ATOM   512  C  CZ2 . TRP A 1 92  ? 3.831   13.199  1.136   1.00 52.69  ? 73  TRP A CZ2 1 
ATOM   513  C  CZ3 . TRP A 1 92  ? 4.425   15.192  -0.099  1.00 55.54  ? 73  TRP A CZ3 1 
ATOM   514  C  CH2 . TRP A 1 92  ? 4.470   13.800  0.085   1.00 53.59  ? 73  TRP A CH2 1 
ATOM   515  N  N   . TYR A 1 93  ? -0.175  16.773  0.555   1.00 56.14  ? 74  TYR A N   1 
ATOM   516  C  CA  . TYR A 1 93  ? -0.309  16.627  -0.903  1.00 55.98  ? 74  TYR A CA  1 
ATOM   517  C  C   . TYR A 1 93  ? -0.730  17.987  -1.479  1.00 55.91  ? 74  TYR A C   1 
ATOM   518  O  O   . TYR A 1 93  ? -0.239  18.393  -2.529  1.00 56.21  ? 74  TYR A O   1 
ATOM   519  C  CB  . TYR A 1 93  ? -1.320  15.529  -1.285  1.00 55.19  ? 74  TYR A CB  1 
ATOM   520  C  CG  . TYR A 1 93  ? -0.848  14.082  -1.181  1.00 57.28  ? 74  TYR A CG  1 
ATOM   521  C  CD1 . TYR A 1 93  ? 0.305   13.731  -0.477  1.00 57.23  ? 74  TYR A CD1 1 
ATOM   522  C  CD2 . TYR A 1 93  ? -1.610  13.046  -1.727  1.00 57.28  ? 74  TYR A CD2 1 
ATOM   523  C  CE1 . TYR A 1 93  ? 0.713   12.412  -0.379  1.00 55.78  ? 74  TYR A CE1 1 
ATOM   524  C  CE2 . TYR A 1 93  ? -1.202  11.711  -1.618  1.00 54.06  ? 74  TYR A CE2 1 
ATOM   525  C  CZ  . TYR A 1 93  ? -0.039  11.405  -0.947  1.00 55.61  ? 74  TYR A CZ  1 
ATOM   526  O  OH  . TYR A 1 93  ? 0.383   10.091  -0.826  1.00 52.42  ? 74  TYR A OH  1 
ATOM   527  N  N   . ASP A 1 94  ? -1.590  18.715  -0.763  1.00 55.39  ? 75  ASP A N   1 
ATOM   528  C  CA  . ASP A 1 94  ? -2.014  20.054  -1.192  1.00 56.76  ? 75  ASP A CA  1 
ATOM   529  C  C   . ASP A 1 94  ? -0.854  21.047  -1.406  1.00 56.98  ? 75  ASP A C   1 
ATOM   530  O  O   . ASP A 1 94  ? -1.053  22.082  -2.041  1.00 57.75  ? 75  ASP A O   1 
ATOM   531  C  CB  . ASP A 1 94  ? -3.008  20.670  -0.193  1.00 57.14  ? 75  ASP A CB  1 
ATOM   532  C  CG  . ASP A 1 94  ? -4.335  19.940  -0.146  1.00 57.67  ? 75  ASP A CG  1 
ATOM   533  O  OD1 . ASP A 1 94  ? -4.458  18.867  -0.761  1.00 66.41  ? 75  ASP A OD1 1 
ATOM   534  O  OD2 . ASP A 1 94  ? -5.264  20.439  0.515   1.00 65.15  ? 75  ASP A OD2 1 
ATOM   535  N  N   . ASP A 1 95  ? 0.332   20.747  -0.867  1.00 57.04  ? 76  ASP A N   1 
ATOM   536  C  CA  . ASP A 1 95  ? 1.514   21.607  -1.032  1.00 57.09  ? 76  ASP A CA  1 
ATOM   537  C  C   . ASP A 1 95  ? 2.286   21.358  -2.343  1.00 56.50  ? 76  ASP A C   1 
ATOM   538  O  O   . ASP A 1 95  ? 3.260   22.053  -2.606  1.00 57.34  ? 76  ASP A O   1 
ATOM   539  C  CB  . ASP A 1 95  ? 2.488   21.430  0.156   1.00 57.97  ? 76  ASP A CB  1 
ATOM   540  C  CG  . ASP A 1 95  ? 1.854   21.757  1.512   1.00 60.32  ? 76  ASP A CG  1 
ATOM   541  O  OD1 . ASP A 1 95  ? 1.089   22.756  1.603   1.00 61.06  ? 76  ASP A OD1 1 
ATOM   542  O  OD2 . ASP A 1 95  ? 2.153   21.025  2.497   1.00 59.93  ? 76  ASP A OD2 1 
ATOM   543  N  N   . ILE A 1 96  ? 1.860   20.394  -3.159  1.00 55.22  ? 77  ILE A N   1 
ATOM   544  C  CA  . ILE A 1 96  ? 2.548   20.051  -4.411  1.00 54.52  ? 77  ILE A CA  1 
ATOM   545  C  C   . ILE A 1 96  ? 1.768   20.522  -5.641  1.00 53.39  ? 77  ILE A C   1 
ATOM   546  O  O   . ILE A 1 96  ? 0.539   20.512  -5.647  1.00 52.74  ? 77  ILE A O   1 
ATOM   547  C  CB  . ILE A 1 96  ? 2.715   18.516  -4.533  1.00 54.19  ? 77  ILE A CB  1 
ATOM   548  C  CG1 . ILE A 1 96  ? 3.378   17.938  -3.283  1.00 55.33  ? 77  ILE A CG1 1 
ATOM   549  C  CG2 . ILE A 1 96  ? 3.519   18.144  -5.780  1.00 51.15  ? 77  ILE A CG2 1 
ATOM   550  C  CD1 . ILE A 1 96  ? 3.388   16.434  -3.260  1.00 55.20  ? 77  ILE A CD1 1 
ATOM   551  N  N   . ASP A 1 97  ? 2.493   20.938  -6.675  1.00 53.22  ? 78  ASP A N   1 
ATOM   552  C  CA  . ASP A 1 97  ? 1.882   21.352  -7.934  1.00 53.25  ? 78  ASP A CA  1 
ATOM   553  C  C   . ASP A 1 97  ? 1.733   20.090  -8.781  1.00 52.53  ? 78  ASP A C   1 
ATOM   554  O  O   . ASP A 1 97  ? 2.616   19.767  -9.569  1.00 54.04  ? 78  ASP A O   1 
ATOM   555  N  N   . TRP A 1 98  ? 0.626   19.376  -8.614  1.00 50.74  ? 79  TRP A N   1 
ATOM   556  C  CA  . TRP A 1 98  ? 0.400   18.139  -9.363  1.00 50.01  ? 79  TRP A CA  1 
ATOM   557  C  C   . TRP A 1 98  ? 0.028   18.418  -10.818 1.00 50.07  ? 79  TRP A C   1 
ATOM   558  O  O   . TRP A 1 98  ? -0.687  19.378  -11.095 1.00 50.54  ? 79  TRP A O   1 
ATOM   559  C  CB  . TRP A 1 98  ? -0.731  17.321  -8.753  1.00 49.11  ? 79  TRP A CB  1 
ATOM   560  C  CG  . TRP A 1 98  ? -0.496  16.887  -7.362  1.00 47.87  ? 79  TRP A CG  1 
ATOM   561  C  CD1 . TRP A 1 98  ? -0.725  17.612  -6.242  1.00 47.74  ? 79  TRP A CD1 1 
ATOM   562  C  CD2 . TRP A 1 98  ? -0.013  15.612  -6.927  1.00 47.73  ? 79  TRP A CD2 1 
ATOM   563  N  NE1 . TRP A 1 98  ? -0.411  16.882  -5.133  1.00 50.04  ? 79  TRP A NE1 1 
ATOM   564  C  CE2 . TRP A 1 98  ? 0.033   15.647  -5.520  1.00 50.25  ? 79  TRP A CE2 1 
ATOM   565  C  CE3 . TRP A 1 98  ? 0.382   14.445  -7.585  1.00 49.20  ? 79  TRP A CE3 1 
ATOM   566  C  CZ2 . TRP A 1 98  ? 0.449   14.559  -4.752  1.00 48.91  ? 79  TRP A CZ2 1 
ATOM   567  C  CZ3 . TRP A 1 98  ? 0.803   13.358  -6.821  1.00 50.29  ? 79  TRP A CZ3 1 
ATOM   568  C  CH2 . TRP A 1 98  ? 0.830   13.425  -5.419  1.00 50.17  ? 79  TRP A CH2 1 
ATOM   569  N  N   . PRO A 1 99  ? 0.501   17.573  -11.753 1.00 49.93  ? 80  PRO A N   1 
ATOM   570  C  CA  . PRO A 1 99  ? 0.160   17.725  -13.161 1.00 50.22  ? 80  PRO A CA  1 
ATOM   571  C  C   . PRO A 1 99  ? -1.075  16.925  -13.574 1.00 50.65  ? 80  PRO A C   1 
ATOM   572  O  O   . PRO A 1 99  ? -1.353  16.810  -14.766 1.00 51.82  ? 80  PRO A O   1 
ATOM   573  C  CB  . PRO A 1 99  ? 1.387   17.140  -13.852 1.00 50.24  ? 80  PRO A CB  1 
ATOM   574  C  CG  . PRO A 1 99  ? 1.766   16.023  -12.977 1.00 48.21  ? 80  PRO A CG  1 
ATOM   575  C  CD  . PRO A 1 99  ? 1.424   16.439  -11.564 1.00 49.47  ? 80  PRO A CD  1 
ATOM   576  N  N   . VAL A 1 100 ? -1.807  16.385  -12.604 1.00 50.65  ? 81  VAL A N   1 
ATOM   577  C  CA  . VAL A 1 100 ? -2.967  15.562  -12.886 1.00 50.90  ? 81  VAL A CA  1 
ATOM   578  C  C   . VAL A 1 100 ? -4.092  15.934  -11.914 1.00 51.17  ? 81  VAL A C   1 
ATOM   579  O  O   . VAL A 1 100 ? -3.835  16.514  -10.856 1.00 50.07  ? 81  VAL A O   1 
ATOM   580  C  CB  . VAL A 1 100 ? -2.575  14.069  -12.762 1.00 50.66  ? 81  VAL A CB  1 
ATOM   581  C  CG1 . VAL A 1 100 ? -2.398  13.673  -11.297 1.00 48.17  ? 81  VAL A CG1 1 
ATOM   582  C  CG2 . VAL A 1 100 ? -3.594  13.199  -13.427 1.00 53.77  ? 81  VAL A CG2 1 
ATOM   583  N  N   . ASN A 1 101 ? -5.336  15.645  -12.295 1.00 52.39  ? 82  ASN A N   1 
ATOM   584  C  CA  . ASN A 1 101 ? -6.488  15.919  -11.430 1.00 53.78  ? 82  ASN A CA  1 
ATOM   585  C  C   . ASN A 1 101 ? -6.557  14.859  -10.328 1.00 53.12  ? 82  ASN A C   1 
ATOM   586  O  O   . ASN A 1 101 ? -6.417  13.665  -10.593 1.00 51.46  ? 82  ASN A O   1 
ATOM   587  C  CB  . ASN A 1 101 ? -7.787  15.930  -12.237 1.00 55.00  ? 82  ASN A CB  1 
ATOM   588  C  CG  . ASN A 1 101 ? -8.993  16.378  -11.419 1.00 58.34  ? 82  ASN A CG  1 
ATOM   589  O  OD1 . ASN A 1 101 ? -8.931  16.516  -10.193 1.00 63.94  ? 82  ASN A OD1 1 
ATOM   590  N  ND2 . ASN A 1 101 ? -10.107 16.608  -12.109 1.00 64.59  ? 82  ASN A ND2 1 
ATOM   591  N  N   . ARG A 1 102 ? -6.778  15.314  -9.100  1.00 52.82  ? 83  ARG A N   1 
ATOM   592  C  CA  . ARG A 1 102 ? -6.816  14.441  -7.935  1.00 53.44  ? 83  ARG A CA  1 
ATOM   593  C  C   . ARG A 1 102 ? -8.209  14.147  -7.395  1.00 51.98  ? 83  ARG A C   1 
ATOM   594  O  O   . ARG A 1 102 ? -8.360  13.220  -6.588  1.00 49.84  ? 83  ARG A O   1 
ATOM   595  C  CB  . ARG A 1 102 ? -5.974  15.037  -6.802  1.00 53.99  ? 83  ARG A CB  1 
ATOM   596  C  CG  . ARG A 1 102 ? -4.471  15.011  -7.039  1.00 56.77  ? 83  ARG A CG  1 
ATOM   597  C  CD  . ARG A 1 102 ? -3.747  15.460  -5.783  1.00 56.35  ? 83  ARG A CD  1 
ATOM   598  N  NE  . ARG A 1 102 ? -4.041  16.860  -5.469  1.00 59.47  ? 83  ARG A NE  1 
ATOM   599  C  CZ  . ARG A 1 102 ? -3.957  17.423  -4.261  1.00 59.27  ? 83  ARG A CZ  1 
ATOM   600  N  NH1 . ARG A 1 102 ? -3.628  16.713  -3.186  1.00 61.36  ? 83  ARG A NH1 1 
ATOM   601  N  NH2 . ARG A 1 102 ? -4.251  18.711  -4.123  1.00 54.77  ? 83  ARG A NH2 1 
ATOM   602  N  N   . GLU A 1 103 ? -9.205  14.939  -7.797  1.00 50.81  ? 84  GLU A N   1 
ATOM   603  C  CA  . GLU A 1 103 ? -10.576 14.726  -7.343  1.00 51.19  ? 84  GLU A CA  1 
ATOM   604  C  C   . GLU A 1 103 ? -10.915 13.240  -7.475  1.00 51.65  ? 84  GLU A C   1 
ATOM   605  O  O   . GLU A 1 103 ? -10.808 12.682  -8.562  1.00 53.51  ? 84  GLU A O   1 
ATOM   606  C  CB  . GLU A 1 103 ? -11.556 15.565  -8.161  1.00 50.39  ? 84  GLU A CB  1 
ATOM   607  N  N   . GLY A 1 104 ? -11.242 12.589  -6.362  1.00 49.87  ? 85  GLY A N   1 
ATOM   608  C  CA  . GLY A 1 104 ? -11.627 11.185  -6.391  1.00 50.31  ? 85  GLY A CA  1 
ATOM   609  C  C   . GLY A 1 104 ? -10.531 10.149  -6.605  1.00 51.00  ? 85  GLY A C   1 
ATOM   610  O  O   . GLY A 1 104 ? -10.818 8.963   -6.770  1.00 51.59  ? 85  GLY A O   1 
ATOM   611  N  N   . ALA A 1 105 ? -9.274  10.567  -6.583  1.00 51.79  ? 86  ALA A N   1 
ATOM   612  C  CA  . ALA A 1 105 ? -8.173  9.641   -6.787  1.00 52.00  ? 86  ALA A CA  1 
ATOM   613  C  C   . ALA A 1 105 ? -8.017  8.674   -5.607  1.00 51.76  ? 86  ALA A C   1 
ATOM   614  O  O   . ALA A 1 105 ? -8.430  8.983   -4.485  1.00 51.91  ? 86  ALA A O   1 
ATOM   615  C  CB  . ALA A 1 105 ? -6.887  10.414  -6.996  1.00 52.73  ? 86  ALA A CB  1 
ATOM   616  N  N   . PHE A 1 106 ? -7.450  7.502   -5.898  1.00 51.02  ? 87  PHE A N   1 
ATOM   617  C  CA  . PHE A 1 106 ? -7.107  6.500   -4.885  1.00 51.21  ? 87  PHE A CA  1 
ATOM   618  C  C   . PHE A 1 106 ? -5.657  6.719   -4.428  1.00 52.19  ? 87  PHE A C   1 
ATOM   619  O  O   . PHE A 1 106 ? -4.841  7.283   -5.163  1.00 50.92  ? 87  PHE A O   1 
ATOM   620  C  CB  . PHE A 1 106 ? -7.303  5.079   -5.416  1.00 50.75  ? 87  PHE A CB  1 
ATOM   621  C  CG  . PHE A 1 106 ? -8.727  4.644   -5.420  1.00 49.57  ? 87  PHE A CG  1 
ATOM   622  C  CD1 . PHE A 1 106 ? -9.574  5.013   -6.445  1.00 53.83  ? 87  PHE A CD1 1 
ATOM   623  C  CD2 . PHE A 1 106 ? -9.237  3.896   -4.387  1.00 45.23  ? 87  PHE A CD2 1 
ATOM   624  C  CE1 . PHE A 1 106 ? -10.904 4.621   -6.443  1.00 51.15  ? 87  PHE A CE1 1 
ATOM   625  C  CE2 . PHE A 1 106 ? -10.568 3.510   -4.389  1.00 46.86  ? 87  PHE A CE2 1 
ATOM   626  C  CZ  . PHE A 1 106 ? -11.388 3.865   -5.416  1.00 48.57  ? 87  PHE A CZ  1 
ATOM   627  N  N   . VAL A 1 107 ? -5.355  6.272   -3.209  1.00 52.33  ? 88  VAL A N   1 
ATOM   628  C  CA  . VAL A 1 107 ? -4.052  6.477   -2.603  1.00 51.37  ? 88  VAL A CA  1 
ATOM   629  C  C   . VAL A 1 107 ? -3.564  5.202   -1.928  1.00 52.64  ? 88  VAL A C   1 
ATOM   630  O  O   . VAL A 1 107 ? -4.287  4.617   -1.110  1.00 50.33  ? 88  VAL A O   1 
ATOM   631  C  CB  . VAL A 1 107 ? -4.131  7.557   -1.496  1.00 52.28  ? 88  VAL A CB  1 
ATOM   632  C  CG1 . VAL A 1 107 ? -2.786  7.726   -0.831  1.00 51.14  ? 88  VAL A CG1 1 
ATOM   633  C  CG2 . VAL A 1 107 ? -4.650  8.889   -2.045  1.00 49.00  ? 88  VAL A CG2 1 
ATOM   634  N  N   . ILE A 1 108 ? -2.348  4.777   -2.265  1.00 51.20  ? 89  ILE A N   1 
ATOM   635  C  CA  . ILE A 1 108 ? -1.724  3.627   -1.615  1.00 49.90  ? 89  ILE A CA  1 
ATOM   636  C  C   . ILE A 1 108 ? -0.875  4.207   -0.503  1.00 50.20  ? 89  ILE A C   1 
ATOM   637  O  O   . ILE A 1 108 ? 0.105   4.905   -0.755  1.00 48.45  ? 89  ILE A O   1 
ATOM   638  C  CB  . ILE A 1 108 ? -0.859  2.827   -2.581  1.00 50.43  ? 89  ILE A CB  1 
ATOM   639  C  CG1 . ILE A 1 108 ? -1.761  2.286   -3.697  1.00 49.14  ? 89  ILE A CG1 1 
ATOM   640  C  CG2 . ILE A 1 108 ? -0.113  1.691   -1.826  1.00 42.23  ? 89  ILE A CG2 1 
ATOM   641  C  CD1 . ILE A 1 108 ? -1.060  1.493   -4.746  1.00 51.68  ? 89  ILE A CD1 1 
ATOM   642  N  N   . HIS A 1 109 ? -1.267  3.929   0.732   1.00 51.09  ? 90  HIS A N   1 
ATOM   643  C  CA  . HIS A 1 109 ? -0.598  4.495   1.885   1.00 49.10  ? 90  HIS A CA  1 
ATOM   644  C  C   . HIS A 1 109 ? 0.504   3.662   2.417   1.00 47.46  ? 90  HIS A C   1 
ATOM   645  O  O   . HIS A 1 109 ? 1.433   4.196   2.983   1.00 47.11  ? 90  HIS A O   1 
ATOM   646  C  CB  . HIS A 1 109 ? -1.595  4.701   3.017   1.00 50.76  ? 90  HIS A CB  1 
ATOM   647  C  CG  . HIS A 1 109 ? -2.679  5.663   2.681   1.00 49.26  ? 90  HIS A CG  1 
ATOM   648  N  ND1 . HIS A 1 109 ? -2.448  7.014   2.580   1.00 52.17  ? 90  HIS A ND1 1 
ATOM   649  C  CD2 . HIS A 1 109 ? -3.992  5.479   2.413   1.00 51.94  ? 90  HIS A CD2 1 
ATOM   650  C  CE1 . HIS A 1 109 ? -3.574  7.626   2.273   1.00 52.99  ? 90  HIS A CE1 1 
ATOM   651  N  NE2 . HIS A 1 109 ? -4.527  6.719   2.164   1.00 55.15  ? 90  HIS A NE2 1 
ATOM   652  N  N   . ARG A 1 110 ? 0.405   2.347   2.271   1.00 49.53  ? 91  ARG A N   1 
ATOM   653  C  CA  A ARG A 1 110 ? 1.450   1.466   2.769   0.50 49.56  ? 91  ARG A CA  1 
ATOM   654  C  CA  B ARG A 1 110 ? 1.407   1.439   2.832   0.50 49.29  ? 91  ARG A CA  1 
ATOM   655  C  C   . ARG A 1 110 ? 1.405   0.143   2.024   1.00 49.20  ? 91  ARG A C   1 
ATOM   656  O  O   . ARG A 1 110 ? 0.347   -0.324  1.649   1.00 52.08  ? 91  ARG A O   1 
ATOM   657  C  CB  A ARG A 1 110 ? 1.297   1.250   4.276   0.50 48.89  ? 91  ARG A CB  1 
ATOM   658  C  CB  B ARG A 1 110 ? 1.027   1.159   4.295   0.50 48.81  ? 91  ARG A CB  1 
ATOM   659  C  CG  A ARG A 1 110 ? 2.507   0.620   4.959   0.50 52.57  ? 91  ARG A CG  1 
ATOM   660  C  CG  B ARG A 1 110 ? 2.083   0.514   5.206   0.50 50.67  ? 91  ARG A CG  1 
ATOM   661  C  CD  A ARG A 1 110 ? 3.718   1.554   5.023   0.50 55.61  ? 91  ARG A CD  1 
ATOM   662  C  CD  B ARG A 1 110 ? 3.182   1.480   5.639   0.50 53.22  ? 91  ARG A CD  1 
ATOM   663  N  NE  A ARG A 1 110 ? 4.798   0.933   5.789   0.50 57.42  ? 91  ARG A NE  1 
ATOM   664  N  NE  B ARG A 1 110 ? 3.975   0.972   6.775   0.50 53.81  ? 91  ARG A NE  1 
ATOM   665  C  CZ  A ARG A 1 110 ? 5.746   0.135   5.302   0.50 51.88  ? 91  ARG A CZ  1 
ATOM   666  C  CZ  B ARG A 1 110 ? 3.801   1.286   8.064   0.50 49.55  ? 91  ARG A CZ  1 
ATOM   667  N  NH1 A ARG A 1 110 ? 5.812   -0.159  4.013   0.50 48.96  ? 91  ARG A NH1 1 
ATOM   668  N  NH1 B ARG A 1 110 ? 2.848   2.124   8.461   0.50 51.69  ? 91  ARG A NH1 1 
ATOM   669  N  NH2 A ARG A 1 110 ? 6.645   -0.368  6.134   0.50 56.16  ? 91  ARG A NH2 1 
ATOM   670  N  NH2 B ARG A 1 110 ? 4.602   0.755   8.979   0.50 49.31  ? 91  ARG A NH2 1 
ATOM   671  N  N   . LEU A 1 111 ? 2.580   -0.424  1.771   1.00 49.49  ? 92  LEU A N   1 
ATOM   672  C  CA  . LEU A 1 111 ? 2.739   -1.701  1.063   1.00 49.04  ? 92  LEU A CA  1 
ATOM   673  C  C   . LEU A 1 111 ? 3.954   -2.416  1.655   1.00 50.14  ? 92  LEU A C   1 
ATOM   674  O  O   . LEU A 1 111 ? 5.006   -1.811  1.820   1.00 50.58  ? 92  LEU A O   1 
ATOM   675  C  CB  . LEU A 1 111 ? 2.992   -1.467  -0.427  1.00 49.19  ? 92  LEU A CB  1 
ATOM   676  C  CG  . LEU A 1 111 ? 3.256   -2.692  -1.322  1.00 50.63  ? 92  LEU A CG  1 
ATOM   677  C  CD1 . LEU A 1 111 ? 2.110   -3.714  -1.253  1.00 45.10  ? 92  LEU A CD1 1 
ATOM   678  C  CD2 . LEU A 1 111 ? 3.463   -2.247  -2.771  1.00 45.99  ? 92  LEU A CD2 1 
ATOM   679  N  N   . THR A 1 112 ? 3.813   -3.689  1.993   1.00 51.77  ? 93  THR A N   1 
ATOM   680  C  CA  . THR A 1 112 ? 4.933   -4.461  2.520   1.00 53.11  ? 93  THR A CA  1 
ATOM   681  C  C   . THR A 1 112 ? 4.757   -5.901  2.119   1.00 52.35  ? 93  THR A C   1 
ATOM   682  O  O   . THR A 1 112 ? 3.630   -6.401  2.120   1.00 51.18  ? 93  THR A O   1 
ATOM   683  C  CB  . THR A 1 112 ? 4.989   -4.477  4.047   1.00 54.44  ? 93  THR A CB  1 
ATOM   684  O  OG1 . THR A 1 112 ? 4.852   -3.148  4.559   1.00 69.24  ? 93  THR A OG1 1 
ATOM   685  C  CG2 . THR A 1 112 ? 6.300   -5.048  4.502   1.00 54.30  ? 93  THR A CG2 1 
ATOM   686  N  N   . GLY A 1 113 ? 5.876   -6.534  1.765   1.00 52.51  ? 94  GLY A N   1 
ATOM   687  C  CA  . GLY A 1 113 ? 5.954   -7.949  1.431   1.00 52.59  ? 94  GLY A CA  1 
ATOM   688  C  C   . GLY A 1 113 ? 6.662   -8.621  2.594   1.00 53.03  ? 94  GLY A C   1 
ATOM   689  O  O   . GLY A 1 113 ? 6.632   -8.105  3.719   1.00 54.52  ? 94  GLY A O   1 
ATOM   690  N  N   . SER A 1 114 ? 7.296   -9.764  2.350   1.00 52.64  ? 95  SER A N   1 
ATOM   691  C  CA  . SER A 1 114 ? 7.965   -10.491 3.429   1.00 54.11  ? 95  SER A CA  1 
ATOM   692  C  C   . SER A 1 114 ? 9.274   -11.124 2.987   1.00 53.81  ? 95  SER A C   1 
ATOM   693  O  O   . SER A 1 114 ? 9.519   -11.258 1.785   1.00 53.46  ? 95  SER A O   1 
ATOM   694  C  CB  . SER A 1 114 ? 7.037   -11.573 3.987   1.00 54.21  ? 95  SER A CB  1 
ATOM   695  O  OG  . SER A 1 114 ? 6.701   -12.511 2.981   1.00 54.79  ? 95  SER A OG  1 
ATOM   696  N  N   . LYS A 1 115 ? 10.104  -11.495 3.971   1.00 53.02  ? 96  LYS A N   1 
ATOM   697  C  CA  . LYS A 1 115 ? 11.391  -12.153 3.724   1.00 52.91  ? 96  LYS A CA  1 
ATOM   698  C  C   . LYS A 1 115 ? 11.152  -13.480 3.018   1.00 53.11  ? 96  LYS A C   1 
ATOM   699  O  O   . LYS A 1 115 ? 11.866  -13.835 2.084   1.00 52.92  ? 96  LYS A O   1 
ATOM   700  C  CB  . LYS A 1 115 ? 12.150  -12.400 5.040   1.00 52.51  ? 96  LYS A CB  1 
ATOM   701  N  N   . GLU A 1 116 ? 10.131  -14.198 3.476   1.00 54.50  ? 97  GLU A N   1 
ATOM   702  C  CA  . GLU A 1 116 ? 9.762   -15.488 2.911   1.00 54.99  ? 97  GLU A CA  1 
ATOM   703  C  C   . GLU A 1 116 ? 9.191   -15.371 1.491   1.00 54.05  ? 97  GLU A C   1 
ATOM   704  O  O   . GLU A 1 116 ? 9.254   -16.321 0.728   1.00 53.72  ? 97  GLU A O   1 
ATOM   705  C  CB  . GLU A 1 116 ? 8.795   -16.230 3.855   1.00 55.83  ? 97  GLU A CB  1 
ATOM   706  C  CG  . GLU A 1 116 ? 9.437   -16.656 5.194   1.00 53.69  ? 97  GLU A CG  1 
ATOM   707  N  N   . TYR A 1 117 ? 8.660   -14.209 1.126   1.00 56.18  ? 98  TYR A N   1 
ATOM   708  C  CA  . TYR A 1 117 ? 8.103   -13.995 -0.217  1.00 56.75  ? 98  TYR A CA  1 
ATOM   709  C  C   . TYR A 1 117 ? 8.041   -12.482 -0.546  1.00 57.37  ? 98  TYR A C   1 
ATOM   710  O  O   . TYR A 1 117 ? 7.046   -11.808 -0.287  1.00 58.05  ? 98  TYR A O   1 
ATOM   711  C  CB  . TYR A 1 117 ? 6.740   -14.712 -0.322  1.00 57.94  ? 98  TYR A CB  1 
ATOM   712  C  CG  . TYR A 1 117 ? 5.974   -14.487 -1.604  1.00 60.19  ? 98  TYR A CG  1 
ATOM   713  C  CD1 . TYR A 1 117 ? 6.631   -14.340 -2.825  1.00 62.15  ? 98  TYR A CD1 1 
ATOM   714  C  CD2 . TYR A 1 117 ? 4.588   -14.500 -1.606  1.00 57.90  ? 98  TYR A CD2 1 
ATOM   715  C  CE1 . TYR A 1 117 ? 5.930   -14.145 -3.986  1.00 61.59  ? 98  TYR A CE1 1 
ATOM   716  C  CE2 . TYR A 1 117 ? 3.878   -14.309 -2.765  1.00 56.34  ? 98  TYR A CE2 1 
ATOM   717  C  CZ  . TYR A 1 117 ? 4.554   -14.134 -3.948  1.00 62.73  ? 98  TYR A CZ  1 
ATOM   718  O  OH  . TYR A 1 117 ? 3.858   -13.951 -5.117  1.00 70.41  ? 98  TYR A OH  1 
ATOM   719  N  N   . LYS A 1 118 ? 9.140   -11.956 -1.095  1.00 58.21  ? 99  LYS A N   1 
ATOM   720  C  CA  . LYS A 1 118 ? 9.244   -10.521 -1.428  1.00 57.09  ? 99  LYS A CA  1 
ATOM   721  C  C   . LYS A 1 118 ? 8.238   -10.132 -2.509  1.00 56.19  ? 99  LYS A C   1 
ATOM   722  O  O   . LYS A 1 118 ? 7.648   -9.028  -2.439  1.00 53.37  ? 99  LYS A O   1 
ATOM   723  C  CB  . LYS A 1 118 ? 10.664  -10.140 -1.857  1.00 57.21  ? 99  LYS A CB  1 
ATOM   724  C  CG  . LYS A 1 118 ? 11.733  -10.337 -0.772  1.00 61.44  ? 99  LYS A CG  1 
ATOM   725  N  N   . GLY A 1 119 ? 8.048   -11.051 -3.478  1.00 53.78  ? 100 GLY A N   1 
ATOM   726  C  CA  . GLY A 1 119 ? 7.056   -10.918 -4.560  1.00 53.27  ? 100 GLY A CA  1 
ATOM   727  C  C   . GLY A 1 119 ? 5.605   -10.656 -4.118  1.00 52.20  ? 100 GLY A C   1 
ATOM   728  O  O   . GLY A 1 119 ? 4.777   -10.251 -4.924  1.00 52.50  ? 100 GLY A O   1 
ATOM   729  N  N   . ALA A 1 120 ? 5.276   -10.890 -2.850  1.00 49.83  ? 101 ALA A N   1 
ATOM   730  C  CA  . ALA A 1 120 ? 3.952   -10.591 -2.372  1.00 50.32  ? 101 ALA A CA  1 
ATOM   731  C  C   . ALA A 1 120 ? 3.604   -9.114  -2.559  1.00 50.37  ? 101 ALA A C   1 
ATOM   732  O  O   . ALA A 1 120 ? 2.443   -8.793  -2.781  1.00 49.87  ? 101 ALA A O   1 
ATOM   733  C  CB  . ALA A 1 120 ? 3.812   -10.993 -0.905  1.00 51.43  ? 101 ALA A CB  1 
ATOM   734  N  N   . ALA A 1 121 ? 4.598   -8.223  -2.463  1.00 49.98  ? 102 ALA A N   1 
ATOM   735  C  CA  . ALA A 1 121 ? 4.365   -6.779  -2.616  1.00 49.54  ? 102 ALA A CA  1 
ATOM   736  C  C   . ALA A 1 121 ? 3.889   -6.456  -4.023  1.00 50.78  ? 102 ALA A C   1 
ATOM   737  O  O   . ALA A 1 121 ? 2.935   -5.699  -4.212  1.00 53.98  ? 102 ALA A O   1 
ATOM   738  C  CB  . ALA A 1 121 ? 5.614   -5.999  -2.313  1.00 47.35  ? 102 ALA A CB  1 
ATOM   739  N  N   . THR A 1 122 ? 4.557   -7.046  -4.999  1.00 49.64  ? 103 THR A N   1 
ATOM   740  C  CA  . THR A 1 122 ? 4.237   -6.847  -6.390  1.00 48.74  ? 103 THR A CA  1 
ATOM   741  C  C   . THR A 1 122 ? 2.841   -7.326  -6.704  1.00 51.01  ? 103 THR A C   1 
ATOM   742  O  O   . THR A 1 122 ? 2.102   -6.630  -7.389  1.00 52.05  ? 103 THR A O   1 
ATOM   743  C  CB  . THR A 1 122 ? 5.265   -7.571  -7.276  1.00 48.97  ? 103 THR A CB  1 
ATOM   744  O  OG1 . THR A 1 122 ? 6.579   -7.137  -6.894  1.00 45.25  ? 103 THR A OG1 1 
ATOM   745  C  CG2 . THR A 1 122 ? 5.040   -7.289  -8.760  1.00 40.12  ? 103 THR A CG2 1 
ATOM   746  N  N   . GLU A 1 123 ? 2.455   -8.490  -6.194  1.00 52.46  ? 104 GLU A N   1 
ATOM   747  C  CA  A GLU A 1 123 ? 1.118   -9.025  -6.441  0.50 52.58  ? 104 GLU A CA  1 
ATOM   748  C  CA  B GLU A 1 123 ? 1.116   -9.008  -6.468  0.50 53.07  ? 104 GLU A CA  1 
ATOM   749  C  C   . GLU A 1 123 ? 0.032   -8.145  -5.829  1.00 53.32  ? 104 GLU A C   1 
ATOM   750  O  O   . GLU A 1 123 ? -1.009  -7.922  -6.424  1.00 55.49  ? 104 GLU A O   1 
ATOM   751  C  CB  A GLU A 1 123 ? 1.000   -10.450 -5.892  0.50 52.71  ? 104 GLU A CB  1 
ATOM   752  C  CB  B GLU A 1 123 ? 0.967   -10.462 -6.026  0.50 53.21  ? 104 GLU A CB  1 
ATOM   753  C  CG  A GLU A 1 123 ? 1.865   -11.464 -6.627  0.50 52.88  ? 104 GLU A CG  1 
ATOM   754  C  CG  B GLU A 1 123 ? 1.783   -11.440 -6.865  0.50 54.62  ? 104 GLU A CG  1 
ATOM   755  C  CD  A GLU A 1 123 ? 1.486   -11.600 -8.092  0.50 53.78  ? 104 GLU A CD  1 
ATOM   756  C  CD  B GLU A 1 123 ? 1.357   -12.889 -6.685  0.50 54.35  ? 104 GLU A CD  1 
ATOM   757  O  OE1 A GLU A 1 123 ? 0.269   -11.709 -8.383  0.50 49.72  ? 104 GLU A OE1 1 
ATOM   758  O  OE1 B GLU A 1 123 ? 0.343   -13.144 -6.004  0.50 58.98  ? 104 GLU A OE1 1 
ATOM   759  O  OE2 A GLU A 1 123 ? 2.405   -11.610 -8.944  0.50 52.48  ? 104 GLU A OE2 1 
ATOM   760  O  OE2 B GLU A 1 123 ? 2.030   -13.782 -7.245  0.50 60.04  ? 104 GLU A OE2 1 
ATOM   761  N  N   . LEU A 1 124 ? 0.275   -7.656  -4.627  1.00 53.39  ? 105 LEU A N   1 
ATOM   762  C  CA  . LEU A 1 124 ? -0.700  -6.815  -3.952  1.00 52.60  ? 105 LEU A CA  1 
ATOM   763  C  C   . LEU A 1 124 ? -0.883  -5.474  -4.670  1.00 53.44  ? 105 LEU A C   1 
ATOM   764  O  O   . LEU A 1 124 ? -2.010  -5.006  -4.893  1.00 49.92  ? 105 LEU A O   1 
ATOM   765  C  CB  . LEU A 1 124 ? -0.265  -6.595  -2.499  1.00 51.67  ? 105 LEU A CB  1 
ATOM   766  C  CG  . LEU A 1 124 ? -0.435  -7.788  -1.547  1.00 52.60  ? 105 LEU A CG  1 
ATOM   767  C  CD1 . LEU A 1 124 ? 0.243   -7.494  -0.206  1.00 44.23  ? 105 LEU A CD1 1 
ATOM   768  C  CD2 . LEU A 1 124 ? -1.946  -8.110  -1.335  1.00 42.06  ? 105 LEU A CD2 1 
ATOM   769  N  N   . PHE A 1 125 ? 0.242   -4.869  -5.044  1.00 54.89  ? 106 PHE A N   1 
ATOM   770  C  CA  . PHE A 1 125 ? 0.242   -3.569  -5.717  1.00 56.56  ? 106 PHE A CA  1 
ATOM   771  C  C   . PHE A 1 125 ? -0.565  -3.719  -7.004  1.00 56.99  ? 106 PHE A C   1 
ATOM   772  O  O   . PHE A 1 125 ? -1.414  -2.898  -7.363  1.00 56.28  ? 106 PHE A O   1 
ATOM   773  C  CB  . PHE A 1 125 ? 1.675   -3.172  -6.067  1.00 56.83  ? 106 PHE A CB  1 
ATOM   774  C  CG  . PHE A 1 125 ? 1.927   -1.684  -6.144  1.00 58.70  ? 106 PHE A CG  1 
ATOM   775  C  CD1 . PHE A 1 125 ? 0.969   -0.786  -6.605  1.00 58.04  ? 106 PHE A CD1 1 
ATOM   776  C  CD2 . PHE A 1 125 ? 3.215   -1.200  -5.869  1.00 67.93  ? 106 PHE A CD2 1 
ATOM   777  C  CE1 . PHE A 1 125 ? 1.264   0.575   -6.695  1.00 65.32  ? 106 PHE A CE1 1 
ATOM   778  C  CE2 . PHE A 1 125 ? 3.527   0.154   -5.968  1.00 61.85  ? 106 PHE A CE2 1 
ATOM   779  C  CZ  . PHE A 1 125 ? 2.554   1.047   -6.379  1.00 65.12  ? 106 PHE A CZ  1 
ATOM   780  N  N   . ASN A 1 126 ? -0.306  -4.819  -7.674  1.00 56.48  ? 107 ASN A N   1 
ATOM   781  C  CA  . ASN A 1 126 ? -0.929  -5.090  -8.921  1.00 56.11  ? 107 ASN A CA  1 
ATOM   782  C  C   . ASN A 1 126 ? -2.401  -5.395  -8.789  1.00 56.33  ? 107 ASN A C   1 
ATOM   783  O  O   . ASN A 1 126 ? -3.189  -5.043  -9.667  1.00 61.39  ? 107 ASN A O   1 
ATOM   784  C  CB  . ASN A 1 126 ? -0.192  -6.253  -9.553  1.00 56.75  ? 107 ASN A CB  1 
ATOM   785  C  CG  . ASN A 1 126 ? -0.564  -6.450  -10.952 1.00 55.80  ? 107 ASN A CG  1 
ATOM   786  O  OD1 . ASN A 1 126 ? 0.056   -5.884  -11.842 1.00 53.55  ? 107 ASN A OD1 1 
ATOM   787  N  ND2 . ASN A 1 126 ? -1.626  -7.192  -11.175 1.00 64.83  ? 107 ASN A ND2 1 
ATOM   788  N  N   . TYR A 1 127 ? -2.782  -6.085  -7.721  1.00 53.51  ? 108 TYR A N   1 
ATOM   789  C  CA  . TYR A 1 127 ? -4.184  -6.427  -7.515  1.00 49.13  ? 108 TYR A CA  1 
ATOM   790  C  C   . TYR A 1 127 ? -4.975  -5.138  -7.271  1.00 50.31  ? 108 TYR A C   1 
ATOM   791  O  O   . TYR A 1 127 ? -6.035  -4.953  -7.855  1.00 50.40  ? 108 TYR A O   1 
ATOM   792  C  CB  . TYR A 1 127 ? -4.321  -7.404  -6.356  1.00 48.30  ? 108 TYR A CB  1 
ATOM   793  C  CG  . TYR A 1 127 ? -5.731  -7.650  -5.902  1.00 43.50  ? 108 TYR A CG  1 
ATOM   794  C  CD1 . TYR A 1 127 ? -6.370  -6.753  -5.060  1.00 46.47  ? 108 TYR A CD1 1 
ATOM   795  C  CD2 . TYR A 1 127 ? -6.418  -8.784  -6.279  1.00 44.92  ? 108 TYR A CD2 1 
ATOM   796  C  CE1 . TYR A 1 127 ? -7.668  -6.967  -4.632  1.00 46.59  ? 108 TYR A CE1 1 
ATOM   797  C  CE2 . TYR A 1 127 ? -7.733  -9.009  -5.853  1.00 44.42  ? 108 TYR A CE2 1 
ATOM   798  C  CZ  . TYR A 1 127 ? -8.345  -8.084  -5.037  1.00 46.66  ? 108 TYR A CZ  1 
ATOM   799  O  OH  . TYR A 1 127 ? -9.637  -8.266  -4.620  1.00 45.61  ? 108 TYR A OH  1 
ATOM   800  N  N   . VAL A 1 128 ? -4.444  -4.253  -6.423  1.00 50.78  ? 109 VAL A N   1 
ATOM   801  C  CA  . VAL A 1 128 ? -5.092  -2.985  -6.116  1.00 50.83  ? 109 VAL A CA  1 
ATOM   802  C  C   . VAL A 1 128 ? -5.231  -2.069  -7.338  1.00 52.72  ? 109 VAL A C   1 
ATOM   803  O  O   . VAL A 1 128 ? -6.263  -1.404  -7.499  1.00 54.47  ? 109 VAL A O   1 
ATOM   804  C  CB  . VAL A 1 128 ? -4.358  -2.242  -5.018  1.00 49.03  ? 109 VAL A CB  1 
ATOM   805  C  CG1 . VAL A 1 128 ? -4.846  -0.812  -4.935  1.00 49.22  ? 109 VAL A CG1 1 
ATOM   806  C  CG2 . VAL A 1 128 ? -4.539  -2.946  -3.683  1.00 50.96  ? 109 VAL A CG2 1 
ATOM   807  N  N   . ILE A 1 129 ? -4.207  -2.026  -8.191  1.00 53.82  ? 110 ILE A N   1 
ATOM   808  C  CA  . ILE A 1 129 ? -4.252  -1.185  -9.400  1.00 53.50  ? 110 ILE A CA  1 
ATOM   809  C  C   . ILE A 1 129 ? -5.385  -1.694  -10.286 1.00 54.26  ? 110 ILE A C   1 
ATOM   810  O  O   . ILE A 1 129 ? -6.156  -0.902  -10.808 1.00 55.35  ? 110 ILE A O   1 
ATOM   811  C  CB  . ILE A 1 129 ? -2.893  -1.169  -10.175 1.00 54.66  ? 110 ILE A CB  1 
ATOM   812  C  CG1 . ILE A 1 129 ? -1.847  -0.345  -9.421  1.00 51.13  ? 110 ILE A CG1 1 
ATOM   813  C  CG2 . ILE A 1 129 ? -3.064  -0.554  -11.554 1.00 52.49  ? 110 ILE A CG2 1 
ATOM   814  C  CD1 . ILE A 1 129 ? -0.382  -0.558  -9.929  1.00 52.38  ? 110 ILE A CD1 1 
ATOM   815  N  N   . ASP A 1 130 ? -5.507  -3.013  -10.429 1.00 54.41  ? 111 ASP A N   1 
ATOM   816  C  CA  . ASP A 1 130 ? -6.599  -3.590  -11.213 1.00 53.61  ? 111 ASP A CA  1 
ATOM   817  C  C   . ASP A 1 130 ? -7.986  -3.279  -10.654 1.00 52.87  ? 111 ASP A C   1 
ATOM   818  O  O   . ASP A 1 130 ? -8.928  -3.086  -11.419 1.00 55.71  ? 111 ASP A O   1 
ATOM   819  C  CB  . ASP A 1 130 ? -6.486  -5.105  -11.299 1.00 53.04  ? 111 ASP A CB  1 
ATOM   820  C  CG  . ASP A 1 130 ? -5.475  -5.564  -12.293 1.00 60.66  ? 111 ASP A CG  1 
ATOM   821  O  OD1 . ASP A 1 130 ? -4.597  -4.767  -12.711 1.00 68.49  ? 111 ASP A OD1 1 
ATOM   822  O  OD2 . ASP A 1 130 ? -5.572  -6.755  -12.660 1.00 69.29  ? 111 ASP A OD2 1 
ATOM   823  N  N   . VAL A 1 131 ? -8.132  -3.265  -9.333  1.00 51.29  ? 112 VAL A N   1 
ATOM   824  C  CA  . VAL A 1 131 ? -9.438  -2.985  -8.739  1.00 49.45  ? 112 VAL A CA  1 
ATOM   825  C  C   . VAL A 1 131 ? -9.805  -1.522  -8.993  1.00 48.96  ? 112 VAL A C   1 
ATOM   826  O  O   . VAL A 1 131 ? -10.917 -1.234  -9.476  1.00 47.58  ? 112 VAL A O   1 
ATOM   827  C  CB  . VAL A 1 131 ? -9.472  -3.309  -7.255  1.00 48.02  ? 112 VAL A CB  1 
ATOM   828  C  CG1 . VAL A 1 131 ? -10.753 -2.801  -6.642  1.00 53.25  ? 112 VAL A CG1 1 
ATOM   829  C  CG2 . VAL A 1 131 ? -9.332  -4.806  -7.050  1.00 45.23  ? 112 VAL A CG2 1 
ATOM   830  N  N   . VAL A 1 132 ? -8.865  -0.607  -8.748  1.00 46.24  ? 113 VAL A N   1 
ATOM   831  C  CA  . VAL A 1 132 ? -9.162  0.803   -8.990  1.00 48.23  ? 113 VAL A CA  1 
ATOM   832  C  C   . VAL A 1 132 ? -9.468  1.067   -10.475 1.00 48.14  ? 113 VAL A C   1 
ATOM   833  O  O   . VAL A 1 132 ? -10.361 1.848   -10.775 1.00 47.98  ? 113 VAL A O   1 
ATOM   834  C  CB  . VAL A 1 132 ? -8.080  1.746   -8.468  1.00 47.90  ? 113 VAL A CB  1 
ATOM   835  C  CG1 . VAL A 1 132 ? -7.841  1.471   -6.990  1.00 47.06  ? 113 VAL A CG1 1 
ATOM   836  C  CG2 . VAL A 1 132 ? -6.819  1.577   -9.254  1.00 54.22  ? 113 VAL A CG2 1 
ATOM   837  N  N   . LYS A 1 133 ? -8.750  0.417   -11.393 1.00 48.72  ? 114 LYS A N   1 
ATOM   838  C  CA  . LYS A 1 133 ? -9.061  0.561   -12.817 1.00 48.96  ? 114 LYS A CA  1 
ATOM   839  C  C   . LYS A 1 133 ? -10.460 0.044   -13.067 1.00 46.44  ? 114 LYS A C   1 
ATOM   840  O  O   . LYS A 1 133 ? -11.239 0.692   -13.730 1.00 47.57  ? 114 LYS A O   1 
ATOM   841  C  CB  . LYS A 1 133 ? -8.116  -0.227  -13.739 1.00 50.34  ? 114 LYS A CB  1 
ATOM   842  C  CG  . LYS A 1 133 ? -6.767  0.393   -14.026 1.00 51.23  ? 114 LYS A CG  1 
ATOM   843  C  CD  . LYS A 1 133 ? -6.036  -0.410  -15.114 1.00 50.49  ? 114 LYS A CD  1 
ATOM   844  N  N   . ALA A 1 134 ? -10.781 -1.128  -12.536 1.00 44.76  ? 115 ALA A N   1 
ATOM   845  C  CA  . ALA A 1 134 ? -12.108 -1.705  -12.749 1.00 44.16  ? 115 ALA A CA  1 
ATOM   846  C  C   . ALA A 1 134 ? -13.219 -0.750  -12.296 1.00 45.22  ? 115 ALA A C   1 
ATOM   847  O  O   . ALA A 1 134 ? -14.302 -0.731  -12.882 1.00 44.46  ? 115 ALA A O   1 
ATOM   848  C  CB  . ALA A 1 134 ? -12.235 -3.037  -12.046 1.00 39.64  ? 115 ALA A CB  1 
ATOM   849  N  N   . ARG A 1 135 ? -12.933 0.047   -11.265 1.00 45.16  ? 116 ARG A N   1 
ATOM   850  C  CA  . ARG A 1 135 ? -13.893 1.006   -10.734 1.00 43.67  ? 116 ARG A CA  1 
ATOM   851  C  C   . ARG A 1 135 ? -14.009 2.283   -11.524 1.00 43.05  ? 116 ARG A C   1 
ATOM   852  O  O   . ARG A 1 135 ? -14.838 3.129   -11.206 1.00 45.25  ? 116 ARG A O   1 
ATOM   853  C  CB  . ARG A 1 135 ? -13.542 1.340   -9.300  1.00 43.33  ? 116 ARG A CB  1 
ATOM   854  C  CG  . ARG A 1 135 ? -13.742 0.181   -8.392  1.00 41.45  ? 116 ARG A CG  1 
ATOM   855  C  CD  . ARG A 1 135 ? -13.301 0.550   -7.026  1.00 44.65  ? 116 ARG A CD  1 
ATOM   856  N  NE  . ARG A 1 135 ? -13.612 -0.494  -6.057  1.00 46.33  ? 116 ARG A NE  1 
ATOM   857  C  CZ  . ARG A 1 135 ? -13.251 -0.440  -4.779  1.00 41.39  ? 116 ARG A CZ  1 
ATOM   858  N  NH1 . ARG A 1 135 ? -12.588 0.585   -4.308  1.00 45.75  ? 116 ARG A NH1 1 
ATOM   859  N  NH2 . ARG A 1 135 ? -13.536 -1.413  -3.957  1.00 50.11  ? 116 ARG A NH2 1 
ATOM   860  N  N   . GLY A 1 136 ? -13.201 2.435   -12.557 1.00 43.79  ? 117 GLY A N   1 
ATOM   861  C  CA  . GLY A 1 136 ? -13.263 3.622   -13.392 1.00 43.90  ? 117 GLY A CA  1 
ATOM   862  C  C   . GLY A 1 136 ? -12.322 4.721   -12.936 1.00 46.32  ? 117 GLY A C   1 
ATOM   863  O  O   . GLY A 1 136 ? -12.358 5.805   -13.505 1.00 45.93  ? 117 GLY A O   1 
ATOM   864  N  N   . ALA A 1 137 ? -11.460 4.465   -11.943 1.00 47.70  ? 118 ALA A N   1 
ATOM   865  C  CA  . ALA A 1 137 ? -10.525 5.501   -11.497 1.00 48.49  ? 118 ALA A CA  1 
ATOM   866  C  C   . ALA A 1 137 ? -9.535  5.851   -12.607 1.00 50.50  ? 118 ALA A C   1 
ATOM   867  O  O   . ALA A 1 137 ? -9.259  5.033   -13.488 1.00 50.90  ? 118 ALA A O   1 
ATOM   868  C  CB  . ALA A 1 137 ? -9.805  5.070   -10.282 1.00 48.72  ? 118 ALA A CB  1 
ATOM   869  N  N   . GLU A 1 138 ? -9.050  7.091   -12.589 1.00 52.17  ? 119 GLU A N   1 
ATOM   870  C  CA  . GLU A 1 138 ? -8.087  7.569   -13.582 1.00 53.82  ? 119 GLU A CA  1 
ATOM   871  C  C   . GLU A 1 138 ? -6.697  7.796   -12.990 1.00 55.94  ? 119 GLU A C   1 
ATOM   872  O  O   . GLU A 1 138 ? -5.680  7.660   -13.693 1.00 56.27  ? 119 GLU A O   1 
ATOM   873  C  CB  . GLU A 1 138 ? -8.579  8.866   -14.222 1.00 52.55  ? 119 GLU A CB  1 
ATOM   874  N  N   . VAL A 1 139 ? -6.650  8.134   -11.705 1.00 56.52  ? 120 VAL A N   1 
ATOM   875  C  CA  . VAL A 1 139 ? -5.398  8.439   -11.053 1.00 57.76  ? 120 VAL A CA  1 
ATOM   876  C  C   . VAL A 1 139 ? -5.267  7.710   -9.723  1.00 58.32  ? 120 VAL A C   1 
ATOM   877  O  O   . VAL A 1 139 ? -6.202  7.675   -8.931  1.00 57.26  ? 120 VAL A O   1 
ATOM   878  C  CB  . VAL A 1 139 ? -5.231  9.973   -10.855 1.00 57.30  ? 120 VAL A CB  1 
ATOM   879  C  CG1 . VAL A 1 139 ? -6.436  10.562  -10.176 1.00 60.28  ? 120 VAL A CG1 1 
ATOM   880  C  CG2 . VAL A 1 139 ? -3.977  10.282  -10.057 1.00 58.16  ? 120 VAL A CG2 1 
ATOM   881  N  N   . ILE A 1 140 ? -4.103  7.109   -9.506  1.00 59.29  ? 121 ILE A N   1 
ATOM   882  C  CA  . ILE A 1 140 ? -3.794  6.454   -8.244  1.00 62.76  ? 121 ILE A CA  1 
ATOM   883  C  C   . ILE A 1 140 ? -2.518  7.145   -7.744  1.00 61.69  ? 121 ILE A C   1 
ATOM   884  O  O   . ILE A 1 140 ? -1.572  7.334   -8.516  1.00 62.90  ? 121 ILE A O   1 
ATOM   885  C  CB  . ILE A 1 140 ? -3.710  4.898   -8.397  1.00 62.06  ? 121 ILE A CB  1 
ATOM   886  C  CG1 . ILE A 1 140 ? -3.398  4.220   -7.086  1.00 68.23  ? 121 ILE A CG1 1 
ATOM   887  C  CG2 . ILE A 1 140 ? -2.656  4.465   -9.374  1.00 68.92  ? 121 ILE A CG2 1 
ATOM   888  C  CD1 . ILE A 1 140 ? -3.470  2.687   -7.229  1.00 65.98  ? 121 ILE A CD1 1 
ATOM   889  N  N   . LEU A 1 141 ? -2.523  7.625   -6.503  1.00 60.27  ? 122 LEU A N   1 
ATOM   890  C  CA  . LEU A 1 141 ? -1.334  8.278   -5.957  1.00 59.23  ? 122 LEU A CA  1 
ATOM   891  C  C   . LEU A 1 141 ? -0.700  7.599   -4.736  1.00 58.61  ? 122 LEU A C   1 
ATOM   892  O  O   . LEU A 1 141 ? -1.248  6.647   -4.162  1.00 58.87  ? 122 LEU A O   1 
ATOM   893  C  CB  . LEU A 1 141 ? -1.509  9.796   -5.848  1.00 59.83  ? 122 LEU A CB  1 
ATOM   894  C  CG  . LEU A 1 141 ? -2.819  10.560  -5.658  1.00 61.33  ? 122 LEU A CG  1 
ATOM   895  C  CD1 . LEU A 1 141 ? -2.975  11.104  -4.267  1.00 65.56  ? 122 LEU A CD1 1 
ATOM   896  C  CD2 . LEU A 1 141 ? -2.789  11.744  -6.583  1.00 55.78  ? 122 LEU A CD2 1 
ATOM   897  N  N   . THR A 1 142 ? 0.518   8.014   -4.416  1.00 55.22  ? 123 THR A N   1 
ATOM   898  C  CA  . THR A 1 142 ? 1.243   7.415   -3.313  1.00 51.74  ? 123 THR A CA  1 
ATOM   899  C  C   . THR A 1 142 ? 2.457   8.268   -3.029  1.00 50.18  ? 123 THR A C   1 
ATOM   900  O  O   . THR A 1 142 ? 2.582   9.355   -3.572  1.00 51.08  ? 123 THR A O   1 
ATOM   901  C  CB  . THR A 1 142 ? 1.659   5.962   -3.634  1.00 52.46  ? 123 THR A CB  1 
ATOM   902  O  OG1 . THR A 1 142 ? 2.221   5.346   -2.462  1.00 53.16  ? 123 THR A OG1 1 
ATOM   903  C  CG2 . THR A 1 142 ? 2.639   5.905   -4.800  1.00 45.73  ? 123 THR A CG2 1 
ATOM   904  N  N   . ASP A 1 143 ? 3.339   7.796   -2.161  1.00 48.29  ? 124 ASP A N   1 
ATOM   905  C  CA  . ASP A 1 143 ? 4.524   8.554   -1.825  1.00 48.76  ? 124 ASP A CA  1 
ATOM   906  C  C   . ASP A 1 143 ? 5.626   7.628   -1.331  1.00 47.24  ? 124 ASP A C   1 
ATOM   907  O  O   . ASP A 1 143 ? 5.371   6.468   -0.982  1.00 46.27  ? 124 ASP A O   1 
ATOM   908  C  CB  . ASP A 1 143 ? 4.187   9.658   -0.807  1.00 50.11  ? 124 ASP A CB  1 
ATOM   909  C  CG  . ASP A 1 143 ? 3.670   9.111   0.506   1.00 50.52  ? 124 ASP A CG  1 
ATOM   910  O  OD1 . ASP A 1 143 ? 4.499   8.615   1.293   1.00 54.25  ? 124 ASP A OD1 1 
ATOM   911  O  OD2 . ASP A 1 143 ? 2.450   9.227   0.773   1.00 60.42  ? 124 ASP A OD2 1 
ATOM   912  N  N   . THR A 1 144 ? 6.848   8.153   -1.313  1.00 45.73  ? 125 THR A N   1 
ATOM   913  C  CA  . THR A 1 144 ? 8.024   7.391   -0.903  1.00 44.75  ? 125 THR A CA  1 
ATOM   914  C  C   . THR A 1 144 ? 7.799   6.592   0.375   1.00 47.55  ? 125 THR A C   1 
ATOM   915  O  O   . THR A 1 144 ? 8.240   5.441   0.489   1.00 49.07  ? 125 THR A O   1 
ATOM   916  C  CB  . THR A 1 144 ? 9.198   8.321   -0.671  1.00 42.51  ? 125 THR A CB  1 
ATOM   917  O  OG1 . THR A 1 144 ? 9.503   8.987   -1.898  1.00 40.88  ? 125 THR A OG1 1 
ATOM   918  C  CG2 . THR A 1 144 ? 10.414  7.553   -0.194  1.00 40.96  ? 125 THR A CG2 1 
ATOM   919  N  N   . PHE A 1 145 ? 7.060   7.186   1.307   1.00 47.54  ? 126 PHE A N   1 
ATOM   920  C  CA  . PHE A 1 145 ? 6.858   6.579   2.607   1.00 47.99  ? 126 PHE A CA  1 
ATOM   921  C  C   . PHE A 1 145 ? 5.944   5.391   2.618   1.00 45.94  ? 126 PHE A C   1 
ATOM   922  O  O   . PHE A 1 145 ? 5.898   4.697   3.612   1.00 46.75  ? 126 PHE A O   1 
ATOM   923  C  CB  . PHE A 1 145 ? 6.373   7.613   3.626   1.00 49.87  ? 126 PHE A CB  1 
ATOM   924  C  CG  . PHE A 1 145 ? 7.246   8.829   3.702   1.00 49.56  ? 126 PHE A CG  1 
ATOM   925  C  CD1 . PHE A 1 145 ? 8.574   8.716   4.089   1.00 50.64  ? 126 PHE A CD1 1 
ATOM   926  C  CD2 . PHE A 1 145 ? 6.741   10.087  3.391   1.00 53.45  ? 126 PHE A CD2 1 
ATOM   927  C  CE1 . PHE A 1 145 ? 9.397   9.838   4.161   1.00 52.34  ? 126 PHE A CE1 1 
ATOM   928  C  CE2 . PHE A 1 145 ? 7.551   11.214  3.466   1.00 51.96  ? 126 PHE A CE2 1 
ATOM   929  C  CZ  . PHE A 1 145 ? 8.881   11.085  3.850   1.00 51.96  ? 126 PHE A CZ  1 
ATOM   930  N  N   . ALA A 1 146 ? 5.229   5.136   1.531   1.00 47.06  ? 127 ALA A N   1 
ATOM   931  C  CA  . ALA A 1 146 ? 4.336   3.971   1.456   1.00 46.34  ? 127 ALA A CA  1 
ATOM   932  C  C   . ALA A 1 146 ? 5.115   2.658   1.362   1.00 47.39  ? 127 ALA A C   1 
ATOM   933  O  O   . ALA A 1 146 ? 4.601   1.601   1.718   1.00 48.67  ? 127 ALA A O   1 
ATOM   934  C  CB  . ALA A 1 146 ? 3.404   4.112   0.249   1.00 44.75  ? 127 ALA A CB  1 
ATOM   935  N  N   . LEU A 1 147 ? 6.355   2.716   0.875   1.00 47.46  ? 128 LEU A N   1 
ATOM   936  C  CA  . LEU A 1 147 ? 7.137   1.517   0.659   1.00 48.15  ? 128 LEU A CA  1 
ATOM   937  C  C   . LEU A 1 147 ? 8.389   1.499   1.488   1.00 47.12  ? 128 LEU A C   1 
ATOM   938  O  O   . LEU A 1 147 ? 8.845   2.521   1.933   1.00 47.55  ? 128 LEU A O   1 
ATOM   939  C  CB  . LEU A 1 147 ? 7.473   1.384   -0.829  1.00 48.82  ? 128 LEU A CB  1 
ATOM   940  C  CG  . LEU A 1 147 ? 6.352   0.755   -1.687  1.00 54.12  ? 128 LEU A CG  1 
ATOM   941  C  CD1 . LEU A 1 147 ? 5.003   1.457   -1.522  1.00 52.92  ? 128 LEU A CD1 1 
ATOM   942  C  CD2 . LEU A 1 147 ? 6.764   0.735   -3.165  1.00 50.14  ? 128 LEU A CD2 1 
ATOM   943  N  N   . ASN A 1 148 ? 8.936   0.318   1.708   1.00 48.80  ? 129 ASN A N   1 
ATOM   944  C  CA  . ASN A 1 148 ? 10.196  0.196   2.423   1.00 52.72  ? 129 ASN A CA  1 
ATOM   945  C  C   . ASN A 1 148 ? 11.268  0.764   1.498   1.00 52.80  ? 129 ASN A C   1 
ATOM   946  O  O   . ASN A 1 148 ? 11.085  0.731   0.286   1.00 53.81  ? 129 ASN A O   1 
ATOM   947  C  CB  . ASN A 1 148 ? 10.447  -1.272  2.752   1.00 54.36  ? 129 ASN A CB  1 
ATOM   948  C  CG  . ASN A 1 148 ? 9.269   -1.898  3.495   1.00 60.38  ? 129 ASN A CG  1 
ATOM   949  O  OD1 . ASN A 1 148 ? 8.714   -1.271  4.393   1.00 63.80  ? 129 ASN A OD1 1 
ATOM   950  N  ND2 . ASN A 1 148 ? 8.867   -3.117  3.103   1.00 66.11  ? 129 ASN A ND2 1 
ATOM   951  N  N   . LYS A 1 149 ? 12.340  1.334   2.042   1.00 54.72  ? 130 LYS A N   1 
ATOM   952  C  CA  . LYS A 1 149 ? 13.401  1.916   1.195   1.00 56.09  ? 130 LYS A CA  1 
ATOM   953  C  C   . LYS A 1 149 ? 13.839  0.961   0.077   1.00 56.36  ? 130 LYS A C   1 
ATOM   954  O  O   . LYS A 1 149 ? 13.768  1.327   -1.103  1.00 55.98  ? 130 LYS A O   1 
ATOM   955  C  CB  . LYS A 1 149 ? 14.621  2.405   2.009   1.00 56.04  ? 130 LYS A CB  1 
ATOM   956  C  CG  . LYS A 1 149 ? 14.481  3.810   2.586   1.00 57.87  ? 130 LYS A CG  1 
ATOM   957  N  N   . PRO A 1 150 ? 14.225  -0.281  0.433   1.00 56.28  ? 131 PRO A N   1 
ATOM   958  C  CA  . PRO A 1 150 ? 14.671  -1.230  -0.593  1.00 54.74  ? 131 PRO A CA  1 
ATOM   959  C  C   . PRO A 1 150 ? 13.612  -1.661  -1.625  1.00 53.08  ? 131 PRO A C   1 
ATOM   960  O  O   . PRO A 1 150 ? 13.974  -2.241  -2.644  1.00 55.91  ? 131 PRO A O   1 
ATOM   961  C  CB  . PRO A 1 150 ? 15.142  -2.436  0.232   1.00 56.46  ? 131 PRO A CB  1 
ATOM   962  C  CG  . PRO A 1 150 ? 15.350  -1.898  1.624   1.00 57.45  ? 131 PRO A CG  1 
ATOM   963  C  CD  . PRO A 1 150 ? 14.270  -0.898  1.773   1.00 56.79  ? 131 PRO A CD  1 
ATOM   964  N  N   . ALA A 1 151 ? 12.339  -1.383  -1.382  1.00 49.05  ? 132 ALA A N   1 
ATOM   965  C  CA  . ALA A 1 151 ? 11.280  -1.697  -2.343  1.00 49.40  ? 132 ALA A CA  1 
ATOM   966  C  C   . ALA A 1 151 ? 10.972  -0.512  -3.287  1.00 48.03  ? 132 ALA A C   1 
ATOM   967  O  O   . ALA A 1 151 ? 10.056  -0.590  -4.130  1.00 45.78  ? 132 ALA A O   1 
ATOM   968  C  CB  . ALA A 1 151 ? 10.006  -2.100  -1.598  1.00 47.40  ? 132 ALA A CB  1 
ATOM   969  N  N   . GLN A 1 152 ? 11.719  0.583   -3.154  1.00 47.16  ? 133 GLN A N   1 
ATOM   970  C  CA  . GLN A 1 152 ? 11.437  1.780   -3.958  1.00 48.70  ? 133 GLN A CA  1 
ATOM   971  C  C   . GLN A 1 152 ? 11.376  1.523   -5.472  1.00 47.22  ? 133 GLN A C   1 
ATOM   972  O  O   . GLN A 1 152 ? 10.670  2.259   -6.188  1.00 43.13  ? 133 GLN A O   1 
ATOM   973  C  CB  . GLN A 1 152 ? 12.402  2.922   -3.603  1.00 49.57  ? 133 GLN A CB  1 
ATOM   974  C  CG  . GLN A 1 152 ? 12.034  3.598   -2.263  1.00 55.76  ? 133 GLN A CG  1 
ATOM   975  N  N   . GLY A 1 153 ? 12.090  0.482   -5.939  1.00 45.11  ? 134 GLY A N   1 
ATOM   976  C  CA  . GLY A 1 153 ? 12.043  0.057   -7.334  1.00 42.99  ? 134 GLY A CA  1 
ATOM   977  C  C   . GLY A 1 153 ? 10.630  -0.189  -7.854  1.00 42.97  ? 134 GLY A C   1 
ATOM   978  O  O   . GLY A 1 153 ? 10.363  0.014   -9.035  1.00 44.28  ? 134 GLY A O   1 
ATOM   979  N  N   . LEU A 1 154 ? 9.708   -0.579  -6.979  1.00 41.92  ? 135 LEU A N   1 
ATOM   980  C  CA  . LEU A 1 154 ? 8.348   -0.843  -7.409  1.00 43.94  ? 135 LEU A CA  1 
ATOM   981  C  C   . LEU A 1 154 ? 7.640   0.384   -7.971  1.00 45.85  ? 135 LEU A C   1 
ATOM   982  O  O   . LEU A 1 154 ? 6.712   0.241   -8.778  1.00 47.07  ? 135 LEU A O   1 
ATOM   983  C  CB  . LEU A 1 154 ? 7.524   -1.438  -6.268  1.00 43.78  ? 135 LEU A CB  1 
ATOM   984  C  CG  . LEU A 1 154 ? 7.961   -2.800  -5.696  1.00 48.01  ? 135 LEU A CG  1 
ATOM   985  C  CD1 . LEU A 1 154 ? 6.922   -3.268  -4.652  1.00 40.50  ? 135 LEU A CD1 1 
ATOM   986  C  CD2 . LEU A 1 154 ? 8.122   -3.859  -6.793  1.00 37.76  ? 135 LEU A CD2 1 
ATOM   987  N  N   . PHE A 1 155 ? 8.046   1.582   -7.545  1.00 45.35  ? 136 PHE A N   1 
ATOM   988  C  CA  . PHE A 1 155 ? 7.447   2.804   -8.085  1.00 44.76  ? 136 PHE A CA  1 
ATOM   989  C  C   . PHE A 1 155 ? 7.711   2.822   -9.574  1.00 42.95  ? 136 PHE A C   1 
ATOM   990  O  O   . PHE A 1 155 ? 6.802   3.069   -10.377 1.00 44.14  ? 136 PHE A O   1 
ATOM   991  C  CB  . PHE A 1 155 ? 7.995   4.085   -7.421  1.00 44.24  ? 136 PHE A CB  1 
ATOM   992  C  CG  . PHE A 1 155 ? 7.585   4.246   -5.961  1.00 44.45  ? 136 PHE A CG  1 
ATOM   993  C  CD1 . PHE A 1 155 ? 6.251   4.263   -5.602  1.00 40.52  ? 136 PHE A CD1 1 
ATOM   994  C  CD2 . PHE A 1 155 ? 8.542   4.413   -4.964  1.00 43.40  ? 136 PHE A CD2 1 
ATOM   995  C  CE1 . PHE A 1 155 ? 5.884   4.403   -4.285  1.00 49.85  ? 136 PHE A CE1 1 
ATOM   996  C  CE2 . PHE A 1 155 ? 8.180   4.576   -3.648  1.00 42.35  ? 136 PHE A CE2 1 
ATOM   997  C  CZ  . PHE A 1 155 ? 6.862   4.563   -3.300  1.00 48.54  ? 136 PHE A CZ  1 
ATOM   998  N  N   . ALA A 1 156 ? 8.958   2.537   -9.924  1.00 39.43  ? 137 ALA A N   1 
ATOM   999  C  CA  . ALA A 1 156 ? 9.371   2.437   -11.301 1.00 41.20  ? 137 ALA A CA  1 
ATOM   1000 C  C   . ALA A 1 156 ? 8.600   1.297   -11.984 1.00 43.99  ? 137 ALA A C   1 
ATOM   1001 O  O   . ALA A 1 156 ? 7.940   1.523   -12.996 1.00 42.39  ? 137 ALA A O   1 
ATOM   1002 C  CB  . ALA A 1 156 ? 10.878  2.190   -11.381 1.00 38.01  ? 137 ALA A CB  1 
ATOM   1003 N  N   . LYS A 1 157 ? 8.638   0.098   -11.395 1.00 47.37  ? 138 LYS A N   1 
ATOM   1004 C  CA  . LYS A 1 157 ? 8.006   -1.072  -11.997 1.00 48.34  ? 138 LYS A CA  1 
ATOM   1005 C  C   . LYS A 1 157 ? 6.601   -0.760  -12.425 1.00 47.26  ? 138 LYS A C   1 
ATOM   1006 O  O   . LYS A 1 157 ? 6.212   -1.119  -13.522 1.00 45.87  ? 138 LYS A O   1 
ATOM   1007 C  CB  . LYS A 1 157 ? 7.993   -2.296  -11.062 1.00 50.01  ? 138 LYS A CB  1 
ATOM   1008 C  CG  . LYS A 1 157 ? 7.444   -3.572  -11.748 1.00 49.76  ? 138 LYS A CG  1 
ATOM   1009 C  CD  . LYS A 1 157 ? 7.661   -4.865  -10.931 1.00 49.81  ? 138 LYS A CD  1 
ATOM   1010 N  N   . PHE A 1 158 ? 5.854   -0.051  -11.586 1.00 48.34  ? 139 PHE A N   1 
ATOM   1011 C  CA  . PHE A 1 158 ? 4.452   0.229   -11.889 1.00 48.30  ? 139 PHE A CA  1 
ATOM   1012 C  C   . PHE A 1 158 ? 4.145   1.537   -12.599 1.00 47.73  ? 139 PHE A C   1 
ATOM   1013 O  O   . PHE A 1 158 ? 2.985   1.934   -12.692 1.00 47.79  ? 139 PHE A O   1 
ATOM   1014 C  CB  . PHE A 1 158 ? 3.634   0.073   -10.630 1.00 50.25  ? 139 PHE A CB  1 
ATOM   1015 C  CG  . PHE A 1 158 ? 3.595   -1.339  -10.148 1.00 57.32  ? 139 PHE A CG  1 
ATOM   1016 C  CD1 . PHE A 1 158 ? 2.730   -2.258  -10.754 1.00 60.29  ? 139 PHE A CD1 1 
ATOM   1017 C  CD2 . PHE A 1 158 ? 4.429   -1.769  -9.116  1.00 55.60  ? 139 PHE A CD2 1 
ATOM   1018 C  CE1 . PHE A 1 158 ? 2.689   -3.579  -10.331 1.00 64.93  ? 139 PHE A CE1 1 
ATOM   1019 C  CE2 . PHE A 1 158 ? 4.404   -3.075  -8.682  1.00 57.16  ? 139 PHE A CE2 1 
ATOM   1020 C  CZ  . PHE A 1 158 ? 3.533   -3.993  -9.289  1.00 62.97  ? 139 PHE A CZ  1 
ATOM   1021 N  N   . GLY A 1 159 ? 5.173   2.186   -13.134 1.00 45.66  ? 140 GLY A N   1 
ATOM   1022 C  CA  . GLY A 1 159 ? 4.973   3.385   -13.902 1.00 45.60  ? 140 GLY A CA  1 
ATOM   1023 C  C   . GLY A 1 159 ? 4.481   4.625   -13.180 1.00 47.02  ? 140 GLY A C   1 
ATOM   1024 O  O   . GLY A 1 159 ? 3.761   5.430   -13.784 1.00 47.85  ? 140 GLY A O   1 
ATOM   1025 N  N   . PHE A 1 160 ? 4.861   4.803   -11.910 1.00 47.19  ? 141 PHE A N   1 
ATOM   1026 C  CA  . PHE A 1 160 ? 4.515   6.042   -11.198 1.00 46.72  ? 141 PHE A CA  1 
ATOM   1027 C  C   . PHE A 1 160 ? 5.491   7.129   -11.558 1.00 48.80  ? 141 PHE A C   1 
ATOM   1028 O  O   . PHE A 1 160 ? 6.649   6.855   -11.912 1.00 48.29  ? 141 PHE A O   1 
ATOM   1029 C  CB  . PHE A 1 160 ? 4.508   5.860   -9.696  1.00 46.82  ? 141 PHE A CB  1 
ATOM   1030 C  CG  . PHE A 1 160 ? 3.289   5.164   -9.186  1.00 42.30  ? 141 PHE A CG  1 
ATOM   1031 C  CD1 . PHE A 1 160 ? 3.146   3.798   -9.333  1.00 49.27  ? 141 PHE A CD1 1 
ATOM   1032 C  CD2 . PHE A 1 160 ? 2.299   5.869   -8.554  1.00 38.58  ? 141 PHE A CD2 1 
ATOM   1033 C  CE1 . PHE A 1 160 ? 2.025   3.155   -8.864  1.00 51.18  ? 141 PHE A CE1 1 
ATOM   1034 C  CE2 . PHE A 1 160 ? 1.184   5.240   -8.078  1.00 36.52  ? 141 PHE A CE2 1 
ATOM   1035 C  CZ  . PHE A 1 160 ? 1.039   3.883   -8.231  1.00 48.09  ? 141 PHE A CZ  1 
ATOM   1036 N  N   . HIS A 1 161 ? 5.017   8.368   -11.460 1.00 50.55  ? 142 HIS A N   1 
ATOM   1037 C  CA  . HIS A 1 161 ? 5.815   9.548   -11.790 1.00 50.53  ? 142 HIS A CA  1 
ATOM   1038 C  C   . HIS A 1 161 ? 5.939   10.422  -10.559 1.00 51.22  ? 142 HIS A C   1 
ATOM   1039 O  O   . HIS A 1 161 ? 4.958   10.621  -9.855  1.00 51.07  ? 142 HIS A O   1 
ATOM   1040 C  CB  . HIS A 1 161 ? 5.137   10.323  -12.921 1.00 50.12  ? 142 HIS A CB  1 
ATOM   1041 C  CG  . HIS A 1 161 ? 5.125   9.584   -14.222 1.00 53.59  ? 142 HIS A CG  1 
ATOM   1042 N  ND1 . HIS A 1 161 ? 4.235   8.568   -14.494 1.00 59.43  ? 142 HIS A ND1 1 
ATOM   1043 C  CD2 . HIS A 1 161 ? 5.908   9.700   -15.320 1.00 55.16  ? 142 HIS A CD2 1 
ATOM   1044 C  CE1 . HIS A 1 161 ? 4.467   8.092   -15.705 1.00 56.86  ? 142 HIS A CE1 1 
ATOM   1045 N  NE2 . HIS A 1 161 ? 5.477   8.761   -16.228 1.00 54.38  ? 142 HIS A NE2 1 
ATOM   1046 N  N   . LYS A 1 162 ? 7.146   10.905  -10.292 1.00 53.09  ? 143 LYS A N   1 
ATOM   1047 C  CA  . LYS A 1 162 ? 7.414   11.792  -9.164  1.00 55.70  ? 143 LYS A CA  1 
ATOM   1048 C  C   . LYS A 1 162 ? 6.822   13.174  -9.369  1.00 58.56  ? 143 LYS A C   1 
ATOM   1049 O  O   . LYS A 1 162 ? 6.632   13.606  -10.504 1.00 59.79  ? 143 LYS A O   1 
ATOM   1050 C  CB  . LYS A 1 162 ? 8.915   12.018  -9.011  1.00 56.38  ? 143 LYS A CB  1 
ATOM   1051 C  CG  . LYS A 1 162 ? 9.698   10.810  -8.636  1.00 58.81  ? 143 LYS A CG  1 
ATOM   1052 C  CD  . LYS A 1 162 ? 11.177  11.144  -8.531  1.00 53.62  ? 143 LYS A CD  1 
ATOM   1053 C  CE  . LYS A 1 162 ? 11.911  9.941   -8.012  1.00 55.65  ? 143 LYS A CE  1 
ATOM   1054 N  NZ  . LYS A 1 162 ? 11.730  8.780   -8.935  1.00 54.93  ? 143 LYS A NZ  1 
ATOM   1055 N  N   . VAL A 1 163 ? 6.584   13.877  -8.263  1.00 60.75  ? 144 VAL A N   1 
ATOM   1056 C  CA  . VAL A 1 163 ? 6.103   15.266  -8.291  1.00 61.89  ? 144 VAL A CA  1 
ATOM   1057 C  C   . VAL A 1 163 ? 6.773   16.052  -7.170  1.00 62.64  ? 144 VAL A C   1 
ATOM   1058 O  O   . VAL A 1 163 ? 7.164   15.470  -6.152  1.00 63.76  ? 144 VAL A O   1 
ATOM   1059 C  CB  . VAL A 1 163 ? 4.577   15.351  -8.135  1.00 62.28  ? 144 VAL A CB  1 
ATOM   1060 C  CG1 . VAL A 1 163 ? 3.891   14.750  -9.341  1.00 63.17  ? 144 VAL A CG1 1 
ATOM   1061 C  CG2 . VAL A 1 163 ? 4.119   14.642  -6.862  1.00 64.63  ? 144 VAL A CG2 1 
ATOM   1062 N  N   . PRO A 1 178 ? 15.363  12.884  1.126   1.00 61.29  ? 159 PRO A N   1 
ATOM   1063 C  CA  . PRO A 1 178 ? 14.657  13.122  -0.123  1.00 59.77  ? 159 PRO A CA  1 
ATOM   1064 C  C   . PRO A 1 178 ? 13.458  12.210  -0.232  1.00 56.83  ? 159 PRO A C   1 
ATOM   1065 O  O   . PRO A 1 178 ? 13.616  10.993  -0.258  1.00 56.56  ? 159 PRO A O   1 
ATOM   1066 C  CB  . PRO A 1 178 ? 15.693  12.747  -1.184  1.00 60.57  ? 159 PRO A CB  1 
ATOM   1067 C  CG  . PRO A 1 178 ? 16.533  11.673  -0.521  1.00 63.85  ? 159 PRO A CG  1 
ATOM   1068 C  CD  . PRO A 1 178 ? 16.328  11.780  0.991   1.00 62.72  ? 159 PRO A CD  1 
ATOM   1069 N  N   . PHE A 1 179 ? 12.272  12.801  -0.288  1.00 54.26  ? 160 PHE A N   1 
ATOM   1070 C  CA  . PHE A 1 179 ? 11.028  12.053  -0.383  1.00 51.74  ? 160 PHE A CA  1 
ATOM   1071 C  C   . PHE A 1 179 ? 10.228  12.611  -1.542  1.00 47.59  ? 160 PHE A C   1 
ATOM   1072 O  O   . PHE A 1 179 ? 10.369  13.775  -1.900  1.00 44.16  ? 160 PHE A O   1 
ATOM   1073 C  CB  . PHE A 1 179 ? 10.234  12.145  0.930   1.00 54.29  ? 160 PHE A CB  1 
ATOM   1074 C  CG  . PHE A 1 179 ? 9.685   13.516  1.225   1.00 53.91  ? 160 PHE A CG  1 
ATOM   1075 C  CD1 . PHE A 1 179 ? 10.501  14.511  1.743   1.00 59.71  ? 160 PHE A CD1 1 
ATOM   1076 C  CD2 . PHE A 1 179 ? 8.344   13.801  1.008   1.00 59.69  ? 160 PHE A CD2 1 
ATOM   1077 C  CE1 . PHE A 1 179 ? 10.003  15.781  2.019   1.00 61.50  ? 160 PHE A CE1 1 
ATOM   1078 C  CE2 . PHE A 1 179 ? 7.833   15.069  1.288   1.00 62.77  ? 160 PHE A CE2 1 
ATOM   1079 C  CZ  . PHE A 1 179 ? 8.667   16.060  1.795   1.00 61.77  ? 160 PHE A CZ  1 
ATOM   1080 N  N   . TYR A 1 180 ? 9.383   11.775  -2.129  1.00 44.90  ? 161 TYR A N   1 
ATOM   1081 C  CA  . TYR A 1 180 ? 8.600   12.194  -3.274  1.00 43.29  ? 161 TYR A CA  1 
ATOM   1082 C  C   . TYR A 1 180 ? 7.175   11.704  -3.169  1.00 42.91  ? 161 TYR A C   1 
ATOM   1083 O  O   . TYR A 1 180 ? 6.879   10.706  -2.505  1.00 44.16  ? 161 TYR A O   1 
ATOM   1084 C  CB  . TYR A 1 180 ? 9.200   11.637  -4.582  1.00 42.06  ? 161 TYR A CB  1 
ATOM   1085 C  CG  . TYR A 1 180 ? 10.689  11.870  -4.758  1.00 40.06  ? 161 TYR A CG  1 
ATOM   1086 C  CD1 . TYR A 1 180 ? 11.173  13.063  -5.266  1.00 31.73  ? 161 TYR A CD1 1 
ATOM   1087 C  CD2 . TYR A 1 180 ? 11.611  10.878  -4.420  1.00 39.07  ? 161 TYR A CD2 1 
ATOM   1088 C  CE1 . TYR A 1 180 ? 12.526  13.269  -5.416  1.00 31.85  ? 161 TYR A CE1 1 
ATOM   1089 C  CE2 . TYR A 1 180 ? 12.968  11.080  -4.562  1.00 33.06  ? 161 TYR A CE2 1 
ATOM   1090 C  CZ  . TYR A 1 180 ? 13.421  12.269  -5.060  1.00 32.71  ? 161 TYR A CZ  1 
ATOM   1091 O  OH  . TYR A 1 180 ? 14.777  12.464  -5.220  1.00 41.45  ? 161 TYR A OH  1 
ATOM   1092 N  N   . ALA A 1 181 ? 6.299   12.431  -3.846  1.00 43.13  ? 162 ALA A N   1 
ATOM   1093 C  CA  . ALA A 1 181 ? 4.919   12.048  -3.994  1.00 43.25  ? 162 ALA A CA  1 
ATOM   1094 C  C   . ALA A 1 181 ? 4.904   11.524  -5.404  1.00 43.31  ? 162 ALA A C   1 
ATOM   1095 O  O   . ALA A 1 181 ? 5.672   11.988  -6.247  1.00 41.85  ? 162 ALA A O   1 
ATOM   1096 C  CB  . ALA A 1 181 ? 4.014   13.234  -3.864  1.00 44.05  ? 162 ALA A CB  1 
ATOM   1097 N  N   . TYR A 1 182 ? 4.035   10.559  -5.655  1.00 45.25  ? 163 TYR A N   1 
ATOM   1098 C  CA  . TYR A 1 182 ? 3.920   9.943   -6.960  1.00 45.80  ? 163 TYR A CA  1 
ATOM   1099 C  C   . TYR A 1 182 ? 2.470   9.859   -7.426  1.00 46.99  ? 163 TYR A C   1 
ATOM   1100 O  O   . TYR A 1 182 ? 1.541   9.772   -6.607  1.00 44.27  ? 163 TYR A O   1 
ATOM   1101 C  CB  . TYR A 1 182 ? 4.391   8.498   -6.880  1.00 46.08  ? 163 TYR A CB  1 
ATOM   1102 C  CG  . TYR A 1 182 ? 5.861   8.261   -6.681  1.00 45.22  ? 163 TYR A CG  1 
ATOM   1103 C  CD1 . TYR A 1 182 ? 6.408   8.179   -5.405  1.00 43.72  ? 163 TYR A CD1 1 
ATOM   1104 C  CD2 . TYR A 1 182 ? 6.689   8.027   -7.765  1.00 42.58  ? 163 TYR A CD2 1 
ATOM   1105 C  CE1 . TYR A 1 182 ? 7.745   7.918   -5.222  1.00 45.49  ? 163 TYR A CE1 1 
ATOM   1106 C  CE2 . TYR A 1 182 ? 8.038   7.773   -7.593  1.00 47.24  ? 163 TYR A CE2 1 
ATOM   1107 C  CZ  . TYR A 1 182 ? 8.557   7.715   -6.322  1.00 46.39  ? 163 TYR A CZ  1 
ATOM   1108 O  OH  . TYR A 1 182 ? 9.890   7.455   -6.158  1.00 46.90  ? 163 TYR A OH  1 
ATOM   1109 N  N   . TYR A 1 183 ? 2.288   9.857   -8.746  1.00 47.97  ? 164 TYR A N   1 
ATOM   1110 C  CA  . TYR A 1 183 ? 0.981   9.618   -9.327  1.00 49.23  ? 164 TYR A CA  1 
ATOM   1111 C  C   . TYR A 1 183 ? 1.138   8.651   -10.477 1.00 49.72  ? 164 TYR A C   1 
ATOM   1112 O  O   . TYR A 1 183 ? 2.209   8.522   -11.061 1.00 50.33  ? 164 TYR A O   1 
ATOM   1113 C  CB  . TYR A 1 183 ? 0.324   10.910  -9.834  1.00 50.62  ? 164 TYR A CB  1 
ATOM   1114 C  CG  . TYR A 1 183 ? 0.987   11.491  -11.056 1.00 49.72  ? 164 TYR A CG  1 
ATOM   1115 C  CD1 . TYR A 1 183 ? 0.629   11.075  -12.335 1.00 50.74  ? 164 TYR A CD1 1 
ATOM   1116 C  CD2 . TYR A 1 183 ? 1.971   12.444  -10.933 1.00 48.47  ? 164 TYR A CD2 1 
ATOM   1117 C  CE1 . TYR A 1 183 ? 1.249   11.595  -13.455 1.00 50.54  ? 164 TYR A CE1 1 
ATOM   1118 C  CE2 . TYR A 1 183 ? 2.599   12.971  -12.045 1.00 51.24  ? 164 TYR A CE2 1 
ATOM   1119 C  CZ  . TYR A 1 183 ? 2.233   12.545  -13.305 1.00 50.62  ? 164 TYR A CZ  1 
ATOM   1120 O  OH  . TYR A 1 183 ? 2.859   13.076  -14.412 1.00 54.81  ? 164 TYR A OH  1 
ATOM   1121 N  N   . LYS A 1 184 ? 0.047   7.970   -10.787 1.00 53.51  ? 165 LYS A N   1 
ATOM   1122 C  CA  . LYS A 1 184 ? -0.028  7.083   -11.936 1.00 55.92  ? 165 LYS A CA  1 
ATOM   1123 C  C   . LYS A 1 184 ? -1.328  7.393   -12.653 1.00 57.23  ? 165 LYS A C   1 
ATOM   1124 O  O   . LYS A 1 184 ? -2.392  7.402   -12.028 1.00 58.25  ? 165 LYS A O   1 
ATOM   1125 C  CB  . LYS A 1 184 ? -0.022  5.606   -11.545 1.00 55.87  ? 165 LYS A CB  1 
ATOM   1126 C  CG  . LYS A 1 184 ? -0.146  4.716   -12.770 1.00 56.28  ? 165 LYS A CG  1 
ATOM   1127 C  CD  . LYS A 1 184 ? -0.036  3.230   -12.509 1.00 57.75  ? 165 LYS A CD  1 
ATOM   1128 C  CE  . LYS A 1 184 ? 0.200   2.513   -13.853 1.00 61.19  ? 165 LYS A CE  1 
ATOM   1129 N  NZ  . LYS A 1 184 ? 0.417   1.045   -13.703 1.00 69.97  ? 165 LYS A NZ  1 
ATOM   1130 N  N   . ASN A 1 185 ? -1.228  7.673   -13.950 1.00 59.01  ? 166 ASN A N   1 
ATOM   1131 C  CA  . ASN A 1 185 ? -2.388  7.902   -14.788 1.00 59.59  ? 166 ASN A CA  1 
ATOM   1132 C  C   . ASN A 1 185 ? -2.793  6.525   -15.293 1.00 60.36  ? 166 ASN A C   1 
ATOM   1133 O  O   . ASN A 1 185 ? -2.036  5.881   -16.023 1.00 59.07  ? 166 ASN A O   1 
ATOM   1134 C  CB  . ASN A 1 185 ? -2.038  8.828   -15.956 1.00 59.83  ? 166 ASN A CB  1 
ATOM   1135 C  CG  . ASN A 1 185 ? -3.249  9.210   -16.803 1.00 63.44  ? 166 ASN A CG  1 
ATOM   1136 O  OD1 . ASN A 1 185 ? -4.392  9.105   -16.361 1.00 75.11  ? 166 ASN A OD1 1 
ATOM   1137 N  ND2 . ASN A 1 185 ? -2.995  9.676   -18.019 1.00 58.49  ? 166 ASN A ND2 1 
ATOM   1138 N  N   . LEU A 1 186 ? -3.983  6.070   -14.901 1.00 61.55  ? 167 LEU A N   1 
ATOM   1139 C  CA  . LEU A 1 186 ? -4.488  4.760   -15.311 1.00 63.05  ? 167 LEU A CA  1 
ATOM   1140 C  C   . LEU A 1 186 ? -5.124  4.745   -16.722 1.00 63.99  ? 167 LEU A C   1 
ATOM   1141 O  O   . LEU A 1 186 ? -6.012  3.941   -16.980 1.00 65.25  ? 167 LEU A O   1 
ATOM   1142 C  CB  . LEU A 1 186 ? -5.502  4.259   -14.267 1.00 62.77  ? 167 LEU A CB  1 
ATOM   1143 C  CG  . LEU A 1 186 ? -5.027  4.109   -12.809 1.00 59.25  ? 167 LEU A CG  1 
ATOM   1144 C  CD1 . LEU A 1 186 ? -6.167  3.710   -11.911 1.00 52.65  ? 167 LEU A CD1 1 
ATOM   1145 C  CD2 . LEU A 1 186 ? -3.907  3.086   -12.702 1.00 60.04  ? 167 LEU A CD2 1 
ATOM   1146 N  N   . LYS A 1 187 ? -4.671  5.604   -17.637 1.00 64.72  ? 168 LYS A N   1 
ATOM   1147 C  CA  . LYS A 1 187 ? -5.237  5.642   -18.986 1.00 66.94  ? 168 LYS A CA  1 
ATOM   1148 C  C   . LYS A 1 187 ? -4.254  6.235   -19.991 1.00 66.61  ? 168 LYS A C   1 
ATOM   1149 O  O   . LYS A 1 187 ? -3.096  5.822   -20.047 1.00 67.08  ? 168 LYS A O   1 
ATOM   1150 C  CB  . LYS A 1 187 ? -6.549  6.434   -18.986 1.00 68.41  ? 168 LYS A CB  1 
ATOM   1151 C  CG  . LYS A 1 187 ? -6.395  7.907   -18.625 1.00 70.97  ? 168 LYS A CG  1 
ATOM   1152 C  CD  . LYS A 1 187 ? -7.741  8.582   -18.363 1.00 70.56  ? 168 LYS A CD  1 
ATOM   1153 C  CE  . LYS A 1 187 ? -7.575  10.095  -18.177 1.00 75.00  ? 168 LYS A CE  1 
ATOM   1154 N  NZ  . LYS A 1 187 ? -6.658  10.456  -17.048 1.00 77.81  ? 168 LYS A NZ  1 
HETATM 1155 O  O1  . UNL B 2 .   ? 7.421   -2.210  0.661   1.00 47.98  ? 170 UNL A O1  1 
HETATM 1156 O  O2  . UNL B 2 .   ? 8.704   -5.028  0.432   1.00 37.89  ? 170 UNL A O2  1 
HETATM 1157 O  O3  . UNL B 2 .   ? 10.897  -5.967  -4.125  1.00 86.27  ? 170 UNL A O3  1 
HETATM 1158 O  O4  . UNL B 2 .   ? 9.880   -5.942  -1.936  1.00 74.59  ? 170 UNL A O4  1 
HETATM 1159 O  O22 . P33 C 3 .   ? -14.194 6.463   -8.361  0.50 56.28  ? 171 P33 A O22 1 
HETATM 1160 C  C21 . P33 C 3 .   ? -15.420 5.986   -7.814  0.50 53.11  ? 171 P33 A C21 1 
HETATM 1161 C  C20 . P33 C 3 .   ? -15.160 4.644   -7.167  0.50 52.11  ? 171 P33 A C20 1 
HETATM 1162 O  O19 . P33 C 3 .   ? -14.953 4.870   -5.774  0.50 57.50  ? 171 P33 A O19 1 
HETATM 1163 C  C18 . P33 C 3 .   ? -15.570 3.909   -4.917  0.50 56.80  ? 171 P33 A C18 1 
HETATM 1164 C  C17 . P33 C 3 .   ? -14.705 3.647   -3.688  0.50 57.24  ? 171 P33 A C17 1 
HETATM 1165 O  O16 . P33 C 3 .   ? -15.520 3.541   -2.514  0.50 58.02  ? 171 P33 A O16 1 
HETATM 1166 C  C15 . P33 C 3 .   ? -16.408 2.421   -2.502  0.50 55.90  ? 171 P33 A C15 1 
HETATM 1167 C  C14 . P33 C 3 .   ? -15.733 1.201   -1.900  0.50 53.48  ? 171 P33 A C14 1 
HETATM 1168 O  O13 . P33 C 3 .   ? -16.683 0.561   -1.038  0.50 55.41  ? 171 P33 A O13 1 
HETATM 1169 C  C12 . P33 C 3 .   ? -17.213 -0.692  -1.470  0.50 53.67  ? 171 P33 A C12 1 
HETATM 1170 C  C11 . P33 C 3 .   ? -17.369 -1.610  -0.261  0.50 50.15  ? 171 P33 A C11 1 
HETATM 1171 O  O10 . P33 C 3 .   ? -16.103 -1.851  0.360   0.50 49.65  ? 171 P33 A O10 1 
HETATM 1172 C  C9  . P33 C 3 .   ? -15.276 -2.832  -0.261  0.50 42.76  ? 171 P33 A C9  1 
HETATM 1173 C  C8  . P33 C 3 .   ? -14.082 -3.100  0.659   0.50 43.10  ? 171 P33 A C8  1 
HETATM 1174 O  O7  . P33 C 3 .   ? -12.758 -2.918  0.134   0.50 45.32  ? 171 P33 A O7  1 
HETATM 1175 C  C6  . P33 C 3 .   ? -12.511 -1.974  -0.901  0.50 38.35  ? 171 P33 A C6  1 
HETATM 1176 C  C5  . P33 C 3 .   ? -11.071 -1.473  -0.838  0.50 42.48  ? 171 P33 A C5  1 
HETATM 1177 O  O4  . P33 C 3 .   ? -10.962 -0.175  -1.435  0.50 45.80  ? 171 P33 A O4  1 
HETATM 1178 C  C3  . P33 C 3 .   ? -11.112 0.847   -0.448  0.50 53.44  ? 171 P33 A C3  1 
HETATM 1179 C  C2  . P33 C 3 .   ? -11.300 2.180   -1.150  0.50 55.21  ? 171 P33 A C2  1 
HETATM 1180 O  O1  . P33 C 3 .   ? -11.690 3.173   -0.209  0.50 61.82  ? 171 P33 A O1  1 
HETATM 1181 O  O   . HOH D 4 .   ? -1.845  2.709   7.610   1.00 71.08  ? 172 HOH A O   1 
HETATM 1182 O  O   . HOH D 4 .   ? -11.894 -10.593 1.687   0.50 34.29  ? 173 HOH A O   1 
HETATM 1183 O  O   . HOH D 4 .   ? -7.075  4.682   9.177   1.00 78.93  ? 174 HOH A O   1 
HETATM 1184 O  O   . HOH D 4 .   ? -7.151  -17.280 6.403   1.00 74.66  ? 175 HOH A O   1 
HETATM 1185 O  O   . HOH D 4 .   ? -14.172 -4.765  8.798   1.00 54.10  ? 176 HOH A O   1 
HETATM 1186 O  O   . HOH D 4 .   ? -11.626 7.087   5.821   1.00 78.62  ? 177 HOH A O   1 
HETATM 1187 O  O   . HOH D 4 .   ? -6.310  13.796  -14.699 1.00 76.96  ? 178 HOH A O   1 
HETATM 1188 O  O   . HOH D 4 .   ? -9.241  -4.652  5.820   1.00 42.66  ? 179 HOH A O   1 
HETATM 1189 O  O   . HOH D 4 .   ? -11.357 -11.178 4.163   1.00 46.38  ? 180 HOH A O   1 
HETATM 1190 O  O   . HOH D 4 .   ? -4.211  -10.951 15.276  1.00 55.29  ? 181 HOH A O   1 
HETATM 1191 O  O   . HOH D 4 .   ? -11.642 6.612   1.284   1.00 67.19  ? 182 HOH A O   1 
HETATM 1192 O  O   . HOH D 4 .   ? 9.724   -13.126 -3.558  1.00 99.94  ? 183 HOH A O   1 
HETATM 1193 O  O   . HOH D 4 .   ? -9.193  8.916   -10.326 1.00 76.17  ? 184 HOH A O   1 
HETATM 1194 O  O   . HOH D 4 .   ? -0.356  9.002   2.724   1.00 85.38  ? 185 HOH A O   1 
HETATM 1195 O  O   . HOH D 4 .   ? 9.399   8.723   -11.534 1.00 72.70  ? 186 HOH A O   1 
HETATM 1196 O  O   . HOH D 4 .   ? -11.715 8.223   8.339   1.00 79.58  ? 187 HOH A O   1 
HETATM 1197 O  O   . HOH D 4 .   ? -5.104  -20.314 1.986   1.00 78.02  ? 188 HOH A O   1 
HETATM 1198 O  O   . HOH D 4 .   ? -6.737  -20.471 4.159   1.00 74.90  ? 189 HOH A O   1 
HETATM 1199 O  O   . HOH D 4 .   ? -11.235 -11.034 12.886  1.00 64.37  ? 190 HOH A O   1 
HETATM 1200 O  O   . HOH D 4 .   ? -12.120 -8.585  11.646  1.00 62.02  ? 191 HOH A O   1 
HETATM 1201 O  O   . HOH D 4 .   ? 7.761   -13.437 7.254   1.00 76.35  ? 192 HOH A O   1 
# 
